data_3FQF
# 
_entry.id   3FQF 
# 
_audit_conform.dict_name       mmcif_pdbx.dic 
_audit_conform.dict_version    5.389 
_audit_conform.dict_location   http://mmcif.pdb.org/dictionaries/ascii/mmcif_pdbx.dic 
# 
loop_
_database_2.database_id 
_database_2.database_code 
_database_2.pdbx_database_accession 
_database_2.pdbx_DOI 
PDB   3FQF         pdb_00003fqf 10.2210/pdb3fqf/pdb 
RCSB  RCSB050913   ?            ?                   
WWPDB D_1000050913 ?            ?                   
# 
loop_
_pdbx_audit_revision_history.ordinal 
_pdbx_audit_revision_history.data_content_type 
_pdbx_audit_revision_history.major_revision 
_pdbx_audit_revision_history.minor_revision 
_pdbx_audit_revision_history.revision_date 
1 'Structure model' 1 0 2009-03-24 
2 'Structure model' 1 1 2011-07-13 
3 'Structure model' 1 2 2013-11-27 
4 'Structure model' 1 3 2017-11-01 
5 'Structure model' 1 4 2021-10-20 
6 'Structure model' 1 5 2024-02-21 
7 'Structure model' 1 6 2024-04-03 
# 
_pdbx_audit_revision_details.ordinal             1 
_pdbx_audit_revision_details.revision_ordinal    1 
_pdbx_audit_revision_details.data_content_type   'Structure model' 
_pdbx_audit_revision_details.provider            repository 
_pdbx_audit_revision_details.type                'Initial release' 
_pdbx_audit_revision_details.description         ? 
_pdbx_audit_revision_details.details             ? 
# 
loop_
_pdbx_audit_revision_group.ordinal 
_pdbx_audit_revision_group.revision_ordinal 
_pdbx_audit_revision_group.data_content_type 
_pdbx_audit_revision_group.group 
1 2 'Structure model' 'Version format compliance' 
2 3 'Structure model' 'Non-polymer description'   
3 4 'Structure model' 'Refinement description'    
4 5 'Structure model' 'Database references'       
5 5 'Structure model' 'Derived calculations'      
6 6 'Structure model' 'Data collection'           
7 7 'Structure model' 'Refinement description'    
# 
loop_
_pdbx_audit_revision_category.ordinal 
_pdbx_audit_revision_category.revision_ordinal 
_pdbx_audit_revision_category.data_content_type 
_pdbx_audit_revision_category.category 
1 4 'Structure model' software                      
2 5 'Structure model' database_2                    
3 5 'Structure model' struct_ref_seq_dif            
4 5 'Structure model' struct_site                   
5 6 'Structure model' chem_comp_atom                
6 6 'Structure model' chem_comp_bond                
7 7 'Structure model' pdbx_initial_refinement_model 
# 
loop_
_pdbx_audit_revision_item.ordinal 
_pdbx_audit_revision_item.revision_ordinal 
_pdbx_audit_revision_item.data_content_type 
_pdbx_audit_revision_item.item 
1 5 'Structure model' '_database_2.pdbx_DOI'                
2 5 'Structure model' '_database_2.pdbx_database_accession' 
3 5 'Structure model' '_struct_ref_seq_dif.details'         
4 5 'Structure model' '_struct_site.pdbx_auth_asym_id'      
5 5 'Structure model' '_struct_site.pdbx_auth_comp_id'      
6 5 'Structure model' '_struct_site.pdbx_auth_seq_id'       
# 
_pdbx_database_status.entry_id                        3FQF 
_pdbx_database_status.deposit_site                    RCSB 
_pdbx_database_status.process_site                    RCSB 
_pdbx_database_status.recvd_initial_deposition_date   2009-01-07 
_pdbx_database_status.status_code                     REL 
_pdbx_database_status.status_code_sf                  REL 
_pdbx_database_status.status_code_mr                  ? 
_pdbx_database_status.SG_entry                        ? 
_pdbx_database_status.status_code_cs                  ? 
_pdbx_database_status.methods_development_category    ? 
_pdbx_database_status.pdb_format_compatible           Y 
_pdbx_database_status.status_code_nmr_data            ? 
# 
loop_
_pdbx_database_related.db_name 
_pdbx_database_related.db_id 
_pdbx_database_related.details 
_pdbx_database_related.content_type 
PDB 3F0B 
;Staphylococcus aureus dihydrofolate reductase complexed with NADPH and 2,4-Diamino-5-[3-(3-methoxy-5-phenylphenyl)but-1-ynyl]-6-methylpyrimidine
;
unspecified 
PDB 3F0U 
;Staphylococcus aureus F98Y mutant dihydrofolate reductase complexed with NADPH and 2,4-Diamino-5-[3-(3-methoxy-5-phenylphenyl)but-1-ynyl]-6-methylpyrimidine
;
unspecified 
PDB 3F0Q 
;Staphylococcus aureus dihydrofolate reductase complexed with NADPH and 2,4-Diamino-5-[3-(3-methoxy-5-(2,6-dimethylphenyl)phenyl)but-1-ynyl]-6-methylpyrimidine
;
unspecified 
PDB 3F0V 
;Staphylococcus aureus F98Y mutant dihydrofolate reductase complexed with NADPH and 2,4-Diamino-5-[3-(3-methoxy-5-(2,6-dimethylphenyl)phenyl)but-1-ynyl]-6-methylpyrimidine
;
unspecified 
PDB 3F0S 
;Staphylococcus aureus dihydrofolate reductase complexed with NADPH and 2,4-Diamino-5-[3-(3-methoxy-5-(3,5-dimethylphenyl)phenyl)but-1-ynyl]-6-methylpyrimidine
;
unspecified 
PDB 3F0X 
;Staphylococcus aureus F98Y mutant dihydrofolate reductase complexed with NADPH and 2,4-Diamino-5-[3-(3-methoxy-5-(3,5-dimethylphenyl)phenyl)but-1-ynyl]-6-methylpyrimidine
;
unspecified 
PDB 3FQ0 
;Staphylococcus aureus dihydrofolate reductase complexed with NADPH and 2,4-diamino-5-(3-(2,5-dimethoxyphenyl)prop-1-ynyl)-6-ethylpyrimidine (UCP120B)
;
unspecified 
PDB 3FQC 
;Staphylococcus aureus dihydrofolate reductase complexed with NADPH and 2,4-diamino-5-[3-(3,4,5-trimethoxyphenyl)pent-1-ynyl]-6-methylpyrimidine (UCP115A)
;
unspecified 
PDB 3FQO 
;Staphylococcus aureus F98Y mutant dihydrofolate reductase complexed with NADPH and 2,4-diamino-5-[3-(2,5-dimethoxyphenyl)prop-1-ynyl]-6-ethylpyrimidine (UCP120B)
;
unspecified 
PDB 3FQV 
;Staphylococcus aureus F98Y mutant dihydrofolate reductase complexed with NADPH and 2,4-diamino-5-[3-(3-methoxy-4-phenylphenyl)but-1-ynyl]-6-methylpyrimidine
;
unspecified 
PDB 3FQZ 
;Staphylococcus aureus dihydrofolate reductase complexed with NADPH and 2,4-diamino-5-[3-(3-methoxy-4-phenylphenyl)but-1-ynyl]-6-methylpyrimidine
;
unspecified 
# 
loop_
_audit_author.name 
_audit_author.pdbx_ordinal 
'Anderson, A.C.' 1 
'Frey, K.M.'     2 
'Liu, J.'        3 
'Lombardo, M.N.' 4 
# 
_citation.id                        primary 
_citation.title                     
;Crystal structures of wild-type and mutant methicillin-resistant Staphylococcus aureus dihydrofolate reductase reveal an alternate conformation of NADPH that may be linked to trimethoprim resistance.
;
_citation.journal_abbrev            J.Mol.Biol. 
_citation.journal_volume            387 
_citation.page_first                1298 
_citation.page_last                 1308 
_citation.year                      2009 
_citation.journal_id_ASTM           JMOBAK 
_citation.country                   UK 
_citation.journal_id_ISSN           0022-2836 
_citation.journal_id_CSD            0070 
_citation.book_publisher            ? 
_citation.pdbx_database_id_PubMed   19249312 
_citation.pdbx_database_id_DOI      10.1016/j.jmb.2009.02.045 
# 
loop_
_citation_author.citation_id 
_citation_author.name 
_citation_author.ordinal 
_citation_author.identifier_ORCID 
primary 'Frey, K.M.'     1 ? 
primary 'Liu, J.'        2 ? 
primary 'Lombardo, M.N.' 3 ? 
primary 'Bolstad, D.B.'  4 ? 
primary 'Wright, D.L.'   5 ? 
primary 'Anderson, A.C.' 6 ? 
# 
loop_
_entity.id 
_entity.type 
_entity.src_method 
_entity.pdbx_description 
_entity.formula_weight 
_entity.pdbx_number_of_molecules 
_entity.pdbx_ec 
_entity.pdbx_mutation 
_entity.pdbx_fragment 
_entity.details 
1 polymer     man 'Trimethoprim-sensitive dihydrofolate reductase'                                      18031.557 1   1.5.1.3 F98Y 
? ? 
2 non-polymer syn '6-methyl-5-[3-methyl-3-(3,4,5-trimethoxyphenyl)but-1-yn-1-yl]pyrimidine-2,4-diamine' 356.419   1   ?       ?    
? ? 
3 non-polymer syn 'NADPH DIHYDRO-NICOTINAMIDE-ADENINE-DINUCLEOTIDE PHOSPHATE'                           745.421   1   ?       ?    
? ? 
4 water       nat water                                                                                 18.015    184 ?       ?    
? ? 
# 
_entity_poly.entity_id                      1 
_entity_poly.type                           'polypeptide(L)' 
_entity_poly.nstd_linkage                   no 
_entity_poly.nstd_monomer                   no 
_entity_poly.pdbx_seq_one_letter_code       
;TLSILVAHDLQRVIGFENQLPWHLPNDLKHVKKLSTGHTLVMGRKTFESIGKPLPNRRNVVLTSDTSFNVEGVDVIHSIE
DIYQLPGHVFIFGGQTLYEEMIDKVDDMYITVIEGKFRGDTFFPPYTFEDWEVASSVEGKLDEKNTIPHTFLHLIRK
;
_entity_poly.pdbx_seq_one_letter_code_can   
;TLSILVAHDLQRVIGFENQLPWHLPNDLKHVKKLSTGHTLVMGRKTFESIGKPLPNRRNVVLTSDTSFNVEGVDVIHSIE
DIYQLPGHVFIFGGQTLYEEMIDKVDDMYITVIEGKFRGDTFFPPYTFEDWEVASSVEGKLDEKNTIPHTFLHLIRK
;
_entity_poly.pdbx_strand_id                 A 
_entity_poly.pdbx_target_identifier         ? 
# 
loop_
_pdbx_entity_nonpoly.entity_id 
_pdbx_entity_nonpoly.name 
_pdbx_entity_nonpoly.comp_id 
2 '6-methyl-5-[3-methyl-3-(3,4,5-trimethoxyphenyl)but-1-yn-1-yl]pyrimidine-2,4-diamine' 55V 
3 'NADPH DIHYDRO-NICOTINAMIDE-ADENINE-DINUCLEOTIDE PHOSPHATE'                           NDP 
4 water                                                                                 HOH 
# 
loop_
_entity_poly_seq.entity_id 
_entity_poly_seq.num 
_entity_poly_seq.mon_id 
_entity_poly_seq.hetero 
1 1   THR n 
1 2   LEU n 
1 3   SER n 
1 4   ILE n 
1 5   LEU n 
1 6   VAL n 
1 7   ALA n 
1 8   HIS n 
1 9   ASP n 
1 10  LEU n 
1 11  GLN n 
1 12  ARG n 
1 13  VAL n 
1 14  ILE n 
1 15  GLY n 
1 16  PHE n 
1 17  GLU n 
1 18  ASN n 
1 19  GLN n 
1 20  LEU n 
1 21  PRO n 
1 22  TRP n 
1 23  HIS n 
1 24  LEU n 
1 25  PRO n 
1 26  ASN n 
1 27  ASP n 
1 28  LEU n 
1 29  LYS n 
1 30  HIS n 
1 31  VAL n 
1 32  LYS n 
1 33  LYS n 
1 34  LEU n 
1 35  SER n 
1 36  THR n 
1 37  GLY n 
1 38  HIS n 
1 39  THR n 
1 40  LEU n 
1 41  VAL n 
1 42  MET n 
1 43  GLY n 
1 44  ARG n 
1 45  LYS n 
1 46  THR n 
1 47  PHE n 
1 48  GLU n 
1 49  SER n 
1 50  ILE n 
1 51  GLY n 
1 52  LYS n 
1 53  PRO n 
1 54  LEU n 
1 55  PRO n 
1 56  ASN n 
1 57  ARG n 
1 58  ARG n 
1 59  ASN n 
1 60  VAL n 
1 61  VAL n 
1 62  LEU n 
1 63  THR n 
1 64  SER n 
1 65  ASP n 
1 66  THR n 
1 67  SER n 
1 68  PHE n 
1 69  ASN n 
1 70  VAL n 
1 71  GLU n 
1 72  GLY n 
1 73  VAL n 
1 74  ASP n 
1 75  VAL n 
1 76  ILE n 
1 77  HIS n 
1 78  SER n 
1 79  ILE n 
1 80  GLU n 
1 81  ASP n 
1 82  ILE n 
1 83  TYR n 
1 84  GLN n 
1 85  LEU n 
1 86  PRO n 
1 87  GLY n 
1 88  HIS n 
1 89  VAL n 
1 90  PHE n 
1 91  ILE n 
1 92  PHE n 
1 93  GLY n 
1 94  GLY n 
1 95  GLN n 
1 96  THR n 
1 97  LEU n 
1 98  TYR n 
1 99  GLU n 
1 100 GLU n 
1 101 MET n 
1 102 ILE n 
1 103 ASP n 
1 104 LYS n 
1 105 VAL n 
1 106 ASP n 
1 107 ASP n 
1 108 MET n 
1 109 TYR n 
1 110 ILE n 
1 111 THR n 
1 112 VAL n 
1 113 ILE n 
1 114 GLU n 
1 115 GLY n 
1 116 LYS n 
1 117 PHE n 
1 118 ARG n 
1 119 GLY n 
1 120 ASP n 
1 121 THR n 
1 122 PHE n 
1 123 PHE n 
1 124 PRO n 
1 125 PRO n 
1 126 TYR n 
1 127 THR n 
1 128 PHE n 
1 129 GLU n 
1 130 ASP n 
1 131 TRP n 
1 132 GLU n 
1 133 VAL n 
1 134 ALA n 
1 135 SER n 
1 136 SER n 
1 137 VAL n 
1 138 GLU n 
1 139 GLY n 
1 140 LYS n 
1 141 LEU n 
1 142 ASP n 
1 143 GLU n 
1 144 LYS n 
1 145 ASN n 
1 146 THR n 
1 147 ILE n 
1 148 PRO n 
1 149 HIS n 
1 150 THR n 
1 151 PHE n 
1 152 LEU n 
1 153 HIS n 
1 154 LEU n 
1 155 ILE n 
1 156 ARG n 
1 157 LYS n 
# 
_entity_src_gen.entity_id                          1 
_entity_src_gen.pdbx_src_id                        1 
_entity_src_gen.pdbx_alt_source_flag               sample 
_entity_src_gen.pdbx_seq_type                      ? 
_entity_src_gen.pdbx_beg_seq_num                   ? 
_entity_src_gen.pdbx_end_seq_num                   ? 
_entity_src_gen.gene_src_common_name               ? 
_entity_src_gen.gene_src_genus                     ? 
_entity_src_gen.pdbx_gene_src_gene                 'dfrB, SAB1281c' 
_entity_src_gen.gene_src_species                   ? 
_entity_src_gen.gene_src_strain                    'RF122 / ET3-1' 
_entity_src_gen.gene_src_tissue                    ? 
_entity_src_gen.gene_src_tissue_fraction           ? 
_entity_src_gen.gene_src_details                   ? 
_entity_src_gen.pdbx_gene_src_fragment             ? 
_entity_src_gen.pdbx_gene_src_scientific_name      'Staphylococcus aureus RF122' 
_entity_src_gen.pdbx_gene_src_ncbi_taxonomy_id     273036 
_entity_src_gen.pdbx_gene_src_variant              ? 
_entity_src_gen.pdbx_gene_src_cell_line            ? 
_entity_src_gen.pdbx_gene_src_atcc                 ? 
_entity_src_gen.pdbx_gene_src_organ                ? 
_entity_src_gen.pdbx_gene_src_organelle            ? 
_entity_src_gen.pdbx_gene_src_cell                 ? 
_entity_src_gen.pdbx_gene_src_cellular_location    ? 
_entity_src_gen.host_org_common_name               ? 
_entity_src_gen.pdbx_host_org_scientific_name      'Escherichia coli' 
_entity_src_gen.pdbx_host_org_ncbi_taxonomy_id     562 
_entity_src_gen.host_org_genus                     ? 
_entity_src_gen.pdbx_host_org_gene                 ? 
_entity_src_gen.pdbx_host_org_organ                ? 
_entity_src_gen.host_org_species                   ? 
_entity_src_gen.pdbx_host_org_tissue               ? 
_entity_src_gen.pdbx_host_org_tissue_fraction      ? 
_entity_src_gen.pdbx_host_org_strain               'BL21(DE3)' 
_entity_src_gen.pdbx_host_org_variant              ? 
_entity_src_gen.pdbx_host_org_cell_line            ? 
_entity_src_gen.pdbx_host_org_atcc                 ? 
_entity_src_gen.pdbx_host_org_culture_collection   ? 
_entity_src_gen.pdbx_host_org_cell                 ? 
_entity_src_gen.pdbx_host_org_organelle            ? 
_entity_src_gen.pdbx_host_org_cellular_location    ? 
_entity_src_gen.pdbx_host_org_vector_type          plasmid 
_entity_src_gen.pdbx_host_org_vector               ? 
_entity_src_gen.host_org_details                   ? 
_entity_src_gen.expression_system_id               ? 
_entity_src_gen.plasmid_name                       pET41a 
_entity_src_gen.plasmid_details                    ? 
_entity_src_gen.pdbx_description                   ? 
# 
loop_
_chem_comp.id 
_chem_comp.type 
_chem_comp.mon_nstd_flag 
_chem_comp.name 
_chem_comp.pdbx_synonyms 
_chem_comp.formula 
_chem_comp.formula_weight 
55V non-polymer         . '6-methyl-5-[3-methyl-3-(3,4,5-trimethoxyphenyl)but-1-yn-1-yl]pyrimidine-2,4-diamine' 
'2,4-Diamino-5-[3-(3,4,5-trimethoxyphenyl)pent-1-ynyl]-6-methylpyrimidine' 'C19 H24 N4 O3'     356.419 
ALA 'L-peptide linking' y ALANINE                                                                               ? 'C3 H7 N O2' 
89.093  
ARG 'L-peptide linking' y ARGININE                                                                              ? 'C6 H15 N4 O2 1' 
175.209 
ASN 'L-peptide linking' y ASPARAGINE                                                                            ? 'C4 H8 N2 O3' 
132.118 
ASP 'L-peptide linking' y 'ASPARTIC ACID'                                                                       ? 'C4 H7 N O4' 
133.103 
GLN 'L-peptide linking' y GLUTAMINE                                                                             ? 'C5 H10 N2 O3' 
146.144 
GLU 'L-peptide linking' y 'GLUTAMIC ACID'                                                                       ? 'C5 H9 N O4' 
147.129 
GLY 'peptide linking'   y GLYCINE                                                                               ? 'C2 H5 N O2' 
75.067  
HIS 'L-peptide linking' y HISTIDINE                                                                             ? 'C6 H10 N3 O2 1' 
156.162 
HOH non-polymer         . WATER                                                                                 ? 'H2 O' 18.015  
ILE 'L-peptide linking' y ISOLEUCINE                                                                            ? 'C6 H13 N O2' 
131.173 
LEU 'L-peptide linking' y LEUCINE                                                                               ? 'C6 H13 N O2' 
131.173 
LYS 'L-peptide linking' y LYSINE                                                                                ? 'C6 H15 N2 O2 1' 
147.195 
MET 'L-peptide linking' y METHIONINE                                                                            ? 'C5 H11 N O2 S' 
149.211 
NDP non-polymer         . 'NADPH DIHYDRO-NICOTINAMIDE-ADENINE-DINUCLEOTIDE PHOSPHATE'                           ? 
'C21 H30 N7 O17 P3' 745.421 
PHE 'L-peptide linking' y PHENYLALANINE                                                                         ? 'C9 H11 N O2' 
165.189 
PRO 'L-peptide linking' y PROLINE                                                                               ? 'C5 H9 N O2' 
115.130 
SER 'L-peptide linking' y SERINE                                                                                ? 'C3 H7 N O3' 
105.093 
THR 'L-peptide linking' y THREONINE                                                                             ? 'C4 H9 N O3' 
119.119 
TRP 'L-peptide linking' y TRYPTOPHAN                                                                            ? 'C11 H12 N2 O2' 
204.225 
TYR 'L-peptide linking' y TYROSINE                                                                              ? 'C9 H11 N O3' 
181.189 
VAL 'L-peptide linking' y VALINE                                                                                ? 'C5 H11 N O2' 
117.146 
# 
loop_
_pdbx_poly_seq_scheme.asym_id 
_pdbx_poly_seq_scheme.entity_id 
_pdbx_poly_seq_scheme.seq_id 
_pdbx_poly_seq_scheme.mon_id 
_pdbx_poly_seq_scheme.ndb_seq_num 
_pdbx_poly_seq_scheme.pdb_seq_num 
_pdbx_poly_seq_scheme.auth_seq_num 
_pdbx_poly_seq_scheme.pdb_mon_id 
_pdbx_poly_seq_scheme.auth_mon_id 
_pdbx_poly_seq_scheme.pdb_strand_id 
_pdbx_poly_seq_scheme.pdb_ins_code 
_pdbx_poly_seq_scheme.hetero 
A 1 1   THR 1   1   1   THR THR A . n 
A 1 2   LEU 2   2   2   LEU LEU A . n 
A 1 3   SER 3   3   3   SER SER A . n 
A 1 4   ILE 4   4   4   ILE ILE A . n 
A 1 5   LEU 5   5   5   LEU LEU A . n 
A 1 6   VAL 6   6   6   VAL VAL A . n 
A 1 7   ALA 7   7   7   ALA ALA A . n 
A 1 8   HIS 8   8   8   HIS HIS A . n 
A 1 9   ASP 9   9   9   ASP ASP A . n 
A 1 10  LEU 10  10  10  LEU LEU A . n 
A 1 11  GLN 11  11  11  GLN GLN A . n 
A 1 12  ARG 12  12  12  ARG ARG A . n 
A 1 13  VAL 13  13  13  VAL VAL A . n 
A 1 14  ILE 14  14  14  ILE ILE A . n 
A 1 15  GLY 15  15  15  GLY GLY A . n 
A 1 16  PHE 16  16  16  PHE PHE A . n 
A 1 17  GLU 17  17  17  GLU GLU A . n 
A 1 18  ASN 18  18  18  ASN ASN A . n 
A 1 19  GLN 19  19  19  GLN GLN A . n 
A 1 20  LEU 20  20  20  LEU LEU A . n 
A 1 21  PRO 21  21  21  PRO PRO A . n 
A 1 22  TRP 22  22  22  TRP TRP A . n 
A 1 23  HIS 23  23  23  HIS HIS A . n 
A 1 24  LEU 24  24  24  LEU LEU A . n 
A 1 25  PRO 25  25  25  PRO PRO A . n 
A 1 26  ASN 26  26  26  ASN ASN A . n 
A 1 27  ASP 27  27  27  ASP ASP A . n 
A 1 28  LEU 28  28  28  LEU LEU A . n 
A 1 29  LYS 29  29  29  LYS LYS A . n 
A 1 30  HIS 30  30  30  HIS HIS A . n 
A 1 31  VAL 31  31  31  VAL VAL A . n 
A 1 32  LYS 32  32  32  LYS LYS A . n 
A 1 33  LYS 33  33  33  LYS LYS A . n 
A 1 34  LEU 34  34  34  LEU LEU A . n 
A 1 35  SER 35  35  35  SER SER A . n 
A 1 36  THR 36  36  36  THR THR A . n 
A 1 37  GLY 37  37  37  GLY GLY A . n 
A 1 38  HIS 38  38  38  HIS HIS A . n 
A 1 39  THR 39  39  39  THR THR A . n 
A 1 40  LEU 40  40  40  LEU LEU A . n 
A 1 41  VAL 41  41  41  VAL VAL A . n 
A 1 42  MET 42  42  42  MET MET A . n 
A 1 43  GLY 43  43  43  GLY GLY A . n 
A 1 44  ARG 44  44  44  ARG ARG A . n 
A 1 45  LYS 45  45  45  LYS LYS A . n 
A 1 46  THR 46  46  46  THR THR A . n 
A 1 47  PHE 47  47  47  PHE PHE A . n 
A 1 48  GLU 48  48  48  GLU GLU A . n 
A 1 49  SER 49  49  49  SER SER A . n 
A 1 50  ILE 50  50  50  ILE ILE A . n 
A 1 51  GLY 51  51  51  GLY GLY A . n 
A 1 52  LYS 52  52  52  LYS LYS A . n 
A 1 53  PRO 53  53  53  PRO PRO A . n 
A 1 54  LEU 54  54  54  LEU LEU A . n 
A 1 55  PRO 55  55  55  PRO PRO A . n 
A 1 56  ASN 56  56  56  ASN ASN A . n 
A 1 57  ARG 57  57  57  ARG ARG A . n 
A 1 58  ARG 58  58  58  ARG ARG A . n 
A 1 59  ASN 59  59  59  ASN ASN A . n 
A 1 60  VAL 60  60  60  VAL VAL A . n 
A 1 61  VAL 61  61  61  VAL VAL A . n 
A 1 62  LEU 62  62  62  LEU LEU A . n 
A 1 63  THR 63  63  63  THR THR A . n 
A 1 64  SER 64  64  64  SER SER A . n 
A 1 65  ASP 65  65  65  ASP ASP A . n 
A 1 66  THR 66  66  66  THR THR A . n 
A 1 67  SER 67  67  67  SER SER A . n 
A 1 68  PHE 68  68  68  PHE PHE A . n 
A 1 69  ASN 69  69  69  ASN ASN A . n 
A 1 70  VAL 70  70  70  VAL VAL A . n 
A 1 71  GLU 71  71  71  GLU GLU A . n 
A 1 72  GLY 72  72  72  GLY GLY A . n 
A 1 73  VAL 73  73  73  VAL VAL A . n 
A 1 74  ASP 74  74  74  ASP ASP A . n 
A 1 75  VAL 75  75  75  VAL VAL A . n 
A 1 76  ILE 76  76  76  ILE ILE A . n 
A 1 77  HIS 77  77  77  HIS HIS A . n 
A 1 78  SER 78  78  78  SER SER A . n 
A 1 79  ILE 79  79  79  ILE ILE A . n 
A 1 80  GLU 80  80  80  GLU GLU A . n 
A 1 81  ASP 81  81  81  ASP ASP A . n 
A 1 82  ILE 82  82  82  ILE ILE A . n 
A 1 83  TYR 83  83  83  TYR TYR A . n 
A 1 84  GLN 84  84  84  GLN GLN A . n 
A 1 85  LEU 85  85  85  LEU LEU A . n 
A 1 86  PRO 86  86  86  PRO PRO A . n 
A 1 87  GLY 87  87  87  GLY GLY A . n 
A 1 88  HIS 88  88  88  HIS HIS A . n 
A 1 89  VAL 89  89  89  VAL VAL A . n 
A 1 90  PHE 90  90  90  PHE PHE A . n 
A 1 91  ILE 91  91  91  ILE ILE A . n 
A 1 92  PHE 92  92  92  PHE PHE A . n 
A 1 93  GLY 93  93  93  GLY GLY A . n 
A 1 94  GLY 94  94  94  GLY GLY A . n 
A 1 95  GLN 95  95  95  GLN GLN A . n 
A 1 96  THR 96  96  96  THR THR A . n 
A 1 97  LEU 97  97  97  LEU LEU A . n 
A 1 98  TYR 98  98  98  TYR TYR A . n 
A 1 99  GLU 99  99  99  GLU GLU A . n 
A 1 100 GLU 100 100 100 GLU GLU A . n 
A 1 101 MET 101 101 101 MET MET A . n 
A 1 102 ILE 102 102 102 ILE ILE A . n 
A 1 103 ASP 103 103 103 ASP ASP A . n 
A 1 104 LYS 104 104 104 LYS LYS A . n 
A 1 105 VAL 105 105 105 VAL VAL A . n 
A 1 106 ASP 106 106 106 ASP ASP A . n 
A 1 107 ASP 107 107 107 ASP ASP A . n 
A 1 108 MET 108 108 108 MET MET A . n 
A 1 109 TYR 109 109 109 TYR TYR A . n 
A 1 110 ILE 110 110 110 ILE ILE A . n 
A 1 111 THR 111 111 111 THR THR A . n 
A 1 112 VAL 112 112 112 VAL VAL A . n 
A 1 113 ILE 113 113 113 ILE ILE A . n 
A 1 114 GLU 114 114 114 GLU GLU A . n 
A 1 115 GLY 115 115 115 GLY GLY A . n 
A 1 116 LYS 116 116 116 LYS LYS A . n 
A 1 117 PHE 117 117 117 PHE PHE A . n 
A 1 118 ARG 118 118 118 ARG ARG A . n 
A 1 119 GLY 119 119 119 GLY GLY A . n 
A 1 120 ASP 120 120 120 ASP ASP A . n 
A 1 121 THR 121 121 121 THR THR A . n 
A 1 122 PHE 122 122 122 PHE PHE A . n 
A 1 123 PHE 123 123 123 PHE PHE A . n 
A 1 124 PRO 124 124 124 PRO PRO A . n 
A 1 125 PRO 125 125 125 PRO PRO A . n 
A 1 126 TYR 126 126 126 TYR TYR A . n 
A 1 127 THR 127 127 127 THR THR A . n 
A 1 128 PHE 128 128 128 PHE PHE A . n 
A 1 129 GLU 129 129 129 GLU GLU A . n 
A 1 130 ASP 130 130 130 ASP ASP A . n 
A 1 131 TRP 131 131 131 TRP TRP A . n 
A 1 132 GLU 132 132 132 GLU GLU A . n 
A 1 133 VAL 133 133 133 VAL VAL A . n 
A 1 134 ALA 134 134 134 ALA ALA A . n 
A 1 135 SER 135 135 135 SER SER A . n 
A 1 136 SER 136 136 136 SER SER A . n 
A 1 137 VAL 137 137 137 VAL VAL A . n 
A 1 138 GLU 138 138 138 GLU GLU A . n 
A 1 139 GLY 139 139 139 GLY GLY A . n 
A 1 140 LYS 140 140 140 LYS LYS A . n 
A 1 141 LEU 141 141 141 LEU LEU A . n 
A 1 142 ASP 142 142 142 ASP ASP A . n 
A 1 143 GLU 143 143 143 GLU GLU A . n 
A 1 144 LYS 144 144 144 LYS LYS A . n 
A 1 145 ASN 145 145 145 ASN ASN A . n 
A 1 146 THR 146 146 146 THR THR A . n 
A 1 147 ILE 147 147 147 ILE ILE A . n 
A 1 148 PRO 148 148 148 PRO PRO A . n 
A 1 149 HIS 149 149 149 HIS HIS A . n 
A 1 150 THR 150 150 150 THR THR A . n 
A 1 151 PHE 151 151 151 PHE PHE A . n 
A 1 152 LEU 152 152 152 LEU LEU A . n 
A 1 153 HIS 153 153 153 HIS HIS A . n 
A 1 154 LEU 154 154 154 LEU LEU A . n 
A 1 155 ILE 155 155 155 ILE ILE A . n 
A 1 156 ARG 156 156 156 ARG ARG A . n 
A 1 157 LYS 157 157 157 LYS LYS A . n 
# 
loop_
_pdbx_nonpoly_scheme.asym_id 
_pdbx_nonpoly_scheme.entity_id 
_pdbx_nonpoly_scheme.mon_id 
_pdbx_nonpoly_scheme.ndb_seq_num 
_pdbx_nonpoly_scheme.pdb_seq_num 
_pdbx_nonpoly_scheme.auth_seq_num 
_pdbx_nonpoly_scheme.pdb_mon_id 
_pdbx_nonpoly_scheme.auth_mon_id 
_pdbx_nonpoly_scheme.pdb_strand_id 
_pdbx_nonpoly_scheme.pdb_ins_code 
B 2 55V 1   219 219 55V 55V A . 
C 3 NDP 1   207 207 NDP NAP A . 
D 4 HOH 1   158 1   HOH HOH A . 
D 4 HOH 2   159 159 HOH HOH A . 
D 4 HOH 3   160 160 HOH HOH A . 
D 4 HOH 4   161 2   HOH HOH A . 
D 4 HOH 5   162 162 HOH HOH A . 
D 4 HOH 6   163 4   HOH HOH A . 
D 4 HOH 7   164 164 HOH HOH A . 
D 4 HOH 8   165 5   HOH HOH A . 
D 4 HOH 9   166 166 HOH HOH A . 
D 4 HOH 10  167 167 HOH HOH A . 
D 4 HOH 11  168 168 HOH HOH A . 
D 4 HOH 12  169 169 HOH HOH A . 
D 4 HOH 13  170 170 HOH HOH A . 
D 4 HOH 14  171 6   HOH HOH A . 
D 4 HOH 15  172 7   HOH HOH A . 
D 4 HOH 16  173 8   HOH HOH A . 
D 4 HOH 17  174 174 HOH HOH A . 
D 4 HOH 18  175 175 HOH HOH A . 
D 4 HOH 19  176 9   HOH HOH A . 
D 4 HOH 20  177 177 HOH HOH A . 
D 4 HOH 21  178 10  HOH HOH A . 
D 4 HOH 22  179 11  HOH HOH A . 
D 4 HOH 23  180 12  HOH HOH A . 
D 4 HOH 24  181 181 HOH HOH A . 
D 4 HOH 25  182 182 HOH HOH A . 
D 4 HOH 26  183 13  HOH HOH A . 
D 4 HOH 27  184 184 HOH HOH A . 
D 4 HOH 28  185 185 HOH HOH A . 
D 4 HOH 29  186 186 HOH HOH A . 
D 4 HOH 30  187 187 HOH HOH A . 
D 4 HOH 31  188 188 HOH HOH A . 
D 4 HOH 32  189 14  HOH HOH A . 
D 4 HOH 33  190 190 HOH HOH A . 
D 4 HOH 34  191 191 HOH HOH A . 
D 4 HOH 35  192 192 HOH HOH A . 
D 4 HOH 36  193 193 HOH HOH A . 
D 4 HOH 37  194 194 HOH HOH A . 
D 4 HOH 38  195 15  HOH HOH A . 
D 4 HOH 39  196 196 HOH HOH A . 
D 4 HOH 40  197 16  HOH HOH A . 
D 4 HOH 41  198 17  HOH HOH A . 
D 4 HOH 42  199 18  HOH HOH A . 
D 4 HOH 43  200 200 HOH HOH A . 
D 4 HOH 44  201 201 HOH HOH A . 
D 4 HOH 45  202 19  HOH HOH A . 
D 4 HOH 46  203 203 HOH HOH A . 
D 4 HOH 47  204 20  HOH HOH A . 
D 4 HOH 48  205 21  HOH HOH A . 
D 4 HOH 49  206 22  HOH HOH A . 
D 4 HOH 50  208 23  HOH HOH A . 
D 4 HOH 51  209 209 HOH HOH A . 
D 4 HOH 52  210 210 HOH HOH A . 
D 4 HOH 53  211 24  HOH HOH A . 
D 4 HOH 54  212 25  HOH HOH A . 
D 4 HOH 55  213 213 HOH HOH A . 
D 4 HOH 56  214 214 HOH HOH A . 
D 4 HOH 57  215 215 HOH HOH A . 
D 4 HOH 58  216 216 HOH HOH A . 
D 4 HOH 59  217 217 HOH HOH A . 
D 4 HOH 60  218 26  HOH HOH A . 
D 4 HOH 61  220 220 HOH HOH A . 
D 4 HOH 62  221 27  HOH HOH A . 
D 4 HOH 63  222 222 HOH HOH A . 
D 4 HOH 64  223 223 HOH HOH A . 
D 4 HOH 65  224 224 HOH HOH A . 
D 4 HOH 66  225 28  HOH HOH A . 
D 4 HOH 67  226 29  HOH HOH A . 
D 4 HOH 68  227 30  HOH HOH A . 
D 4 HOH 69  228 31  HOH HOH A . 
D 4 HOH 70  229 32  HOH HOH A . 
D 4 HOH 71  230 33  HOH HOH A . 
D 4 HOH 72  231 34  HOH HOH A . 
D 4 HOH 73  232 35  HOH HOH A . 
D 4 HOH 74  233 36  HOH HOH A . 
D 4 HOH 75  234 37  HOH HOH A . 
D 4 HOH 76  235 38  HOH HOH A . 
D 4 HOH 77  236 39  HOH HOH A . 
D 4 HOH 78  237 40  HOH HOH A . 
D 4 HOH 79  238 41  HOH HOH A . 
D 4 HOH 80  239 42  HOH HOH A . 
D 4 HOH 81  240 43  HOH HOH A . 
D 4 HOH 82  241 44  HOH HOH A . 
D 4 HOH 83  242 45  HOH HOH A . 
D 4 HOH 84  243 46  HOH HOH A . 
D 4 HOH 85  244 47  HOH HOH A . 
D 4 HOH 86  245 48  HOH HOH A . 
D 4 HOH 87  246 49  HOH HOH A . 
D 4 HOH 88  247 50  HOH HOH A . 
D 4 HOH 89  248 51  HOH HOH A . 
D 4 HOH 90  249 52  HOH HOH A . 
D 4 HOH 91  250 53  HOH HOH A . 
D 4 HOH 92  251 54  HOH HOH A . 
D 4 HOH 93  252 55  HOH HOH A . 
D 4 HOH 94  253 56  HOH HOH A . 
D 4 HOH 95  254 57  HOH HOH A . 
D 4 HOH 96  255 58  HOH HOH A . 
D 4 HOH 97  256 59  HOH HOH A . 
D 4 HOH 98  257 60  HOH HOH A . 
D 4 HOH 99  258 61  HOH HOH A . 
D 4 HOH 100 259 62  HOH HOH A . 
D 4 HOH 101 260 63  HOH HOH A . 
D 4 HOH 102 261 64  HOH HOH A . 
D 4 HOH 103 262 65  HOH HOH A . 
D 4 HOH 104 263 66  HOH HOH A . 
D 4 HOH 105 264 68  HOH HOH A . 
D 4 HOH 106 265 69  HOH HOH A . 
D 4 HOH 107 266 70  HOH HOH A . 
D 4 HOH 108 267 71  HOH HOH A . 
D 4 HOH 109 268 72  HOH HOH A . 
D 4 HOH 110 269 73  HOH HOH A . 
D 4 HOH 111 270 74  HOH HOH A . 
D 4 HOH 112 271 75  HOH HOH A . 
D 4 HOH 113 272 76  HOH HOH A . 
D 4 HOH 114 273 77  HOH HOH A . 
D 4 HOH 115 274 78  HOH HOH A . 
D 4 HOH 116 275 79  HOH HOH A . 
D 4 HOH 117 276 81  HOH HOH A . 
D 4 HOH 118 277 83  HOH HOH A . 
D 4 HOH 119 278 84  HOH HOH A . 
D 4 HOH 120 279 85  HOH HOH A . 
D 4 HOH 121 280 86  HOH HOH A . 
D 4 HOH 122 281 87  HOH HOH A . 
D 4 HOH 123 282 88  HOH HOH A . 
D 4 HOH 124 283 89  HOH HOH A . 
D 4 HOH 125 284 92  HOH HOH A . 
D 4 HOH 126 285 93  HOH HOH A . 
D 4 HOH 127 286 94  HOH HOH A . 
D 4 HOH 128 287 95  HOH HOH A . 
D 4 HOH 129 288 96  HOH HOH A . 
D 4 HOH 130 289 97  HOH HOH A . 
D 4 HOH 131 290 98  HOH HOH A . 
D 4 HOH 132 291 99  HOH HOH A . 
D 4 HOH 133 292 100 HOH HOH A . 
D 4 HOH 134 293 101 HOH HOH A . 
D 4 HOH 135 294 102 HOH HOH A . 
D 4 HOH 136 295 103 HOH HOH A . 
D 4 HOH 137 296 105 HOH HOH A . 
D 4 HOH 138 297 106 HOH HOH A . 
D 4 HOH 139 298 107 HOH HOH A . 
D 4 HOH 140 299 109 HOH HOH A . 
D 4 HOH 141 300 110 HOH HOH A . 
D 4 HOH 142 301 111 HOH HOH A . 
D 4 HOH 143 302 112 HOH HOH A . 
D 4 HOH 144 303 113 HOH HOH A . 
D 4 HOH 145 304 114 HOH HOH A . 
D 4 HOH 146 305 115 HOH HOH A . 
D 4 HOH 147 306 116 HOH HOH A . 
D 4 HOH 148 307 117 HOH HOH A . 
D 4 HOH 149 308 118 HOH HOH A . 
D 4 HOH 150 309 119 HOH HOH A . 
D 4 HOH 151 310 120 HOH HOH A . 
D 4 HOH 152 311 121 HOH HOH A . 
D 4 HOH 153 312 122 HOH HOH A . 
D 4 HOH 154 313 123 HOH HOH A . 
D 4 HOH 155 314 125 HOH HOH A . 
D 4 HOH 156 315 126 HOH HOH A . 
D 4 HOH 157 316 127 HOH HOH A . 
D 4 HOH 158 317 128 HOH HOH A . 
D 4 HOH 159 318 129 HOH HOH A . 
D 4 HOH 160 319 130 HOH HOH A . 
D 4 HOH 161 320 131 HOH HOH A . 
D 4 HOH 162 321 132 HOH HOH A . 
D 4 HOH 163 322 133 HOH HOH A . 
D 4 HOH 164 323 134 HOH HOH A . 
D 4 HOH 165 324 135 HOH HOH A . 
D 4 HOH 166 325 136 HOH HOH A . 
D 4 HOH 167 326 137 HOH HOH A . 
D 4 HOH 168 327 138 HOH HOH A . 
D 4 HOH 169 328 139 HOH HOH A . 
D 4 HOH 170 329 141 HOH HOH A . 
D 4 HOH 171 330 142 HOH HOH A . 
D 4 HOH 172 331 143 HOH HOH A . 
D 4 HOH 173 332 144 HOH HOH A . 
D 4 HOH 174 333 145 HOH HOH A . 
D 4 HOH 175 334 147 HOH HOH A . 
D 4 HOH 176 335 149 HOH HOH A . 
D 4 HOH 177 336 150 HOH HOH A . 
D 4 HOH 178 337 151 HOH HOH A . 
D 4 HOH 179 338 153 HOH HOH A . 
D 4 HOH 180 339 154 HOH HOH A . 
D 4 HOH 181 340 155 HOH HOH A . 
D 4 HOH 182 341 156 HOH HOH A . 
D 4 HOH 183 342 157 HOH HOH A . 
D 4 HOH 184 343 207 HOH HOH A . 
# 
loop_
_software.name 
_software.version 
_software.date 
_software.type 
_software.contact_author 
_software.contact_author_email 
_software.classification 
_software.location 
_software.language 
_software.citation_id 
_software.pdbx_ordinal 
DENZO       .        ?               package 'Zbyszek Otwinowski' hkl@hkl-xray.com      'data reduction'  http://www.hkl-xray.com/ 
?          ? 1 
SCALEPACK   .        ?               package 'Zbyszek Otwinowski' hkl@hkl-xray.com      'data scaling'    http://www.hkl-xray.com/ 
?          ? 2 
REFMAC      5.2.0019 ?               program 'Garib N. Murshudov' garib@ysbl.york.ac.uk refinement        
http://www.ccp4.ac.uk/dist/html/refmac5.html Fortran_77 ? 3 
PDB_EXTRACT 3.006    'June 11, 2008' package PDB                  help@deposit.rcsb.org 'data extraction' 
http://sw-tools.pdb.org/apps/PDB_EXTRACT/    C++        ? 4 
CBASS       .        ?               ?       ?                    ?                     'data collection' ? ?          ? 5 
Coot        .        ?               ?       ?                    ?                     'model building'  ? ?          ? 6 
CCP4        .        ?               ?       ?                    ?                     phasing           ? ?          ? 7 
# 
_cell.entry_id           3FQF 
_cell.length_a           79.218 
_cell.length_b           79.218 
_cell.length_c           108.746 
_cell.angle_alpha        90.00 
_cell.angle_beta         90.00 
_cell.angle_gamma        120.00 
_cell.Z_PDB              12 
_cell.pdbx_unique_axis   ? 
_cell.length_a_esd       ? 
_cell.length_b_esd       ? 
_cell.length_c_esd       ? 
_cell.angle_alpha_esd    ? 
_cell.angle_beta_esd     ? 
_cell.angle_gamma_esd    ? 
# 
_symmetry.entry_id                         3FQF 
_symmetry.space_group_name_H-M             'P 61 2 2' 
_symmetry.pdbx_full_space_group_name_H-M   ? 
_symmetry.cell_setting                     ? 
_symmetry.Int_Tables_number                178 
_symmetry.space_group_name_Hall            ? 
# 
_exptl.crystals_number   1 
_exptl.entry_id          3FQF 
_exptl.method            'X-RAY DIFFRACTION' 
# 
_exptl_crystal.id                    1 
_exptl_crystal.density_Matthews      2.73 
_exptl_crystal.density_meas          ? 
_exptl_crystal.density_percent_sol   54.97 
_exptl_crystal.description           ? 
_exptl_crystal.F_000                 ? 
_exptl_crystal.preparation           ? 
# 
_exptl_crystal_grow.crystal_id      1 
_exptl_crystal_grow.method          'VAPOR DIFFUSION, HANGING DROP' 
_exptl_crystal_grow.pH              6.5 
_exptl_crystal_grow.temp            277 
_exptl_crystal_grow.temp_details    ? 
_exptl_crystal_grow.pdbx_details    
'15% PEG 10000, 150mM Sodium acetate, 100mM MES pH 6.5, 5% Butyrlactone, VAPOR DIFFUSION, HANGING DROP, temperature 277K' 
_exptl_crystal_grow.pdbx_pH_range   ? 
# 
_diffrn.id                     1 
_diffrn.ambient_temp           77.2 
_diffrn.ambient_temp_details   ? 
_diffrn.crystal_id             1 
# 
_diffrn_detector.diffrn_id              1 
_diffrn_detector.detector               CCD 
_diffrn_detector.type                   'ADSC QUANTUM 315' 
_diffrn_detector.pdbx_collection_date   2008-04-19 
_diffrn_detector.details                ? 
# 
_diffrn_radiation.diffrn_id                        1 
_diffrn_radiation.wavelength_id                    1 
_diffrn_radiation.pdbx_diffrn_protocol             'SINGLE WAVELENGTH' 
_diffrn_radiation.monochromator                    ? 
_diffrn_radiation.pdbx_monochromatic_or_laue_m_l   M 
_diffrn_radiation.pdbx_scattering_type             x-ray 
# 
_diffrn_radiation_wavelength.id           1 
_diffrn_radiation_wavelength.wavelength   1.080900 
_diffrn_radiation_wavelength.wt           1.0 
# 
_diffrn_source.diffrn_id                   1 
_diffrn_source.source                      SYNCHROTRON 
_diffrn_source.type                        'NSLS BEAMLINE X29A' 
_diffrn_source.pdbx_wavelength             ? 
_diffrn_source.pdbx_wavelength_list        1.080900 
_diffrn_source.pdbx_synchrotron_site       NSLS 
_diffrn_source.pdbx_synchrotron_beamline   X29A 
# 
_reflns.entry_id                     3FQF 
_reflns.observed_criterion_sigma_F   ? 
_reflns.observed_criterion_sigma_I   3.00 
_reflns.d_resolution_high            1.77 
_reflns.d_resolution_low             32.72 
_reflns.number_all                   ? 
_reflns.number_obs                   17214 
_reflns.percent_possible_obs         89.4 
_reflns.pdbx_Rmerge_I_obs            0.068 
_reflns.pdbx_Rsym_value              0.068 
_reflns.pdbx_netI_over_sigmaI        1.4 
_reflns.B_iso_Wilson_estimate        ? 
_reflns.pdbx_redundancy              11.1 
_reflns.R_free_details               ? 
_reflns.limit_h_max                  ? 
_reflns.limit_h_min                  ? 
_reflns.limit_k_max                  ? 
_reflns.limit_k_min                  ? 
_reflns.limit_l_max                  ? 
_reflns.limit_l_min                  ? 
_reflns.observed_criterion_F_max     ? 
_reflns.observed_criterion_F_min     ? 
_reflns.pdbx_chi_squared             ? 
_reflns.pdbx_scaling_rejects         ? 
_reflns.pdbx_ordinal                 1 
_reflns.pdbx_diffrn_id               1 
# 
_reflns_shell.d_res_high             1.77 
_reflns_shell.d_res_low              1.82 
_reflns_shell.percent_possible_obs   ? 
_reflns_shell.percent_possible_all   100 
_reflns_shell.Rmerge_I_obs           0.167 
_reflns_shell.meanI_over_sigI_obs    1.1 
_reflns_shell.pdbx_Rsym_value        0.167 
_reflns_shell.pdbx_redundancy        11.4 
_reflns_shell.number_unique_all      1374 
_reflns_shell.number_measured_all    ? 
_reflns_shell.number_measured_obs    ? 
_reflns_shell.number_unique_obs      ? 
_reflns_shell.pdbx_chi_squared       ? 
_reflns_shell.pdbx_ordinal           1 
_reflns_shell.pdbx_diffrn_id         1 
# 
_refine.entry_id                                 3FQF 
_refine.ls_d_res_high                            1.770 
_refine.ls_d_res_low                             32.720 
_refine.pdbx_ls_sigma_F                          0.00 
_refine.ls_percent_reflns_obs                    89.380 
_refine.ls_number_reflns_obs                     17214 
_refine.pdbx_ls_cross_valid_method               THROUGHOUT 
_refine.pdbx_R_Free_selection_details            RANDOM 
_refine.details                                  'HYDROGENS HAVE BEEN ADDED IN THE RIDING POSITIONS' 
_refine.ls_R_factor_obs                          0.209 
_refine.ls_R_factor_R_work                       0.207 
_refine.ls_R_factor_R_free                       0.245 
_refine.ls_percent_reflns_R_free                 5.200 
_refine.ls_number_reflns_R_free                  947 
_refine.B_iso_mean                               14.909 
_refine.aniso_B[1][1]                            0.000 
_refine.aniso_B[2][2]                            0.000 
_refine.aniso_B[3][3]                            -0.000 
_refine.aniso_B[1][2]                            0.000 
_refine.aniso_B[1][3]                            0.000 
_refine.aniso_B[2][3]                            0.000 
_refine.correlation_coeff_Fo_to_Fc               0.936 
_refine.correlation_coeff_Fo_to_Fc_free          0.919 
_refine.pdbx_overall_ESU_R                       0.145 
_refine.pdbx_overall_ESU_R_Free                  0.137 
_refine.overall_SU_ML                            0.080 
_refine.overall_SU_B                             2.501 
_refine.solvent_model_details                    MASK 
_refine.pdbx_solvent_vdw_probe_radii             1.200 
_refine.pdbx_solvent_ion_probe_radii             0.800 
_refine.pdbx_solvent_shrinkage_radii             0.800 
_refine.pdbx_method_to_determine_struct          'DIFFERENCE FOURIER' 
_refine.pdbx_stereochemistry_target_values       'MAXIMUM LIKELIHOOD' 
_refine.B_iso_max                                150.32 
_refine.B_iso_min                                3.09 
_refine.occupancy_max                            1.00 
_refine.occupancy_min                            0.50 
_refine.pdbx_ls_sigma_I                          ? 
_refine.ls_number_reflns_all                     17214 
_refine.ls_R_factor_all                          0.209 
_refine.ls_redundancy_reflns_obs                 ? 
_refine.pdbx_data_cutoff_high_absF               ? 
_refine.pdbx_data_cutoff_low_absF                ? 
_refine.ls_number_parameters                     ? 
_refine.ls_number_restraints                     ? 
_refine.ls_R_factor_R_free_error                 ? 
_refine.ls_R_factor_R_free_error_details         ? 
_refine.pdbx_starting_model                      
'Sa F98Y DHFR bound to Folate and NADPH (Dale et al., J.Mol.Biol. 1997, structure not deposited in the PDB)' 
_refine.pdbx_stereochem_target_val_spec_case     ? 
_refine.solvent_model_param_bsol                 ? 
_refine.solvent_model_param_ksol                 ? 
_refine.pdbx_isotropic_thermal_model             ? 
_refine.overall_SU_R_Cruickshank_DPI             ? 
_refine.overall_SU_R_free                        ? 
_refine.pdbx_data_cutoff_high_rms_absF           ? 
_refine.ls_wR_factor_R_free                      ? 
_refine.ls_wR_factor_R_work                      ? 
_refine.overall_FOM_free_R_set                   ? 
_refine.overall_FOM_work_R_set                   ? 
_refine.pdbx_overall_phase_error                 ? 
_refine.pdbx_refine_id                           'X-RAY DIFFRACTION' 
_refine.pdbx_diffrn_id                           1 
_refine.pdbx_TLS_residual_ADP_flag               ? 
_refine.pdbx_overall_SU_R_free_Cruickshank_DPI   ? 
_refine.pdbx_overall_SU_R_Blow_DPI               ? 
_refine.pdbx_overall_SU_R_free_Blow_DPI          ? 
# 
_refine_hist.pdbx_refine_id                   'X-RAY DIFFRACTION' 
_refine_hist.cycle_id                         LAST 
_refine_hist.pdbx_number_atoms_protein        1274 
_refine_hist.pdbx_number_atoms_nucleic_acid   0 
_refine_hist.pdbx_number_atoms_ligand         74 
_refine_hist.number_atoms_solvent             184 
_refine_hist.number_atoms_total               1532 
_refine_hist.d_res_high                       1.770 
_refine_hist.d_res_low                        32.720 
# 
loop_
_refine_ls_restr.type 
_refine_ls_restr.number 
_refine_ls_restr.dev_ideal 
_refine_ls_restr.dev_ideal_target 
_refine_ls_restr.weight 
_refine_ls_restr.pdbx_refine_id 
_refine_ls_restr.pdbx_restraint_function 
r_bond_refined_d         1386 0.008  0.022  ? 'X-RAY DIFFRACTION' ? 
r_bond_other_d           25   0.002  0.020  ? 'X-RAY DIFFRACTION' ? 
r_angle_refined_deg      1893 1.392  2.019  ? 'X-RAY DIFFRACTION' ? 
r_angle_other_deg        55   3.310  3.000  ? 'X-RAY DIFFRACTION' ? 
r_dihedral_angle_1_deg   156  6.546  5.000  ? 'X-RAY DIFFRACTION' ? 
r_dihedral_angle_2_deg   62   34.007 24.194 ? 'X-RAY DIFFRACTION' ? 
r_dihedral_angle_3_deg   226  15.308 15.000 ? 'X-RAY DIFFRACTION' ? 
r_dihedral_angle_4_deg   6    19.949 15.000 ? 'X-RAY DIFFRACTION' ? 
r_chiral_restr           208  0.242  0.200  ? 'X-RAY DIFFRACTION' ? 
r_gen_planes_refined     1032 0.004  0.020  ? 'X-RAY DIFFRACTION' ? 
r_nbd_refined            600  0.195  0.200  ? 'X-RAY DIFFRACTION' ? 
r_nbd_other              41   0.191  0.200  ? 'X-RAY DIFFRACTION' ? 
r_nbtor_refined          916  0.309  0.200  ? 'X-RAY DIFFRACTION' ? 
r_nbtor_other            10   0.095  0.200  ? 'X-RAY DIFFRACTION' ? 
r_xyhbond_nbd_refined    159  0.137  0.200  ? 'X-RAY DIFFRACTION' ? 
r_symmetry_vdw_refined   28   0.200  0.200  ? 'X-RAY DIFFRACTION' ? 
r_symmetry_vdw_other     3    0.096  0.200  ? 'X-RAY DIFFRACTION' ? 
r_symmetry_hbond_refined 19   0.173  0.200  ? 'X-RAY DIFFRACTION' ? 
r_mcbond_it              807  0.640  1.500  ? 'X-RAY DIFFRACTION' ? 
r_mcangle_it             1282 1.112  2.000  ? 'X-RAY DIFFRACTION' ? 
r_scbond_it              681  1.450  3.000  ? 'X-RAY DIFFRACTION' ? 
r_scangle_it             611  2.328  4.500  ? 'X-RAY DIFFRACTION' ? 
# 
_refine_ls_shell.d_res_high                       1.77 
_refine_ls_shell.d_res_low                        1.82 
_refine_ls_shell.pdbx_total_number_of_bins_used   20 
_refine_ls_shell.percent_reflns_obs               100.000 
_refine_ls_shell.number_reflns_R_work             1374 
_refine_ls_shell.R_factor_all                     ? 
_refine_ls_shell.R_factor_R_work                  0.241 
_refine_ls_shell.R_factor_R_free                  0.304 
_refine_ls_shell.percent_reflns_R_free            ? 
_refine_ls_shell.number_reflns_R_free             85 
_refine_ls_shell.R_factor_R_free_error            ? 
_refine_ls_shell.number_reflns_all                1459 
_refine_ls_shell.number_reflns_obs                17214 
_refine_ls_shell.redundancy_reflns_obs            ? 
_refine_ls_shell.pdbx_refine_id                   'X-RAY DIFFRACTION' 
# 
_struct.entry_id                  3FQF 
_struct.title                     
;Staphylococcus aureus F98Y mutant dihydrofolate reductase complexed with NADPH and 2,4-diamino-5-[3-(3,4,5-trimethoxyphenyl)pent-1-ynyl]-6-methylpyrimidine (UCP115A)
;
_struct.pdbx_model_details        ? 
_struct.pdbx_CASP_flag            ? 
_struct.pdbx_model_type_details   ? 
# 
_struct_keywords.entry_id        3FQF 
_struct_keywords.pdbx_keywords   OXIDOREDUCTASE 
_struct_keywords.text            oxidoreductase 
# 
loop_
_struct_asym.id 
_struct_asym.pdbx_blank_PDB_chainid_flag 
_struct_asym.pdbx_modified 
_struct_asym.entity_id 
_struct_asym.details 
A N N 1 ? 
B N N 2 ? 
C N N 3 ? 
D N N 4 ? 
# 
_struct_ref.id                         1 
_struct_ref.db_name                    UNP 
_struct_ref.db_code                    Q2YY41_STAAB 
_struct_ref.pdbx_db_accession          Q2YY41 
_struct_ref.entity_id                  1 
_struct_ref.pdbx_seq_one_letter_code   
;TLSILVAHDLQRVIGFENQLPWHLPNDLKHVKKLSTGHTLVMGRKTFESIGKPLPNRRNVVLTSDTSFNVEGVDVIHSIE
DIYQLPGHVFIFGGQTLFEEMIDKVDDMYITVIEGKFRGDTFFPPYTFEDWEVASSVEGKLDEKNTIPHTFLHLIRK
;
_struct_ref.pdbx_align_begin           2 
_struct_ref.pdbx_db_isoform            ? 
# 
_struct_ref_seq.align_id                      1 
_struct_ref_seq.ref_id                        1 
_struct_ref_seq.pdbx_PDB_id_code              3FQF 
_struct_ref_seq.pdbx_strand_id                A 
_struct_ref_seq.seq_align_beg                 1 
_struct_ref_seq.pdbx_seq_align_beg_ins_code   ? 
_struct_ref_seq.seq_align_end                 157 
_struct_ref_seq.pdbx_seq_align_end_ins_code   ? 
_struct_ref_seq.pdbx_db_accession             Q2YY41 
_struct_ref_seq.db_align_beg                  2 
_struct_ref_seq.pdbx_db_align_beg_ins_code    ? 
_struct_ref_seq.db_align_end                  158 
_struct_ref_seq.pdbx_db_align_end_ins_code    ? 
_struct_ref_seq.pdbx_auth_seq_align_beg       1 
_struct_ref_seq.pdbx_auth_seq_align_end       157 
# 
_struct_ref_seq_dif.align_id                     1 
_struct_ref_seq_dif.pdbx_pdb_id_code             3FQF 
_struct_ref_seq_dif.mon_id                       TYR 
_struct_ref_seq_dif.pdbx_pdb_strand_id           A 
_struct_ref_seq_dif.seq_num                      98 
_struct_ref_seq_dif.pdbx_pdb_ins_code            ? 
_struct_ref_seq_dif.pdbx_seq_db_name             UNP 
_struct_ref_seq_dif.pdbx_seq_db_accession_code   Q2YY41 
_struct_ref_seq_dif.db_mon_id                    PHE 
_struct_ref_seq_dif.pdbx_seq_db_seq_num          99 
_struct_ref_seq_dif.details                      'engineered mutation' 
_struct_ref_seq_dif.pdbx_auth_seq_num            98 
_struct_ref_seq_dif.pdbx_ordinal                 1 
# 
_pdbx_struct_assembly.id                   1 
_pdbx_struct_assembly.details              author_and_software_defined_assembly 
_pdbx_struct_assembly.method_details       PISA 
_pdbx_struct_assembly.oligomeric_details   monomeric 
_pdbx_struct_assembly.oligomeric_count     1 
# 
_pdbx_struct_assembly_gen.assembly_id       1 
_pdbx_struct_assembly_gen.oper_expression   1 
_pdbx_struct_assembly_gen.asym_id_list      A,B,C,D 
# 
_pdbx_struct_oper_list.id                   1 
_pdbx_struct_oper_list.type                 'identity operation' 
_pdbx_struct_oper_list.name                 1_555 
_pdbx_struct_oper_list.symmetry_operation   x,y,z 
_pdbx_struct_oper_list.matrix[1][1]         1.0000000000 
_pdbx_struct_oper_list.matrix[1][2]         0.0000000000 
_pdbx_struct_oper_list.matrix[1][3]         0.0000000000 
_pdbx_struct_oper_list.vector[1]            0.0000000000 
_pdbx_struct_oper_list.matrix[2][1]         0.0000000000 
_pdbx_struct_oper_list.matrix[2][2]         1.0000000000 
_pdbx_struct_oper_list.matrix[2][3]         0.0000000000 
_pdbx_struct_oper_list.vector[2]            0.0000000000 
_pdbx_struct_oper_list.matrix[3][1]         0.0000000000 
_pdbx_struct_oper_list.matrix[3][2]         0.0000000000 
_pdbx_struct_oper_list.matrix[3][3]         1.0000000000 
_pdbx_struct_oper_list.vector[3]            0.0000000000 
# 
_struct_biol.id        1 
_struct_biol.details   ? 
# 
loop_
_struct_conf.conf_type_id 
_struct_conf.id 
_struct_conf.pdbx_PDB_helix_id 
_struct_conf.beg_label_comp_id 
_struct_conf.beg_label_asym_id 
_struct_conf.beg_label_seq_id 
_struct_conf.pdbx_beg_PDB_ins_code 
_struct_conf.end_label_comp_id 
_struct_conf.end_label_asym_id 
_struct_conf.end_label_seq_id 
_struct_conf.pdbx_end_PDB_ins_code 
_struct_conf.beg_auth_comp_id 
_struct_conf.beg_auth_asym_id 
_struct_conf.beg_auth_seq_id 
_struct_conf.end_auth_comp_id 
_struct_conf.end_auth_asym_id 
_struct_conf.end_auth_seq_id 
_struct_conf.pdbx_PDB_helix_class 
_struct_conf.details 
_struct_conf.pdbx_PDB_helix_length 
HELX_P HELX_P1 1 LEU A 24 ? THR A 36  ? LEU A 24 THR A 36  1 ? 13 
HELX_P HELX_P2 2 ARG A 44 ? GLY A 51  ? ARG A 44 GLY A 51  1 ? 8  
HELX_P HELX_P3 3 SER A 78 ? LEU A 85  ? SER A 78 LEU A 85  5 ? 8  
HELX_P HELX_P4 4 GLY A 94 ? ILE A 102 ? GLY A 94 ILE A 102 1 ? 9  
# 
_struct_conf_type.id          HELX_P 
_struct_conf_type.criteria    ? 
_struct_conf_type.reference   ? 
# 
_struct_mon_prot_cis.pdbx_id                1 
_struct_mon_prot_cis.label_comp_id          GLY 
_struct_mon_prot_cis.label_seq_id           93 
_struct_mon_prot_cis.label_asym_id          A 
_struct_mon_prot_cis.label_alt_id           . 
_struct_mon_prot_cis.pdbx_PDB_ins_code      ? 
_struct_mon_prot_cis.auth_comp_id           GLY 
_struct_mon_prot_cis.auth_seq_id            93 
_struct_mon_prot_cis.auth_asym_id           A 
_struct_mon_prot_cis.pdbx_label_comp_id_2   GLY 
_struct_mon_prot_cis.pdbx_label_seq_id_2    94 
_struct_mon_prot_cis.pdbx_label_asym_id_2   A 
_struct_mon_prot_cis.pdbx_PDB_ins_code_2    ? 
_struct_mon_prot_cis.pdbx_auth_comp_id_2    GLY 
_struct_mon_prot_cis.pdbx_auth_seq_id_2     94 
_struct_mon_prot_cis.pdbx_auth_asym_id_2    A 
_struct_mon_prot_cis.pdbx_PDB_model_num     1 
_struct_mon_prot_cis.pdbx_omega_angle       3.40 
# 
loop_
_struct_sheet.id 
_struct_sheet.type 
_struct_sheet.number_strands 
_struct_sheet.details 
A ? 8 ? 
B ? 2 ? 
# 
loop_
_struct_sheet_order.sheet_id 
_struct_sheet_order.range_id_1 
_struct_sheet_order.range_id_2 
_struct_sheet_order.offset 
_struct_sheet_order.sense 
A 1 2 ? parallel      
A 2 3 ? parallel      
A 3 4 ? parallel      
A 4 5 ? parallel      
A 5 6 ? parallel      
A 6 7 ? anti-parallel 
A 7 8 ? anti-parallel 
B 1 2 ? anti-parallel 
# 
loop_
_struct_sheet_range.sheet_id 
_struct_sheet_range.id 
_struct_sheet_range.beg_label_comp_id 
_struct_sheet_range.beg_label_asym_id 
_struct_sheet_range.beg_label_seq_id 
_struct_sheet_range.pdbx_beg_PDB_ins_code 
_struct_sheet_range.end_label_comp_id 
_struct_sheet_range.end_label_asym_id 
_struct_sheet_range.end_label_seq_id 
_struct_sheet_range.pdbx_end_PDB_ins_code 
_struct_sheet_range.beg_auth_comp_id 
_struct_sheet_range.beg_auth_asym_id 
_struct_sheet_range.beg_auth_seq_id 
_struct_sheet_range.end_auth_comp_id 
_struct_sheet_range.end_auth_asym_id 
_struct_sheet_range.end_auth_seq_id 
A 1 VAL A 73  ? ILE A 76  ? VAL A 73  ILE A 76  
A 2 ARG A 58  ? LEU A 62  ? ARG A 58  LEU A 62  
A 3 THR A 39  ? GLY A 43  ? THR A 39  GLY A 43  
A 4 VAL A 89  ? GLY A 93  ? VAL A 89  GLY A 93  
A 5 LEU A 2   ? ASP A 9   ? LEU A 2   ASP A 9   
A 6 ASP A 107 ? ILE A 113 ? ASP A 107 ILE A 113 
A 7 HIS A 149 ? ARG A 156 ? HIS A 149 ARG A 156 
A 8 TRP A 131 ? GLU A 138 ? TRP A 131 GLU A 138 
B 1 VAL A 13  ? GLY A 15  ? VAL A 13  GLY A 15  
B 2 THR A 121 ? PHE A 122 ? THR A 121 PHE A 122 
# 
loop_
_pdbx_struct_sheet_hbond.sheet_id 
_pdbx_struct_sheet_hbond.range_id_1 
_pdbx_struct_sheet_hbond.range_id_2 
_pdbx_struct_sheet_hbond.range_1_label_atom_id 
_pdbx_struct_sheet_hbond.range_1_label_comp_id 
_pdbx_struct_sheet_hbond.range_1_label_asym_id 
_pdbx_struct_sheet_hbond.range_1_label_seq_id 
_pdbx_struct_sheet_hbond.range_1_PDB_ins_code 
_pdbx_struct_sheet_hbond.range_1_auth_atom_id 
_pdbx_struct_sheet_hbond.range_1_auth_comp_id 
_pdbx_struct_sheet_hbond.range_1_auth_asym_id 
_pdbx_struct_sheet_hbond.range_1_auth_seq_id 
_pdbx_struct_sheet_hbond.range_2_label_atom_id 
_pdbx_struct_sheet_hbond.range_2_label_comp_id 
_pdbx_struct_sheet_hbond.range_2_label_asym_id 
_pdbx_struct_sheet_hbond.range_2_label_seq_id 
_pdbx_struct_sheet_hbond.range_2_PDB_ins_code 
_pdbx_struct_sheet_hbond.range_2_auth_atom_id 
_pdbx_struct_sheet_hbond.range_2_auth_comp_id 
_pdbx_struct_sheet_hbond.range_2_auth_asym_id 
_pdbx_struct_sheet_hbond.range_2_auth_seq_id 
A 1 2 O ASP A 74  ? O ASP A 74  N ASN A 59  ? N ASN A 59  
A 2 3 O VAL A 60  ? O VAL A 60  N LEU A 40  ? N LEU A 40  
A 3 4 N VAL A 41  ? N VAL A 41  O PHE A 92  ? O PHE A 92  
A 4 5 O ILE A 91  ? O ILE A 91  N SER A 3   ? N SER A 3   
A 5 6 N ILE A 4   ? N ILE A 4   O TYR A 109 ? O TYR A 109 
A 6 7 N ILE A 110 ? N ILE A 110 O LEU A 152 ? O LEU A 152 
A 7 8 O PHE A 151 ? O PHE A 151 N VAL A 137 ? N VAL A 137 
B 1 2 N ILE A 14  ? N ILE A 14  O THR A 121 ? O THR A 121 
# 
loop_
_struct_site.id 
_struct_site.pdbx_evidence_code 
_struct_site.pdbx_auth_asym_id 
_struct_site.pdbx_auth_comp_id 
_struct_site.pdbx_auth_seq_id 
_struct_site.pdbx_auth_ins_code 
_struct_site.pdbx_num_residues 
_struct_site.details 
AC1 Software A 55V 219 ? 13 'BINDING SITE FOR RESIDUE 55V A 219' 
AC2 Software A NDP 207 ? 28 'BINDING SITE FOR RESIDUE NDP A 207' 
# 
loop_
_struct_site_gen.id 
_struct_site_gen.site_id 
_struct_site_gen.pdbx_num_res 
_struct_site_gen.label_comp_id 
_struct_site_gen.label_asym_id 
_struct_site_gen.label_seq_id 
_struct_site_gen.pdbx_auth_ins_code 
_struct_site_gen.auth_comp_id 
_struct_site_gen.auth_asym_id 
_struct_site_gen.auth_seq_id 
_struct_site_gen.label_atom_id 
_struct_site_gen.label_alt_id 
_struct_site_gen.symmetry 
_struct_site_gen.details 
1  AC1 13 LEU A 5   ? LEU A 5   . ? 1_555  ? 
2  AC1 13 VAL A 6   ? VAL A 6   . ? 1_555  ? 
3  AC1 13 ALA A 7   ? ALA A 7   . ? 1_555  ? 
4  AC1 13 ASN A 18  ? ASN A 18  . ? 1_555  ? 
5  AC1 13 LEU A 20  ? LEU A 20  . ? 1_555  ? 
6  AC1 13 ASP A 27  ? ASP A 27  . ? 1_555  ? 
7  AC1 13 VAL A 31  ? VAL A 31  . ? 1_555  ? 
8  AC1 13 THR A 46  ? THR A 46  . ? 1_555  ? 
9  AC1 13 ILE A 50  ? ILE A 50  . ? 1_555  ? 
10 AC1 13 PHE A 92  ? PHE A 92  . ? 1_555  ? 
11 AC1 13 TYR A 98  ? TYR A 98  . ? 1_555  ? 
12 AC1 13 THR A 111 ? THR A 111 . ? 1_555  ? 
13 AC1 13 NDP C .   ? NDP A 207 . ? 1_555  ? 
14 AC2 28 ILE A 14  ? ILE A 14  . ? 1_555  ? 
15 AC2 28 ASN A 18  ? ASN A 18  . ? 1_555  ? 
16 AC2 28 GLY A 43  ? GLY A 43  . ? 1_555  ? 
17 AC2 28 ARG A 44  ? ARG A 44  . ? 1_555  ? 
18 AC2 28 LYS A 45  ? LYS A 45  . ? 1_555  ? 
19 AC2 28 THR A 46  ? THR A 46  . ? 1_555  ? 
20 AC2 28 LEU A 62  ? LEU A 62  . ? 1_555  ? 
21 AC2 28 THR A 63  ? THR A 63  . ? 1_555  ? 
22 AC2 28 SER A 64  ? SER A 64  . ? 1_555  ? 
23 AC2 28 SER A 67  ? SER A 67  . ? 10_445 ? 
24 AC2 28 HIS A 77  ? HIS A 77  . ? 1_555  ? 
25 AC2 28 GLY A 93  ? GLY A 93  . ? 1_555  ? 
26 AC2 28 GLY A 94  ? GLY A 94  . ? 1_555  ? 
27 AC2 28 GLN A 95  ? GLN A 95  . ? 1_555  ? 
28 AC2 28 THR A 96  ? THR A 96  . ? 1_555  ? 
29 AC2 28 LEU A 97  ? LEU A 97  . ? 1_555  ? 
30 AC2 28 GLU A 100 ? GLU A 100 . ? 1_555  ? 
31 AC2 28 THR A 121 ? THR A 121 . ? 1_555  ? 
32 AC2 28 HOH D .   ? HOH A 178 . ? 1_555  ? 
33 AC2 28 HOH D .   ? HOH A 197 . ? 1_555  ? 
34 AC2 28 HOH D .   ? HOH A 205 . ? 10_445 ? 
35 AC2 28 55V B .   ? 55V A 219 . ? 1_555  ? 
36 AC2 28 HOH D .   ? HOH A 224 . ? 1_555  ? 
37 AC2 28 HOH D .   ? HOH A 227 . ? 1_555  ? 
38 AC2 28 HOH D .   ? HOH A 238 . ? 1_555  ? 
39 AC2 28 HOH D .   ? HOH A 239 . ? 1_555  ? 
40 AC2 28 HOH D .   ? HOH A 321 . ? 1_555  ? 
41 AC2 28 HOH D .   ? HOH A 331 . ? 1_555  ? 
# 
_pdbx_validate_torsion.id              1 
_pdbx_validate_torsion.PDB_model_num   1 
_pdbx_validate_torsion.auth_comp_id    HIS 
_pdbx_validate_torsion.auth_asym_id    A 
_pdbx_validate_torsion.auth_seq_id     38 
_pdbx_validate_torsion.PDB_ins_code    ? 
_pdbx_validate_torsion.label_alt_id    ? 
_pdbx_validate_torsion.phi             -126.34 
_pdbx_validate_torsion.psi             -150.35 
# 
_pdbx_validate_chiral.id              1 
_pdbx_validate_chiral.PDB_model_num   1 
_pdbx_validate_chiral.auth_atom_id    C1D 
_pdbx_validate_chiral.label_alt_id    ? 
_pdbx_validate_chiral.auth_asym_id    A 
_pdbx_validate_chiral.auth_comp_id    NDP 
_pdbx_validate_chiral.auth_seq_id     207 
_pdbx_validate_chiral.PDB_ins_code    ? 
_pdbx_validate_chiral.details         'WRONG HAND' 
_pdbx_validate_chiral.omega           . 
# 
loop_
_chem_comp_atom.comp_id 
_chem_comp_atom.atom_id 
_chem_comp_atom.type_symbol 
_chem_comp_atom.pdbx_aromatic_flag 
_chem_comp_atom.pdbx_stereo_config 
_chem_comp_atom.pdbx_ordinal 
55V C1P  C N N 1   
55V O1O  O N N 2   
55V C1N  C Y N 3   
55V C1M  C Y N 4   
55V C1Q  C Y N 5   
55V O1V  O N N 6   
55V C1W  C N N 7   
55V C1R  C Y N 8   
55V O1T  O N N 9   
55V C1U  C N N 10  
55V C1S  C Y N 11  
55V C1L  C Y N 12  
55V C1J  C N N 13  
55V C1K  C N N 14  
55V C1X  C N N 15  
55V C1I  C N N 16  
55V C1H  C N N 17  
55V C5   C Y N 18  
55V C4   C Y N 19  
55V C1Y  C N N 20  
55V N3   N Y N 21  
55V C2   C Y N 22  
55V N1Z  N N N 23  
55V N1   N Y N 24  
55V C6   C Y N 25  
55V N1G  N N N 26  
55V H1P  H N N 27  
55V H1PA H N N 28  
55V H1PB H N N 29  
55V H1M  H N N 30  
55V H1W  H N N 31  
55V H1WA H N N 32  
55V H1WB H N N 33  
55V H1U  H N N 34  
55V H1UA H N N 35  
55V H1UB H N N 36  
55V H1S  H N N 37  
55V H1K  H N N 38  
55V H1KA H N N 39  
55V H1KB H N N 40  
55V H1X  H N N 41  
55V H1XA H N N 42  
55V H1XB H N N 43  
55V H1Y  H N N 44  
55V H1YA H N N 45  
55V H1YB H N N 46  
55V HN1Z H N N 47  
55V HN1A H N N 48  
55V HN1G H N N 49  
55V HN1B H N N 50  
ALA N    N N N 51  
ALA CA   C N S 52  
ALA C    C N N 53  
ALA O    O N N 54  
ALA CB   C N N 55  
ALA OXT  O N N 56  
ALA H    H N N 57  
ALA H2   H N N 58  
ALA HA   H N N 59  
ALA HB1  H N N 60  
ALA HB2  H N N 61  
ALA HB3  H N N 62  
ALA HXT  H N N 63  
ARG N    N N N 64  
ARG CA   C N S 65  
ARG C    C N N 66  
ARG O    O N N 67  
ARG CB   C N N 68  
ARG CG   C N N 69  
ARG CD   C N N 70  
ARG NE   N N N 71  
ARG CZ   C N N 72  
ARG NH1  N N N 73  
ARG NH2  N N N 74  
ARG OXT  O N N 75  
ARG H    H N N 76  
ARG H2   H N N 77  
ARG HA   H N N 78  
ARG HB2  H N N 79  
ARG HB3  H N N 80  
ARG HG2  H N N 81  
ARG HG3  H N N 82  
ARG HD2  H N N 83  
ARG HD3  H N N 84  
ARG HE   H N N 85  
ARG HH11 H N N 86  
ARG HH12 H N N 87  
ARG HH21 H N N 88  
ARG HH22 H N N 89  
ARG HXT  H N N 90  
ASN N    N N N 91  
ASN CA   C N S 92  
ASN C    C N N 93  
ASN O    O N N 94  
ASN CB   C N N 95  
ASN CG   C N N 96  
ASN OD1  O N N 97  
ASN ND2  N N N 98  
ASN OXT  O N N 99  
ASN H    H N N 100 
ASN H2   H N N 101 
ASN HA   H N N 102 
ASN HB2  H N N 103 
ASN HB3  H N N 104 
ASN HD21 H N N 105 
ASN HD22 H N N 106 
ASN HXT  H N N 107 
ASP N    N N N 108 
ASP CA   C N S 109 
ASP C    C N N 110 
ASP O    O N N 111 
ASP CB   C N N 112 
ASP CG   C N N 113 
ASP OD1  O N N 114 
ASP OD2  O N N 115 
ASP OXT  O N N 116 
ASP H    H N N 117 
ASP H2   H N N 118 
ASP HA   H N N 119 
ASP HB2  H N N 120 
ASP HB3  H N N 121 
ASP HD2  H N N 122 
ASP HXT  H N N 123 
GLN N    N N N 124 
GLN CA   C N S 125 
GLN C    C N N 126 
GLN O    O N N 127 
GLN CB   C N N 128 
GLN CG   C N N 129 
GLN CD   C N N 130 
GLN OE1  O N N 131 
GLN NE2  N N N 132 
GLN OXT  O N N 133 
GLN H    H N N 134 
GLN H2   H N N 135 
GLN HA   H N N 136 
GLN HB2  H N N 137 
GLN HB3  H N N 138 
GLN HG2  H N N 139 
GLN HG3  H N N 140 
GLN HE21 H N N 141 
GLN HE22 H N N 142 
GLN HXT  H N N 143 
GLU N    N N N 144 
GLU CA   C N S 145 
GLU C    C N N 146 
GLU O    O N N 147 
GLU CB   C N N 148 
GLU CG   C N N 149 
GLU CD   C N N 150 
GLU OE1  O N N 151 
GLU OE2  O N N 152 
GLU OXT  O N N 153 
GLU H    H N N 154 
GLU H2   H N N 155 
GLU HA   H N N 156 
GLU HB2  H N N 157 
GLU HB3  H N N 158 
GLU HG2  H N N 159 
GLU HG3  H N N 160 
GLU HE2  H N N 161 
GLU HXT  H N N 162 
GLY N    N N N 163 
GLY CA   C N N 164 
GLY C    C N N 165 
GLY O    O N N 166 
GLY OXT  O N N 167 
GLY H    H N N 168 
GLY H2   H N N 169 
GLY HA2  H N N 170 
GLY HA3  H N N 171 
GLY HXT  H N N 172 
HIS N    N N N 173 
HIS CA   C N S 174 
HIS C    C N N 175 
HIS O    O N N 176 
HIS CB   C N N 177 
HIS CG   C Y N 178 
HIS ND1  N Y N 179 
HIS CD2  C Y N 180 
HIS CE1  C Y N 181 
HIS NE2  N Y N 182 
HIS OXT  O N N 183 
HIS H    H N N 184 
HIS H2   H N N 185 
HIS HA   H N N 186 
HIS HB2  H N N 187 
HIS HB3  H N N 188 
HIS HD1  H N N 189 
HIS HD2  H N N 190 
HIS HE1  H N N 191 
HIS HE2  H N N 192 
HIS HXT  H N N 193 
HOH O    O N N 194 
HOH H1   H N N 195 
HOH H2   H N N 196 
ILE N    N N N 197 
ILE CA   C N S 198 
ILE C    C N N 199 
ILE O    O N N 200 
ILE CB   C N S 201 
ILE CG1  C N N 202 
ILE CG2  C N N 203 
ILE CD1  C N N 204 
ILE OXT  O N N 205 
ILE H    H N N 206 
ILE H2   H N N 207 
ILE HA   H N N 208 
ILE HB   H N N 209 
ILE HG12 H N N 210 
ILE HG13 H N N 211 
ILE HG21 H N N 212 
ILE HG22 H N N 213 
ILE HG23 H N N 214 
ILE HD11 H N N 215 
ILE HD12 H N N 216 
ILE HD13 H N N 217 
ILE HXT  H N N 218 
LEU N    N N N 219 
LEU CA   C N S 220 
LEU C    C N N 221 
LEU O    O N N 222 
LEU CB   C N N 223 
LEU CG   C N N 224 
LEU CD1  C N N 225 
LEU CD2  C N N 226 
LEU OXT  O N N 227 
LEU H    H N N 228 
LEU H2   H N N 229 
LEU HA   H N N 230 
LEU HB2  H N N 231 
LEU HB3  H N N 232 
LEU HG   H N N 233 
LEU HD11 H N N 234 
LEU HD12 H N N 235 
LEU HD13 H N N 236 
LEU HD21 H N N 237 
LEU HD22 H N N 238 
LEU HD23 H N N 239 
LEU HXT  H N N 240 
LYS N    N N N 241 
LYS CA   C N S 242 
LYS C    C N N 243 
LYS O    O N N 244 
LYS CB   C N N 245 
LYS CG   C N N 246 
LYS CD   C N N 247 
LYS CE   C N N 248 
LYS NZ   N N N 249 
LYS OXT  O N N 250 
LYS H    H N N 251 
LYS H2   H N N 252 
LYS HA   H N N 253 
LYS HB2  H N N 254 
LYS HB3  H N N 255 
LYS HG2  H N N 256 
LYS HG3  H N N 257 
LYS HD2  H N N 258 
LYS HD3  H N N 259 
LYS HE2  H N N 260 
LYS HE3  H N N 261 
LYS HZ1  H N N 262 
LYS HZ2  H N N 263 
LYS HZ3  H N N 264 
LYS HXT  H N N 265 
MET N    N N N 266 
MET CA   C N S 267 
MET C    C N N 268 
MET O    O N N 269 
MET CB   C N N 270 
MET CG   C N N 271 
MET SD   S N N 272 
MET CE   C N N 273 
MET OXT  O N N 274 
MET H    H N N 275 
MET H2   H N N 276 
MET HA   H N N 277 
MET HB2  H N N 278 
MET HB3  H N N 279 
MET HG2  H N N 280 
MET HG3  H N N 281 
MET HE1  H N N 282 
MET HE2  H N N 283 
MET HE3  H N N 284 
MET HXT  H N N 285 
NDP PA   P N S 286 
NDP O1A  O N N 287 
NDP O2A  O N N 288 
NDP O5B  O N N 289 
NDP C5B  C N N 290 
NDP C4B  C N R 291 
NDP O4B  O N N 292 
NDP C3B  C N R 293 
NDP O3B  O N N 294 
NDP C2B  C N R 295 
NDP O2B  O N N 296 
NDP C1B  C N R 297 
NDP N9A  N Y N 298 
NDP C8A  C Y N 299 
NDP N7A  N Y N 300 
NDP C5A  C Y N 301 
NDP C6A  C Y N 302 
NDP N6A  N N N 303 
NDP N1A  N Y N 304 
NDP C2A  C Y N 305 
NDP N3A  N Y N 306 
NDP C4A  C Y N 307 
NDP O3   O N N 308 
NDP PN   P N S 309 
NDP O1N  O N N 310 
NDP O2N  O N N 311 
NDP O5D  O N N 312 
NDP C5D  C N N 313 
NDP C4D  C N R 314 
NDP O4D  O N N 315 
NDP C3D  C N S 316 
NDP O3D  O N N 317 
NDP C2D  C N R 318 
NDP O2D  O N N 319 
NDP C1D  C N R 320 
NDP N1N  N N N 321 
NDP C2N  C N N 322 
NDP C3N  C N N 323 
NDP C7N  C N N 324 
NDP O7N  O N N 325 
NDP N7N  N N N 326 
NDP C4N  C N N 327 
NDP C5N  C N N 328 
NDP C6N  C N N 329 
NDP P2B  P N N 330 
NDP O1X  O N N 331 
NDP O2X  O N N 332 
NDP O3X  O N N 333 
NDP HOA2 H N N 334 
NDP H51A H N N 335 
NDP H52A H N N 336 
NDP H4B  H N N 337 
NDP H3B  H N N 338 
NDP HO3A H N N 339 
NDP H2B  H N N 340 
NDP H1B  H N N 341 
NDP H8A  H N N 342 
NDP H61A H N N 343 
NDP H62A H N N 344 
NDP H2A  H N N 345 
NDP H21N H N N 346 
NDP H51N H N N 347 
NDP H52N H N N 348 
NDP H4D  H N N 349 
NDP H3D  H N N 350 
NDP HO3N H N N 351 
NDP H2D  H N N 352 
NDP HO2N H N N 353 
NDP H1D  H N N 354 
NDP H2N  H N N 355 
NDP H71N H N N 356 
NDP H72N H N N 357 
NDP H41N H N N 358 
NDP H42N H N N 359 
NDP H5N  H N N 360 
NDP H6N  H N N 361 
NDP HOP2 H N N 362 
NDP HOP3 H N N 363 
PHE N    N N N 364 
PHE CA   C N S 365 
PHE C    C N N 366 
PHE O    O N N 367 
PHE CB   C N N 368 
PHE CG   C Y N 369 
PHE CD1  C Y N 370 
PHE CD2  C Y N 371 
PHE CE1  C Y N 372 
PHE CE2  C Y N 373 
PHE CZ   C Y N 374 
PHE OXT  O N N 375 
PHE H    H N N 376 
PHE H2   H N N 377 
PHE HA   H N N 378 
PHE HB2  H N N 379 
PHE HB3  H N N 380 
PHE HD1  H N N 381 
PHE HD2  H N N 382 
PHE HE1  H N N 383 
PHE HE2  H N N 384 
PHE HZ   H N N 385 
PHE HXT  H N N 386 
PRO N    N N N 387 
PRO CA   C N S 388 
PRO C    C N N 389 
PRO O    O N N 390 
PRO CB   C N N 391 
PRO CG   C N N 392 
PRO CD   C N N 393 
PRO OXT  O N N 394 
PRO H    H N N 395 
PRO HA   H N N 396 
PRO HB2  H N N 397 
PRO HB3  H N N 398 
PRO HG2  H N N 399 
PRO HG3  H N N 400 
PRO HD2  H N N 401 
PRO HD3  H N N 402 
PRO HXT  H N N 403 
SER N    N N N 404 
SER CA   C N S 405 
SER C    C N N 406 
SER O    O N N 407 
SER CB   C N N 408 
SER OG   O N N 409 
SER OXT  O N N 410 
SER H    H N N 411 
SER H2   H N N 412 
SER HA   H N N 413 
SER HB2  H N N 414 
SER HB3  H N N 415 
SER HG   H N N 416 
SER HXT  H N N 417 
THR N    N N N 418 
THR CA   C N S 419 
THR C    C N N 420 
THR O    O N N 421 
THR CB   C N R 422 
THR OG1  O N N 423 
THR CG2  C N N 424 
THR OXT  O N N 425 
THR H    H N N 426 
THR H2   H N N 427 
THR HA   H N N 428 
THR HB   H N N 429 
THR HG1  H N N 430 
THR HG21 H N N 431 
THR HG22 H N N 432 
THR HG23 H N N 433 
THR HXT  H N N 434 
TRP N    N N N 435 
TRP CA   C N S 436 
TRP C    C N N 437 
TRP O    O N N 438 
TRP CB   C N N 439 
TRP CG   C Y N 440 
TRP CD1  C Y N 441 
TRP CD2  C Y N 442 
TRP NE1  N Y N 443 
TRP CE2  C Y N 444 
TRP CE3  C Y N 445 
TRP CZ2  C Y N 446 
TRP CZ3  C Y N 447 
TRP CH2  C Y N 448 
TRP OXT  O N N 449 
TRP H    H N N 450 
TRP H2   H N N 451 
TRP HA   H N N 452 
TRP HB2  H N N 453 
TRP HB3  H N N 454 
TRP HD1  H N N 455 
TRP HE1  H N N 456 
TRP HE3  H N N 457 
TRP HZ2  H N N 458 
TRP HZ3  H N N 459 
TRP HH2  H N N 460 
TRP HXT  H N N 461 
TYR N    N N N 462 
TYR CA   C N S 463 
TYR C    C N N 464 
TYR O    O N N 465 
TYR CB   C N N 466 
TYR CG   C Y N 467 
TYR CD1  C Y N 468 
TYR CD2  C Y N 469 
TYR CE1  C Y N 470 
TYR CE2  C Y N 471 
TYR CZ   C Y N 472 
TYR OH   O N N 473 
TYR OXT  O N N 474 
TYR H    H N N 475 
TYR H2   H N N 476 
TYR HA   H N N 477 
TYR HB2  H N N 478 
TYR HB3  H N N 479 
TYR HD1  H N N 480 
TYR HD2  H N N 481 
TYR HE1  H N N 482 
TYR HE2  H N N 483 
TYR HH   H N N 484 
TYR HXT  H N N 485 
VAL N    N N N 486 
VAL CA   C N S 487 
VAL C    C N N 488 
VAL O    O N N 489 
VAL CB   C N N 490 
VAL CG1  C N N 491 
VAL CG2  C N N 492 
VAL OXT  O N N 493 
VAL H    H N N 494 
VAL H2   H N N 495 
VAL HA   H N N 496 
VAL HB   H N N 497 
VAL HG11 H N N 498 
VAL HG12 H N N 499 
VAL HG13 H N N 500 
VAL HG21 H N N 501 
VAL HG22 H N N 502 
VAL HG23 H N N 503 
VAL HXT  H N N 504 
# 
loop_
_chem_comp_bond.comp_id 
_chem_comp_bond.atom_id_1 
_chem_comp_bond.atom_id_2 
_chem_comp_bond.value_order 
_chem_comp_bond.pdbx_aromatic_flag 
_chem_comp_bond.pdbx_stereo_config 
_chem_comp_bond.pdbx_ordinal 
55V C1P O1O  sing N N 1   
55V C1P H1P  sing N N 2   
55V C1P H1PA sing N N 3   
55V C1P H1PB sing N N 4   
55V O1O C1N  sing N N 5   
55V C1M C1N  doub Y N 6   
55V C1N C1Q  sing Y N 7   
55V C1M C1L  sing Y N 8   
55V C1M H1M  sing N N 9   
55V C1Q O1V  sing N N 10  
55V C1Q C1R  doub Y N 11  
55V O1V C1W  sing N N 12  
55V C1W H1W  sing N N 13  
55V C1W H1WA sing N N 14  
55V C1W H1WB sing N N 15  
55V C1S C1R  sing Y N 16  
55V C1R O1T  sing N N 17  
55V O1T C1U  sing N N 18  
55V C1U H1U  sing N N 19  
55V C1U H1UA sing N N 20  
55V C1U H1UB sing N N 21  
55V C1L C1S  doub Y N 22  
55V C1S H1S  sing N N 23  
55V C1J C1L  sing N N 24  
55V C1K C1J  sing N N 25  
55V C1J C1I  sing N N 26  
55V C1J C1X  sing N N 27  
55V C1K H1K  sing N N 28  
55V C1K H1KA sing N N 29  
55V C1K H1KB sing N N 30  
55V C1X H1X  sing N N 31  
55V C1X H1XA sing N N 32  
55V C1X H1XB sing N N 33  
55V C1I C1H  trip N N 34  
55V C1H C5   sing N N 35  
55V C4  C5   doub Y N 36  
55V C5  C6   sing Y N 37  
55V C1Y C4   sing N N 38  
55V C4  N3   sing Y N 39  
55V C1Y H1Y  sing N N 40  
55V C1Y H1YA sing N N 41  
55V C1Y H1YB sing N N 42  
55V N3  C2   doub Y N 43  
55V C2  N1Z  sing N N 44  
55V C2  N1   sing Y N 45  
55V N1Z HN1Z sing N N 46  
55V N1Z HN1A sing N N 47  
55V C6  N1   doub Y N 48  
55V C6  N1G  sing N N 49  
55V N1G HN1G sing N N 50  
55V N1G HN1B sing N N 51  
ALA N   CA   sing N N 52  
ALA N   H    sing N N 53  
ALA N   H2   sing N N 54  
ALA CA  C    sing N N 55  
ALA CA  CB   sing N N 56  
ALA CA  HA   sing N N 57  
ALA C   O    doub N N 58  
ALA C   OXT  sing N N 59  
ALA CB  HB1  sing N N 60  
ALA CB  HB2  sing N N 61  
ALA CB  HB3  sing N N 62  
ALA OXT HXT  sing N N 63  
ARG N   CA   sing N N 64  
ARG N   H    sing N N 65  
ARG N   H2   sing N N 66  
ARG CA  C    sing N N 67  
ARG CA  CB   sing N N 68  
ARG CA  HA   sing N N 69  
ARG C   O    doub N N 70  
ARG C   OXT  sing N N 71  
ARG CB  CG   sing N N 72  
ARG CB  HB2  sing N N 73  
ARG CB  HB3  sing N N 74  
ARG CG  CD   sing N N 75  
ARG CG  HG2  sing N N 76  
ARG CG  HG3  sing N N 77  
ARG CD  NE   sing N N 78  
ARG CD  HD2  sing N N 79  
ARG CD  HD3  sing N N 80  
ARG NE  CZ   sing N N 81  
ARG NE  HE   sing N N 82  
ARG CZ  NH1  sing N N 83  
ARG CZ  NH2  doub N N 84  
ARG NH1 HH11 sing N N 85  
ARG NH1 HH12 sing N N 86  
ARG NH2 HH21 sing N N 87  
ARG NH2 HH22 sing N N 88  
ARG OXT HXT  sing N N 89  
ASN N   CA   sing N N 90  
ASN N   H    sing N N 91  
ASN N   H2   sing N N 92  
ASN CA  C    sing N N 93  
ASN CA  CB   sing N N 94  
ASN CA  HA   sing N N 95  
ASN C   O    doub N N 96  
ASN C   OXT  sing N N 97  
ASN CB  CG   sing N N 98  
ASN CB  HB2  sing N N 99  
ASN CB  HB3  sing N N 100 
ASN CG  OD1  doub N N 101 
ASN CG  ND2  sing N N 102 
ASN ND2 HD21 sing N N 103 
ASN ND2 HD22 sing N N 104 
ASN OXT HXT  sing N N 105 
ASP N   CA   sing N N 106 
ASP N   H    sing N N 107 
ASP N   H2   sing N N 108 
ASP CA  C    sing N N 109 
ASP CA  CB   sing N N 110 
ASP CA  HA   sing N N 111 
ASP C   O    doub N N 112 
ASP C   OXT  sing N N 113 
ASP CB  CG   sing N N 114 
ASP CB  HB2  sing N N 115 
ASP CB  HB3  sing N N 116 
ASP CG  OD1  doub N N 117 
ASP CG  OD2  sing N N 118 
ASP OD2 HD2  sing N N 119 
ASP OXT HXT  sing N N 120 
GLN N   CA   sing N N 121 
GLN N   H    sing N N 122 
GLN N   H2   sing N N 123 
GLN CA  C    sing N N 124 
GLN CA  CB   sing N N 125 
GLN CA  HA   sing N N 126 
GLN C   O    doub N N 127 
GLN C   OXT  sing N N 128 
GLN CB  CG   sing N N 129 
GLN CB  HB2  sing N N 130 
GLN CB  HB3  sing N N 131 
GLN CG  CD   sing N N 132 
GLN CG  HG2  sing N N 133 
GLN CG  HG3  sing N N 134 
GLN CD  OE1  doub N N 135 
GLN CD  NE2  sing N N 136 
GLN NE2 HE21 sing N N 137 
GLN NE2 HE22 sing N N 138 
GLN OXT HXT  sing N N 139 
GLU N   CA   sing N N 140 
GLU N   H    sing N N 141 
GLU N   H2   sing N N 142 
GLU CA  C    sing N N 143 
GLU CA  CB   sing N N 144 
GLU CA  HA   sing N N 145 
GLU C   O    doub N N 146 
GLU C   OXT  sing N N 147 
GLU CB  CG   sing N N 148 
GLU CB  HB2  sing N N 149 
GLU CB  HB3  sing N N 150 
GLU CG  CD   sing N N 151 
GLU CG  HG2  sing N N 152 
GLU CG  HG3  sing N N 153 
GLU CD  OE1  doub N N 154 
GLU CD  OE2  sing N N 155 
GLU OE2 HE2  sing N N 156 
GLU OXT HXT  sing N N 157 
GLY N   CA   sing N N 158 
GLY N   H    sing N N 159 
GLY N   H2   sing N N 160 
GLY CA  C    sing N N 161 
GLY CA  HA2  sing N N 162 
GLY CA  HA3  sing N N 163 
GLY C   O    doub N N 164 
GLY C   OXT  sing N N 165 
GLY OXT HXT  sing N N 166 
HIS N   CA   sing N N 167 
HIS N   H    sing N N 168 
HIS N   H2   sing N N 169 
HIS CA  C    sing N N 170 
HIS CA  CB   sing N N 171 
HIS CA  HA   sing N N 172 
HIS C   O    doub N N 173 
HIS C   OXT  sing N N 174 
HIS CB  CG   sing N N 175 
HIS CB  HB2  sing N N 176 
HIS CB  HB3  sing N N 177 
HIS CG  ND1  sing Y N 178 
HIS CG  CD2  doub Y N 179 
HIS ND1 CE1  doub Y N 180 
HIS ND1 HD1  sing N N 181 
HIS CD2 NE2  sing Y N 182 
HIS CD2 HD2  sing N N 183 
HIS CE1 NE2  sing Y N 184 
HIS CE1 HE1  sing N N 185 
HIS NE2 HE2  sing N N 186 
HIS OXT HXT  sing N N 187 
HOH O   H1   sing N N 188 
HOH O   H2   sing N N 189 
ILE N   CA   sing N N 190 
ILE N   H    sing N N 191 
ILE N   H2   sing N N 192 
ILE CA  C    sing N N 193 
ILE CA  CB   sing N N 194 
ILE CA  HA   sing N N 195 
ILE C   O    doub N N 196 
ILE C   OXT  sing N N 197 
ILE CB  CG1  sing N N 198 
ILE CB  CG2  sing N N 199 
ILE CB  HB   sing N N 200 
ILE CG1 CD1  sing N N 201 
ILE CG1 HG12 sing N N 202 
ILE CG1 HG13 sing N N 203 
ILE CG2 HG21 sing N N 204 
ILE CG2 HG22 sing N N 205 
ILE CG2 HG23 sing N N 206 
ILE CD1 HD11 sing N N 207 
ILE CD1 HD12 sing N N 208 
ILE CD1 HD13 sing N N 209 
ILE OXT HXT  sing N N 210 
LEU N   CA   sing N N 211 
LEU N   H    sing N N 212 
LEU N   H2   sing N N 213 
LEU CA  C    sing N N 214 
LEU CA  CB   sing N N 215 
LEU CA  HA   sing N N 216 
LEU C   O    doub N N 217 
LEU C   OXT  sing N N 218 
LEU CB  CG   sing N N 219 
LEU CB  HB2  sing N N 220 
LEU CB  HB3  sing N N 221 
LEU CG  CD1  sing N N 222 
LEU CG  CD2  sing N N 223 
LEU CG  HG   sing N N 224 
LEU CD1 HD11 sing N N 225 
LEU CD1 HD12 sing N N 226 
LEU CD1 HD13 sing N N 227 
LEU CD2 HD21 sing N N 228 
LEU CD2 HD22 sing N N 229 
LEU CD2 HD23 sing N N 230 
LEU OXT HXT  sing N N 231 
LYS N   CA   sing N N 232 
LYS N   H    sing N N 233 
LYS N   H2   sing N N 234 
LYS CA  C    sing N N 235 
LYS CA  CB   sing N N 236 
LYS CA  HA   sing N N 237 
LYS C   O    doub N N 238 
LYS C   OXT  sing N N 239 
LYS CB  CG   sing N N 240 
LYS CB  HB2  sing N N 241 
LYS CB  HB3  sing N N 242 
LYS CG  CD   sing N N 243 
LYS CG  HG2  sing N N 244 
LYS CG  HG3  sing N N 245 
LYS CD  CE   sing N N 246 
LYS CD  HD2  sing N N 247 
LYS CD  HD3  sing N N 248 
LYS CE  NZ   sing N N 249 
LYS CE  HE2  sing N N 250 
LYS CE  HE3  sing N N 251 
LYS NZ  HZ1  sing N N 252 
LYS NZ  HZ2  sing N N 253 
LYS NZ  HZ3  sing N N 254 
LYS OXT HXT  sing N N 255 
MET N   CA   sing N N 256 
MET N   H    sing N N 257 
MET N   H2   sing N N 258 
MET CA  C    sing N N 259 
MET CA  CB   sing N N 260 
MET CA  HA   sing N N 261 
MET C   O    doub N N 262 
MET C   OXT  sing N N 263 
MET CB  CG   sing N N 264 
MET CB  HB2  sing N N 265 
MET CB  HB3  sing N N 266 
MET CG  SD   sing N N 267 
MET CG  HG2  sing N N 268 
MET CG  HG3  sing N N 269 
MET SD  CE   sing N N 270 
MET CE  HE1  sing N N 271 
MET CE  HE2  sing N N 272 
MET CE  HE3  sing N N 273 
MET OXT HXT  sing N N 274 
NDP PA  O1A  doub N N 275 
NDP PA  O2A  sing N N 276 
NDP PA  O5B  sing N N 277 
NDP PA  O3   sing N N 278 
NDP O2A HOA2 sing N N 279 
NDP O5B C5B  sing N N 280 
NDP C5B C4B  sing N N 281 
NDP C5B H51A sing N N 282 
NDP C5B H52A sing N N 283 
NDP C4B O4B  sing N N 284 
NDP C4B C3B  sing N N 285 
NDP C4B H4B  sing N N 286 
NDP O4B C1B  sing N N 287 
NDP C3B O3B  sing N N 288 
NDP C3B C2B  sing N N 289 
NDP C3B H3B  sing N N 290 
NDP O3B HO3A sing N N 291 
NDP C2B O2B  sing N N 292 
NDP C2B C1B  sing N N 293 
NDP C2B H2B  sing N N 294 
NDP O2B P2B  sing N N 295 
NDP C1B N9A  sing N N 296 
NDP C1B H1B  sing N N 297 
NDP N9A C8A  sing Y N 298 
NDP N9A C4A  sing Y N 299 
NDP C8A N7A  doub Y N 300 
NDP C8A H8A  sing N N 301 
NDP N7A C5A  sing Y N 302 
NDP C5A C6A  sing Y N 303 
NDP C5A C4A  doub Y N 304 
NDP C6A N6A  sing N N 305 
NDP C6A N1A  doub Y N 306 
NDP N6A H61A sing N N 307 
NDP N6A H62A sing N N 308 
NDP N1A C2A  sing Y N 309 
NDP C2A N3A  doub Y N 310 
NDP C2A H2A  sing N N 311 
NDP N3A C4A  sing Y N 312 
NDP O3  PN   sing N N 313 
NDP PN  O1N  doub N N 314 
NDP PN  O2N  sing N N 315 
NDP PN  O5D  sing N N 316 
NDP O2N H21N sing N N 317 
NDP O5D C5D  sing N N 318 
NDP C5D C4D  sing N N 319 
NDP C5D H51N sing N N 320 
NDP C5D H52N sing N N 321 
NDP C4D O4D  sing N N 322 
NDP C4D C3D  sing N N 323 
NDP C4D H4D  sing N N 324 
NDP O4D C1D  sing N N 325 
NDP C3D O3D  sing N N 326 
NDP C3D C2D  sing N N 327 
NDP C3D H3D  sing N N 328 
NDP O3D HO3N sing N N 329 
NDP C2D O2D  sing N N 330 
NDP C2D C1D  sing N N 331 
NDP C2D H2D  sing N N 332 
NDP O2D HO2N sing N N 333 
NDP C1D N1N  sing N N 334 
NDP C1D H1D  sing N N 335 
NDP N1N C2N  sing N N 336 
NDP N1N C6N  sing N N 337 
NDP C2N C3N  doub N N 338 
NDP C2N H2N  sing N N 339 
NDP C3N C7N  sing N N 340 
NDP C3N C4N  sing N N 341 
NDP C7N O7N  doub N N 342 
NDP C7N N7N  sing N N 343 
NDP N7N H71N sing N N 344 
NDP N7N H72N sing N N 345 
NDP C4N C5N  sing N N 346 
NDP C4N H41N sing N N 347 
NDP C4N H42N sing N N 348 
NDP C5N C6N  doub N N 349 
NDP C5N H5N  sing N N 350 
NDP C6N H6N  sing N N 351 
NDP P2B O1X  doub N N 352 
NDP P2B O2X  sing N N 353 
NDP P2B O3X  sing N N 354 
NDP O2X HOP2 sing N N 355 
NDP O3X HOP3 sing N N 356 
PHE N   CA   sing N N 357 
PHE N   H    sing N N 358 
PHE N   H2   sing N N 359 
PHE CA  C    sing N N 360 
PHE CA  CB   sing N N 361 
PHE CA  HA   sing N N 362 
PHE C   O    doub N N 363 
PHE C   OXT  sing N N 364 
PHE CB  CG   sing N N 365 
PHE CB  HB2  sing N N 366 
PHE CB  HB3  sing N N 367 
PHE CG  CD1  doub Y N 368 
PHE CG  CD2  sing Y N 369 
PHE CD1 CE1  sing Y N 370 
PHE CD1 HD1  sing N N 371 
PHE CD2 CE2  doub Y N 372 
PHE CD2 HD2  sing N N 373 
PHE CE1 CZ   doub Y N 374 
PHE CE1 HE1  sing N N 375 
PHE CE2 CZ   sing Y N 376 
PHE CE2 HE2  sing N N 377 
PHE CZ  HZ   sing N N 378 
PHE OXT HXT  sing N N 379 
PRO N   CA   sing N N 380 
PRO N   CD   sing N N 381 
PRO N   H    sing N N 382 
PRO CA  C    sing N N 383 
PRO CA  CB   sing N N 384 
PRO CA  HA   sing N N 385 
PRO C   O    doub N N 386 
PRO C   OXT  sing N N 387 
PRO CB  CG   sing N N 388 
PRO CB  HB2  sing N N 389 
PRO CB  HB3  sing N N 390 
PRO CG  CD   sing N N 391 
PRO CG  HG2  sing N N 392 
PRO CG  HG3  sing N N 393 
PRO CD  HD2  sing N N 394 
PRO CD  HD3  sing N N 395 
PRO OXT HXT  sing N N 396 
SER N   CA   sing N N 397 
SER N   H    sing N N 398 
SER N   H2   sing N N 399 
SER CA  C    sing N N 400 
SER CA  CB   sing N N 401 
SER CA  HA   sing N N 402 
SER C   O    doub N N 403 
SER C   OXT  sing N N 404 
SER CB  OG   sing N N 405 
SER CB  HB2  sing N N 406 
SER CB  HB3  sing N N 407 
SER OG  HG   sing N N 408 
SER OXT HXT  sing N N 409 
THR N   CA   sing N N 410 
THR N   H    sing N N 411 
THR N   H2   sing N N 412 
THR CA  C    sing N N 413 
THR CA  CB   sing N N 414 
THR CA  HA   sing N N 415 
THR C   O    doub N N 416 
THR C   OXT  sing N N 417 
THR CB  OG1  sing N N 418 
THR CB  CG2  sing N N 419 
THR CB  HB   sing N N 420 
THR OG1 HG1  sing N N 421 
THR CG2 HG21 sing N N 422 
THR CG2 HG22 sing N N 423 
THR CG2 HG23 sing N N 424 
THR OXT HXT  sing N N 425 
TRP N   CA   sing N N 426 
TRP N   H    sing N N 427 
TRP N   H2   sing N N 428 
TRP CA  C    sing N N 429 
TRP CA  CB   sing N N 430 
TRP CA  HA   sing N N 431 
TRP C   O    doub N N 432 
TRP C   OXT  sing N N 433 
TRP CB  CG   sing N N 434 
TRP CB  HB2  sing N N 435 
TRP CB  HB3  sing N N 436 
TRP CG  CD1  doub Y N 437 
TRP CG  CD2  sing Y N 438 
TRP CD1 NE1  sing Y N 439 
TRP CD1 HD1  sing N N 440 
TRP CD2 CE2  doub Y N 441 
TRP CD2 CE3  sing Y N 442 
TRP NE1 CE2  sing Y N 443 
TRP NE1 HE1  sing N N 444 
TRP CE2 CZ2  sing Y N 445 
TRP CE3 CZ3  doub Y N 446 
TRP CE3 HE3  sing N N 447 
TRP CZ2 CH2  doub Y N 448 
TRP CZ2 HZ2  sing N N 449 
TRP CZ3 CH2  sing Y N 450 
TRP CZ3 HZ3  sing N N 451 
TRP CH2 HH2  sing N N 452 
TRP OXT HXT  sing N N 453 
TYR N   CA   sing N N 454 
TYR N   H    sing N N 455 
TYR N   H2   sing N N 456 
TYR CA  C    sing N N 457 
TYR CA  CB   sing N N 458 
TYR CA  HA   sing N N 459 
TYR C   O    doub N N 460 
TYR C   OXT  sing N N 461 
TYR CB  CG   sing N N 462 
TYR CB  HB2  sing N N 463 
TYR CB  HB3  sing N N 464 
TYR CG  CD1  doub Y N 465 
TYR CG  CD2  sing Y N 466 
TYR CD1 CE1  sing Y N 467 
TYR CD1 HD1  sing N N 468 
TYR CD2 CE2  doub Y N 469 
TYR CD2 HD2  sing N N 470 
TYR CE1 CZ   doub Y N 471 
TYR CE1 HE1  sing N N 472 
TYR CE2 CZ   sing Y N 473 
TYR CE2 HE2  sing N N 474 
TYR CZ  OH   sing N N 475 
TYR OH  HH   sing N N 476 
TYR OXT HXT  sing N N 477 
VAL N   CA   sing N N 478 
VAL N   H    sing N N 479 
VAL N   H2   sing N N 480 
VAL CA  C    sing N N 481 
VAL CA  CB   sing N N 482 
VAL CA  HA   sing N N 483 
VAL C   O    doub N N 484 
VAL C   OXT  sing N N 485 
VAL CB  CG1  sing N N 486 
VAL CB  CG2  sing N N 487 
VAL CB  HB   sing N N 488 
VAL CG1 HG11 sing N N 489 
VAL CG1 HG12 sing N N 490 
VAL CG1 HG13 sing N N 491 
VAL CG2 HG21 sing N N 492 
VAL CG2 HG22 sing N N 493 
VAL CG2 HG23 sing N N 494 
VAL OXT HXT  sing N N 495 
# 
_pdbx_initial_refinement_model.accession_code   ? 
_pdbx_initial_refinement_model.id               1 
_pdbx_initial_refinement_model.entity_id_list   ? 
_pdbx_initial_refinement_model.type             other 
_pdbx_initial_refinement_model.source_name      ? 
_pdbx_initial_refinement_model.details          
'Sa F98Y DHFR bound to Folate and NADPH (Dale et al., J.Mol.Biol. 1997, structure not deposited in the PDB)' 
# 
_atom_sites.entry_id                    3FQF 
_atom_sites.fract_transf_matrix[1][1]   0.01057270 
_atom_sites.fract_transf_matrix[1][2]   -0.00984835 
_atom_sites.fract_transf_matrix[1][3]   -0.00191913 
_atom_sites.fract_transf_matrix[2][1]   0.01196523 
_atom_sites.fract_transf_matrix[2][2]   0.00352795 
_atom_sites.fract_transf_matrix[2][3]   -0.00753967 
_atom_sites.fract_transf_matrix[3][1]   0.00404959 
_atom_sites.fract_transf_matrix[3][2]   0.00283647 
_atom_sites.fract_transf_matrix[3][3]   0.00775382 
_atom_sites.fract_transf_vector[1]      -0.401166 
_atom_sites.fract_transf_vector[2]      -0.173368 
_atom_sites.fract_transf_vector[3]      0.356710 
# 
loop_
_atom_type.symbol 
C 
N 
O 
P 
S 
# 
loop_
_atom_site.group_PDB 
_atom_site.id 
_atom_site.type_symbol 
_atom_site.label_atom_id 
_atom_site.label_alt_id 
_atom_site.label_comp_id 
_atom_site.label_asym_id 
_atom_site.label_entity_id 
_atom_site.label_seq_id 
_atom_site.pdbx_PDB_ins_code 
_atom_site.Cartn_x 
_atom_site.Cartn_y 
_atom_site.Cartn_z 
_atom_site.occupancy 
_atom_site.B_iso_or_equiv 
_atom_site.pdbx_formal_charge 
_atom_site.auth_seq_id 
_atom_site.auth_comp_id 
_atom_site.auth_asym_id 
_atom_site.auth_atom_id 
_atom_site.pdbx_PDB_model_num 
ATOM   1    N N   . THR A 1 1   ? -5.939  -6.847  -12.855 1.00 17.26  ? 1   THR A N   1 
ATOM   2    C CA  . THR A 1 1   ? -4.605  -7.022  -12.217 1.00 17.07  ? 1   THR A CA  1 
ATOM   3    C C   . THR A 1 1   ? -4.724  -6.682  -10.732 1.00 15.85  ? 1   THR A C   1 
ATOM   4    O O   . THR A 1 1   ? -5.342  -5.685  -10.369 1.00 16.49  ? 1   THR A O   1 
ATOM   5    C CB  . THR A 1 1   ? -3.555  -6.123  -12.883 1.00 17.32  ? 1   THR A CB  1 
ATOM   6    O OG1 . THR A 1 1   ? -3.689  -6.211  -14.311 1.00 20.00  ? 1   THR A OG1 1 
ATOM   7    C CG2 . THR A 1 1   ? -2.138  -6.536  -12.480 1.00 18.18  ? 1   THR A CG2 1 
ATOM   8    N N   . LEU A 1 2   ? -4.140  -7.524  -9.886  1.00 14.48  ? 2   LEU A N   1 
ATOM   9    C CA  . LEU A 1 2   ? -4.177  -7.321  -8.442  1.00 12.93  ? 2   LEU A CA  1 
ATOM   10   C C   . LEU A 1 2   ? -2.759  -7.117  -7.922  1.00 11.64  ? 2   LEU A C   1 
ATOM   11   O O   . LEU A 1 2   ? -1.920  -8.014  -8.009  1.00 11.49  ? 2   LEU A O   1 
ATOM   12   C CB  . LEU A 1 2   ? -4.827  -8.526  -7.766  1.00 12.91  ? 2   LEU A CB  1 
ATOM   13   C CG  . LEU A 1 2   ? -5.130  -8.527  -6.267  1.00 13.15  ? 2   LEU A CG  1 
ATOM   14   C CD1 . LEU A 1 2   ? -6.029  -7.371  -5.859  1.00 14.57  ? 2   LEU A CD1 1 
ATOM   15   C CD2 . LEU A 1 2   ? -5.758  -9.872  -5.885  1.00 13.94  ? 2   LEU A CD2 1 
ATOM   16   N N   . SER A 1 3   ? -2.504  -5.937  -7.373  1.00 10.36  ? 3   SER A N   1 
ATOM   17   C CA  . SER A 1 3   ? -1.151  -5.562  -6.956  1.00 9.12   ? 3   SER A CA  1 
ATOM   18   C C   . SER A 1 3   ? -1.158  -5.128  -5.497  1.00 8.51   ? 3   SER A C   1 
ATOM   19   O O   . SER A 1 3   ? -2.183  -4.664  -4.994  1.00 8.29   ? 3   SER A O   1 
ATOM   20   C CB  . SER A 1 3   ? -0.648  -4.397  -7.812  1.00 9.19   ? 3   SER A CB  1 
ATOM   21   O OG  . SER A 1 3   ? -0.744  -4.683  -9.203  1.00 9.53   ? 3   SER A OG  1 
ATOM   22   N N   . ILE A 1 4   ? -0.016  -5.290  -4.830  1.00 6.96   ? 4   ILE A N   1 
ATOM   23   C CA  . ILE A 1 4   ? 0.243   -4.602  -3.570  1.00 6.61   ? 4   ILE A CA  1 
ATOM   24   C C   . ILE A 1 4   ? 0.950   -3.287  -3.861  1.00 5.89   ? 4   ILE A C   1 
ATOM   25   O O   . ILE A 1 4   ? 1.782   -3.206  -4.772  1.00 6.21   ? 4   ILE A O   1 
ATOM   26   C CB  . ILE A 1 4   ? 1.076   -5.471  -2.595  1.00 6.21   ? 4   ILE A CB  1 
ATOM   27   C CG1 . ILE A 1 4   ? 0.132   -6.396  -1.807  1.00 6.82   ? 4   ILE A CG1 1 
ATOM   28   C CG2 . ILE A 1 4   ? 1.941   -4.600  -1.637  1.00 6.39   ? 4   ILE A CG2 1 
ATOM   29   C CD1 . ILE A 1 4   ? 0.820   -7.561  -1.117  1.00 7.39   ? 4   ILE A CD1 1 
ATOM   30   N N   . LEU A 1 5   ? 0.588   -2.262  -3.097  1.00 5.47   ? 5   LEU A N   1 
ATOM   31   C CA  . LEU A 1 5   ? 1.267   -0.972  -3.121  1.00 4.79   ? 5   LEU A CA  1 
ATOM   32   C C   . LEU A 1 5   ? 1.611   -0.594  -1.691  1.00 4.98   ? 5   LEU A C   1 
ATOM   33   O O   . LEU A 1 5   ? 0.716   -0.363  -0.879  1.00 3.91   ? 5   LEU A O   1 
ATOM   34   C CB  . LEU A 1 5   ? 0.366   0.087   -3.748  1.00 5.58   ? 5   LEU A CB  1 
ATOM   35   C CG  . LEU A 1 5   ? 0.807   1.550   -3.884  1.00 5.16   ? 5   LEU A CG  1 
ATOM   36   C CD1 . LEU A 1 5   ? 2.136   1.680   -4.624  1.00 6.24   ? 5   LEU A CD1 1 
ATOM   37   C CD2 . LEU A 1 5   ? -0.295  2.345   -4.599  1.00 5.21   ? 5   LEU A CD2 1 
ATOM   38   N N   . VAL A 1 6   ? 2.907   -0.532  -1.390  1.00 3.84   ? 6   VAL A N   1 
ATOM   39   C CA  . VAL A 1 6   ? 3.351   -0.313  -0.014  1.00 3.63   ? 6   VAL A CA  1 
ATOM   40   C C   . VAL A 1 6   ? 4.702   0.392   0.055   1.00 3.91   ? 6   VAL A C   1 
ATOM   41   O O   . VAL A 1 6   ? 5.517   0.269   -0.856  1.00 3.63   ? 6   VAL A O   1 
ATOM   42   C CB  . VAL A 1 6   ? 3.421   -1.666  0.768   1.00 3.66   ? 6   VAL A CB  1 
ATOM   43   C CG1 . VAL A 1 6   ? 4.520   -2.574  0.207   1.00 4.58   ? 6   VAL A CG1 1 
ATOM   44   C CG2 . VAL A 1 6   ? 3.622   -1.430  2.277   1.00 3.39   ? 6   VAL A CG2 1 
ATOM   45   N N   . ALA A 1 7   ? 4.931   1.110   1.156   1.00 3.33   ? 7   ALA A N   1 
ATOM   46   C CA  . ALA A 1 7   ? 6.242   1.626   1.507   1.00 3.38   ? 7   ALA A CA  1 
ATOM   47   C C   . ALA A 1 7   ? 6.616   1.015   2.859   1.00 3.66   ? 7   ALA A C   1 
ATOM   48   O O   . ALA A 1 7   ? 5.841   1.087   3.808   1.00 3.55   ? 7   ALA A O   1 
ATOM   49   C CB  . ALA A 1 7   ? 6.206   3.155   1.599   1.00 3.09   ? 7   ALA A CB  1 
ATOM   50   N N   . HIS A 1 8   ? 7.794   0.404   2.931   1.00 3.87   ? 8   HIS A N   1 
ATOM   51   C CA  . HIS A 1 8   ? 8.270   -0.159  4.198   1.00 4.20   ? 8   HIS A CA  1 
ATOM   52   C C   . HIS A 1 8   ? 9.741   0.135   4.426   1.00 4.38   ? 8   HIS A C   1 
ATOM   53   O O   . HIS A 1 8   ? 10.489  0.380   3.470   1.00 4.31   ? 8   HIS A O   1 
ATOM   54   C CB  . HIS A 1 8   ? 7.938   -1.656  4.323   1.00 3.78   ? 8   HIS A CB  1 
ATOM   55   C CG  . HIS A 1 8   ? 8.775   -2.570  3.474   1.00 4.23   ? 8   HIS A CG  1 
ATOM   56   N ND1 . HIS A 1 8   ? 10.122  -2.766  3.691   1.00 3.89   ? 8   HIS A ND1 1 
ATOM   57   C CD2 . HIS A 1 8   ? 8.434   -3.402  2.462   1.00 4.11   ? 8   HIS A CD2 1 
ATOM   58   C CE1 . HIS A 1 8   ? 10.585  -3.642  2.816   1.00 5.14   ? 8   HIS A CE1 1 
ATOM   59   N NE2 . HIS A 1 8   ? 9.579   -4.052  2.065   1.00 4.88   ? 8   HIS A NE2 1 
ATOM   60   N N   . ASP A 1 9   ? 10.161  0.138   5.690   1.00 4.21   ? 9   ASP A N   1 
ATOM   61   C CA  . ASP A 1 9   ? 11.564  0.423   5.984   1.00 4.42   ? 9   ASP A CA  1 
ATOM   62   C C   . ASP A 1 9   ? 12.410  -0.860  5.989   1.00 4.73   ? 9   ASP A C   1 
ATOM   63   O O   . ASP A 1 9   ? 11.937  -1.914  5.580   1.00 4.74   ? 9   ASP A O   1 
ATOM   64   C CB  . ASP A 1 9   ? 11.713  1.263   7.266   1.00 4.05   ? 9   ASP A CB  1 
ATOM   65   C CG  . ASP A 1 9   ? 11.629  0.443   8.546   1.00 4.83   ? 9   ASP A CG  1 
ATOM   66   O OD1 . ASP A 1 9   ? 11.418  -0.781  8.488   1.00 4.61   ? 9   ASP A OD1 1 
ATOM   67   O OD2 . ASP A 1 9   ? 11.783  1.049   9.627   1.00 6.16   ? 9   ASP A OD2 1 
ATOM   68   N N   . LEU A 1 10  ? 13.657  -0.769  6.444   1.00 5.54   ? 10  LEU A N   1 
ATOM   69   C CA  . LEU A 1 10  ? 14.568  -1.913  6.389   1.00 6.81   ? 10  LEU A CA  1 
ATOM   70   C C   . LEU A 1 10  ? 14.136  -3.127  7.214   1.00 7.28   ? 10  LEU A C   1 
ATOM   71   O O   . LEU A 1 10  ? 14.629  -4.240  6.989   1.00 8.11   ? 10  LEU A O   1 
ATOM   72   C CB  . LEU A 1 10  ? 15.974  -1.488  6.814   1.00 6.87   ? 10  LEU A CB  1 
ATOM   73   C CG  . LEU A 1 10  ? 16.666  -0.510  5.864   1.00 7.85   ? 10  LEU A CG  1 
ATOM   74   C CD1 . LEU A 1 10  ? 17.954  -0.020  6.494   1.00 8.96   ? 10  LEU A CD1 1 
ATOM   75   C CD2 . LEU A 1 10  ? 16.933  -1.164  4.510   1.00 6.88   ? 10  LEU A CD2 1 
ATOM   76   N N   . GLN A 1 11  ? 13.239  -2.898  8.168   1.00 7.48   ? 11  GLN A N   1 
ATOM   77   C CA  . GLN A 1 11  ? 12.754  -3.940  9.076   1.00 7.65   ? 11  GLN A CA  1 
ATOM   78   C C   . GLN A 1 11  ? 11.269  -4.184  8.829   1.00 6.86   ? 11  GLN A C   1 
ATOM   79   O O   . GLN A 1 11  ? 10.594  -4.820  9.648   1.00 6.59   ? 11  GLN A O   1 
ATOM   80   C CB  . GLN A 1 11  ? 12.955  -3.489  10.512  1.00 8.18   ? 11  GLN A CB  1 
ATOM   81   C CG  . GLN A 1 11  ? 13.726  -2.182  10.594  1.00 13.08  ? 11  GLN A CG  1 
ATOM   82   C CD  . GLN A 1 11  ? 13.563  -1.487  11.918  1.00 16.05  ? 11  GLN A CD  1 
ATOM   83   O OE1 . GLN A 1 11  ? 14.269  -1.809  12.888  1.00 17.29  ? 11  GLN A OE1 1 
ATOM   84   N NE2 . GLN A 1 11  ? 12.643  -0.506  11.970  1.00 12.75  ? 11  GLN A NE2 1 
ATOM   85   N N   . ARG A 1 12  ? 10.793  -3.684  7.687   1.00 5.58   ? 12  ARG A N   1 
ATOM   86   C CA  . ARG A 1 12  ? 9.406   -3.827  7.215   1.00 5.11   ? 12  ARG A CA  1 
ATOM   87   C C   . ARG A 1 12  ? 8.368   -3.020  8.008   1.00 4.52   ? 12  ARG A C   1 
ATOM   88   O O   . ARG A 1 12  ? 7.173   -3.293  7.911   1.00 4.84   ? 12  ARG A O   1 
ATOM   89   C CB  . ARG A 1 12  ? 8.989   -5.302  7.076   1.00 5.01   ? 12  ARG A CB  1 
ATOM   90   C CG  . ARG A 1 12  ? 9.510   -6.015  5.818   1.00 4.78   ? 12  ARG A CG  1 
ATOM   91   C CD  . ARG A 1 12  ? 9.251   -7.535  5.868   1.00 6.13   ? 12  ARG A CD  1 
ATOM   92   N NE  . ARG A 1 12  ? 10.057  -8.161  6.915   1.00 8.20   ? 12  ARG A NE  1 
ATOM   93   C CZ  . ARG A 1 12  ? 9.636   -8.459  8.143   1.00 9.11   ? 12  ARG A CZ  1 
ATOM   94   N NH1 . ARG A 1 12  ? 8.375   -8.230  8.519   1.00 8.16   ? 12  ARG A NH1 1 
ATOM   95   N NH2 . ARG A 1 12  ? 10.497  -8.997  9.004   1.00 9.02   ? 12  ARG A NH2 1 
ATOM   96   N N   . VAL A 1 13  ? 8.810   -2.019  8.765   1.00 3.81   ? 13  VAL A N   1 
ATOM   97   C CA  . VAL A 1 13  ? 7.861   -1.106  9.414   1.00 3.78   ? 13  VAL A CA  1 
ATOM   98   C C   . VAL A 1 13  ? 7.066   -0.354  8.342   1.00 3.62   ? 13  VAL A C   1 
ATOM   99   O O   . VAL A 1 13  ? 7.647   0.115   7.370   1.00 3.81   ? 13  VAL A O   1 
ATOM   100  C CB  . VAL A 1 13  ? 8.587   -0.089  10.315  1.00 3.84   ? 13  VAL A CB  1 
ATOM   101  C CG1 . VAL A 1 13  ? 7.644   1.037   10.736  1.00 3.32   ? 13  VAL A CG1 1 
ATOM   102  C CG2 . VAL A 1 13  ? 9.185   -0.790  11.550  1.00 3.52   ? 13  VAL A CG2 1 
ATOM   103  N N   . ILE A 1 14  ? 5.745   -0.266  8.514   1.00 3.71   ? 14  ILE A N   1 
ATOM   104  C CA  . ILE A 1 14  ? 4.896   0.536   7.619   1.00 4.29   ? 14  ILE A CA  1 
ATOM   105  C C   . ILE A 1 14  ? 4.148   1.679   8.343   1.00 4.63   ? 14  ILE A C   1 
ATOM   106  O O   . ILE A 1 14  ? 3.654   2.613   7.712   1.00 4.90   ? 14  ILE A O   1 
ATOM   107  C CB  . ILE A 1 14  ? 3.910   -0.348  6.775   1.00 4.06   ? 14  ILE A CB  1 
ATOM   108  C CG1 . ILE A 1 14  ? 2.890   -1.073  7.663   1.00 4.55   ? 14  ILE A CG1 1 
ATOM   109  C CG2 . ILE A 1 14  ? 4.681   -1.365  5.918   1.00 4.92   ? 14  ILE A CG2 1 
ATOM   110  C CD1 . ILE A 1 14  ? 1.732   -1.707  6.872   1.00 4.65   ? 14  ILE A CD1 1 
ATOM   111  N N   . GLY A 1 15  ? 4.082   1.613   9.672   1.00 4.85   ? 15  GLY A N   1 
ATOM   112  C CA  . GLY A 1 15  ? 3.338   2.626   10.425  1.00 4.93   ? 15  GLY A CA  1 
ATOM   113  C C   . GLY A 1 15  ? 3.721   2.718   11.886  1.00 5.27   ? 15  GLY A C   1 
ATOM   114  O O   . GLY A 1 15  ? 4.316   1.796   12.453  1.00 4.64   ? 15  GLY A O   1 
ATOM   115  N N   . PHE A 1 16  ? 3.398   3.857   12.483  1.00 5.56   ? 16  PHE A N   1 
ATOM   116  C CA  . PHE A 1 16  ? 3.529   4.032   13.927  1.00 6.61   ? 16  PHE A CA  1 
ATOM   117  C C   . PHE A 1 16  ? 2.452   4.993   14.393  1.00 7.54   ? 16  PHE A C   1 
ATOM   118  O O   . PHE A 1 16  ? 2.388   6.128   13.916  1.00 7.28   ? 16  PHE A O   1 
ATOM   119  C CB  . PHE A 1 16  ? 4.906   4.579   14.298  1.00 6.71   ? 16  PHE A CB  1 
ATOM   120  C CG  . PHE A 1 16  ? 5.104   4.758   15.781  1.00 7.92   ? 16  PHE A CG  1 
ATOM   121  C CD1 . PHE A 1 16  ? 5.195   6.035   16.335  1.00 10.76  ? 16  PHE A CD1 1 
ATOM   122  C CD2 . PHE A 1 16  ? 5.157   3.649   16.630  1.00 8.19   ? 16  PHE A CD2 1 
ATOM   123  C CE1 . PHE A 1 16  ? 5.366   6.206   17.710  1.00 10.75  ? 16  PHE A CE1 1 
ATOM   124  C CE2 . PHE A 1 16  ? 5.332   3.811   18.004  1.00 8.66   ? 16  PHE A CE2 1 
ATOM   125  C CZ  . PHE A 1 16  ? 5.431   5.094   18.544  1.00 10.20  ? 16  PHE A CZ  1 
ATOM   126  N N   . GLU A 1 17  ? 1.618   4.524   15.318  1.00 8.66   ? 17  GLU A N   1 
ATOM   127  C CA  . GLU A 1 17  ? 0.567   5.339   15.924  1.00 10.09  ? 17  GLU A CA  1 
ATOM   128  C C   . GLU A 1 17  ? -0.275  6.068   14.878  1.00 10.63  ? 17  GLU A C   1 
ATOM   129  O O   . GLU A 1 17  ? -0.441  7.294   14.937  1.00 10.49  ? 17  GLU A O   1 
ATOM   130  C CB  . GLU A 1 17  ? 1.173   6.326   16.917  1.00 10.90  ? 17  GLU A CB  1 
ATOM   131  C CG  . GLU A 1 17  ? 1.788   5.654   18.138  1.00 13.12  ? 17  GLU A CG  1 
ATOM   132  C CD  . GLU A 1 17  ? 2.174   6.634   19.222  1.00 17.59  ? 17  GLU A CD  1 
ATOM   133  O OE1 . GLU A 1 17  ? 2.408   7.823   18.918  1.00 20.73  ? 17  GLU A OE1 1 
ATOM   134  O OE2 . GLU A 1 17  ? 2.251   6.208   20.392  1.00 19.62  ? 17  GLU A OE2 1 
ATOM   135  N N   . ASN A 1 18  ? -0.788  5.293   13.928  1.00 11.59  ? 18  ASN A N   1 
ATOM   136  C CA  . ASN A 1 18  ? -1.696  5.780   12.872  1.00 12.71  ? 18  ASN A CA  1 
ATOM   137  C C   . ASN A 1 18  ? -1.062  6.754   11.876  1.00 13.00  ? 18  ASN A C   1 
ATOM   138  O O   . ASN A 1 18  ? -1.777  7.446   11.134  1.00 13.11  ? 18  ASN A O   1 
ATOM   139  C CB  . ASN A 1 18  ? -2.961  6.420   13.471  1.00 13.31  ? 18  ASN A CB  1 
ATOM   140  C CG  . ASN A 1 18  ? -3.853  5.425   14.207  1.00 15.40  ? 18  ASN A CG  1 
ATOM   141  O OD1 . ASN A 1 18  ? -3.646  4.209   14.169  1.00 18.86  ? 18  ASN A OD1 1 
ATOM   142  N ND2 . ASN A 1 18  ? -4.874  5.954   14.878  1.00 17.17  ? 18  ASN A ND2 1 
ATOM   143  N N   . GLN A 1 19  ? 0.270   6.820   11.862  1.00 12.57  ? 19  GLN A N   1 
ATOM   144  C CA  . GLN A 1 19  ? 0.995   7.723   10.965  1.00 12.62  ? 19  GLN A CA  1 
ATOM   145  C C   . GLN A 1 19  ? 2.028   6.979   10.140  1.00 12.01  ? 19  GLN A C   1 
ATOM   146  O O   . GLN A 1 19  ? 2.525   5.930   10.551  1.00 10.91  ? 19  GLN A O   1 
ATOM   147  C CB  . GLN A 1 19  ? 1.709   8.830   11.754  1.00 13.38  ? 19  GLN A CB  1 
ATOM   148  C CG  . GLN A 1 19  ? 0.799   9.711   12.615  1.00 15.61  ? 19  GLN A CG  1 
ATOM   149  C CD  . GLN A 1 19  ? -0.113  10.627  11.814  1.00 19.30  ? 19  GLN A CD  1 
ATOM   150  O OE1 . GLN A 1 19  ? 0.249   11.119  10.743  1.00 20.99  ? 19  GLN A OE1 1 
ATOM   151  N NE2 . GLN A 1 19  ? -1.308  10.876  12.349  1.00 22.27  ? 19  GLN A NE2 1 
ATOM   152  N N   . LEU A 1 20  ? 2.357   7.528   8.973   1.00 11.60  ? 20  LEU A N   1 
ATOM   153  C CA  . LEU A 1 20  ? 3.566   7.102   8.280   1.00 11.31  ? 20  LEU A CA  1 
ATOM   154  C C   . LEU A 1 20  ? 4.739   7.619   9.102   1.00 11.52  ? 20  LEU A C   1 
ATOM   155  O O   . LEU A 1 20  ? 4.767   8.800   9.461   1.00 11.97  ? 20  LEU A O   1 
ATOM   156  C CB  . LEU A 1 20  ? 3.634   7.677   6.872   1.00 11.14  ? 20  LEU A CB  1 
ATOM   157  C CG  . LEU A 1 20  ? 2.473   7.370   5.936   1.00 10.32  ? 20  LEU A CG  1 
ATOM   158  C CD1 . LEU A 1 20  ? 2.544   8.292   4.711   1.00 8.68   ? 20  LEU A CD1 1 
ATOM   159  C CD2 . LEU A 1 20  ? 2.487   5.898   5.521   1.00 10.52  ? 20  LEU A CD2 1 
ATOM   160  N N   . PRO A 1 21  ? 5.703   6.738   9.426   1.00 11.11  ? 21  PRO A N   1 
ATOM   161  C CA  . PRO A 1 21  ? 6.826   7.145   10.284  1.00 11.11  ? 21  PRO A CA  1 
ATOM   162  C C   . PRO A 1 21  ? 7.778   8.167   9.667   1.00 11.27  ? 21  PRO A C   1 
ATOM   163  O O   . PRO A 1 21  ? 8.515   8.837   10.399  1.00 11.29  ? 21  PRO A O   1 
ATOM   164  C CB  . PRO A 1 21  ? 7.566   5.821   10.537  1.00 10.57  ? 21  PRO A CB  1 
ATOM   165  C CG  . PRO A 1 21  ? 6.559   4.754   10.229  1.00 10.83  ? 21  PRO A CG  1 
ATOM   166  C CD  . PRO A 1 21  ? 5.791   5.311   9.072   1.00 11.23  ? 21  PRO A CD  1 
ATOM   167  N N   . TRP A 1 22  ? 7.748   8.285   8.339   1.00 10.90  ? 22  TRP A N   1 
ATOM   168  C CA  . TRP A 1 22  ? 8.644   9.151   7.570   1.00 10.92  ? 22  TRP A CA  1 
ATOM   169  C C   . TRP A 1 22  ? 7.863   10.148  6.714   1.00 11.65  ? 22  TRP A C   1 
ATOM   170  O O   . TRP A 1 22  ? 6.654   9.993   6.503   1.00 11.70  ? 22  TRP A O   1 
ATOM   171  C CB  . TRP A 1 22  ? 9.535   8.305   6.653   1.00 10.23  ? 22  TRP A CB  1 
ATOM   172  C CG  . TRP A 1 22  ? 8.730   7.302   5.892   1.00 9.42   ? 22  TRP A CG  1 
ATOM   173  C CD1 . TRP A 1 22  ? 7.985   7.525   4.757   1.00 9.14   ? 22  TRP A CD1 1 
ATOM   174  C CD2 . TRP A 1 22  ? 8.539   5.927   6.235   1.00 8.71   ? 22  TRP A CD2 1 
ATOM   175  N NE1 . TRP A 1 22  ? 7.350   6.367   4.376   1.00 8.67   ? 22  TRP A NE1 1 
ATOM   176  C CE2 . TRP A 1 22  ? 7.674   5.370   5.263   1.00 8.10   ? 22  TRP A CE2 1 
ATOM   177  C CE3 . TRP A 1 22  ? 9.029   5.103   7.260   1.00 7.31   ? 22  TRP A CE3 1 
ATOM   178  C CZ2 . TRP A 1 22  ? 7.285   4.027   5.289   1.00 8.93   ? 22  TRP A CZ2 1 
ATOM   179  C CZ3 . TRP A 1 22  ? 8.631   3.767   7.288   1.00 8.45   ? 22  TRP A CZ3 1 
ATOM   180  C CH2 . TRP A 1 22  ? 7.772   3.244   6.306   1.00 8.33   ? 22  TRP A CH2 1 
ATOM   181  N N   . HIS A 1 23  ? 8.581   11.153  6.214   1.00 12.75  ? 23  HIS A N   1 
ATOM   182  C CA  . HIS A 1 23  ? 8.036   12.186  5.330   1.00 13.42  ? 23  HIS A CA  1 
ATOM   183  C C   . HIS A 1 23  ? 8.745   12.118  3.983   1.00 13.24  ? 23  HIS A C   1 
ATOM   184  O O   . HIS A 1 23  ? 9.909   12.528  3.865   1.00 13.67  ? 23  HIS A O   1 
ATOM   185  C CB  . HIS A 1 23  ? 8.258   13.571  5.943   1.00 14.13  ? 23  HIS A CB  1 
ATOM   186  C CG  . HIS A 1 23  ? 7.592   13.760  7.266   1.00 16.80  ? 23  HIS A CG  1 
ATOM   187  N ND1 . HIS A 1 23  ? 6.315   14.266  7.392   1.00 20.62  ? 23  HIS A ND1 1 
ATOM   188  C CD2 . HIS A 1 23  ? 8.026   13.516  8.526   1.00 19.29  ? 23  HIS A CD2 1 
ATOM   189  C CE1 . HIS A 1 23  ? 5.989   14.319  8.671   1.00 21.42  ? 23  HIS A CE1 1 
ATOM   190  N NE2 . HIS A 1 23  ? 7.008   13.867  9.380   1.00 20.90  ? 23  HIS A NE2 1 
ATOM   191  N N   . LEU A 1 24  ? 8.046   11.605  2.973   1.00 12.15  ? 24  LEU A N   1 
ATOM   192  C CA  . LEU A 1 24  ? 8.652   11.373  1.664   1.00 11.81  ? 24  LEU A CA  1 
ATOM   193  C C   . LEU A 1 24  ? 7.719   11.758  0.515   1.00 11.16  ? 24  LEU A C   1 
ATOM   194  O O   . LEU A 1 24  ? 7.030   10.896  -0.047  1.00 9.97   ? 24  LEU A O   1 
ATOM   195  C CB  . LEU A 1 24  ? 9.070   9.907   1.537   1.00 11.82  ? 24  LEU A CB  1 
ATOM   196  C CG  . LEU A 1 24  ? 10.213  9.553   0.593   1.00 13.36  ? 24  LEU A CG  1 
ATOM   197  C CD1 . LEU A 1 24  ? 11.410  10.490  0.772   1.00 13.68  ? 24  LEU A CD1 1 
ATOM   198  C CD2 . LEU A 1 24  ? 10.618  8.126   0.875   1.00 13.96  ? 24  LEU A CD2 1 
ATOM   199  N N   . PRO A 1 25  ? 7.681   13.064  0.170   1.00 11.17  ? 25  PRO A N   1 
ATOM   200  C CA  . PRO A 1 25  ? 6.861   13.537  -0.950  1.00 11.28  ? 25  PRO A CA  1 
ATOM   201  C C   . PRO A 1 25  ? 7.016   12.750  -2.256  1.00 11.15  ? 25  PRO A C   1 
ATOM   202  O O   . PRO A 1 25  ? 6.018   12.548  -2.947  1.00 11.32  ? 25  PRO A O   1 
ATOM   203  C CB  . PRO A 1 25  ? 7.321   14.989  -1.126  1.00 11.41  ? 25  PRO A CB  1 
ATOM   204  C CG  . PRO A 1 25  ? 7.707   15.411  0.246   1.00 11.45  ? 25  PRO A CG  1 
ATOM   205  C CD  . PRO A 1 25  ? 8.369   14.183  0.850   1.00 11.08  ? 25  PRO A CD  1 
ATOM   206  N N   . ASN A 1 26  ? 8.237   12.308  -2.578  1.00 10.96  ? 26  ASN A N   1 
ATOM   207  C CA  . ASN A 1 26  ? 8.501   11.496  -3.781  1.00 11.45  ? 26  ASN A CA  1 
ATOM   208  C C   . ASN A 1 26  ? 7.650   10.233  -3.832  1.00 10.82  ? 26  ASN A C   1 
ATOM   209  O O   . ASN A 1 26  ? 7.185   9.827   -4.902  1.00 10.62  ? 26  ASN A O   1 
ATOM   210  C CB  . ASN A 1 26  ? 9.975   11.071  -3.877  1.00 11.99  ? 26  ASN A CB  1 
ATOM   211  C CG  . ASN A 1 26  ? 10.905  12.201  -4.316  1.00 14.59  ? 26  ASN A CG  1 
ATOM   212  O OD1 . ASN A 1 26  ? 10.470  13.305  -4.648  1.00 17.11  ? 26  ASN A OD1 1 
ATOM   213  N ND2 . ASN A 1 26  ? 12.204  11.917  -4.313  1.00 17.18  ? 26  ASN A ND2 1 
ATOM   214  N N   . ASP A 1 27  ? 7.464   9.608   -2.672  1.00 9.98   ? 27  ASP A N   1 
ATOM   215  C CA  . ASP A 1 27  ? 6.675   8.390   -2.582  1.00 9.77   ? 27  ASP A CA  1 
ATOM   216  C C   . ASP A 1 27  ? 5.179   8.682   -2.744  1.00 9.78   ? 27  ASP A C   1 
ATOM   217  O O   . ASP A 1 27  ? 4.461   7.904   -3.371  1.00 9.82   ? 27  ASP A O   1 
ATOM   218  C CB  . ASP A 1 27  ? 6.948   7.661   -1.261  1.00 9.62   ? 27  ASP A CB  1 
ATOM   219  C CG  . ASP A 1 27  ? 6.065   6.453   -1.076  1.00 9.85   ? 27  ASP A CG  1 
ATOM   220  O OD1 . ASP A 1 27  ? 5.215   6.493   -0.167  1.00 10.47  ? 27  ASP A OD1 1 
ATOM   221  O OD2 . ASP A 1 27  ? 6.198   5.479   -1.847  1.00 10.07  ? 27  ASP A OD2 1 
ATOM   222  N N   . LEU A 1 28  ? 4.721   9.799   -2.183  1.00 9.66   ? 28  LEU A N   1 
ATOM   223  C CA  . LEU A 1 28  ? 3.328   10.218  -2.368  1.00 10.38  ? 28  LEU A CA  1 
ATOM   224  C C   . LEU A 1 28  ? 3.029   10.472  -3.851  1.00 10.65  ? 28  LEU A C   1 
ATOM   225  O O   . LEU A 1 28  ? 1.949   10.128  -4.332  1.00 10.43  ? 28  LEU A O   1 
ATOM   226  C CB  . LEU A 1 28  ? 2.995   11.451  -1.518  1.00 10.46  ? 28  LEU A CB  1 
ATOM   227  C CG  . LEU A 1 28  ? 3.270   11.395  -0.009  1.00 12.20  ? 28  LEU A CG  1 
ATOM   228  C CD1 . LEU A 1 28  ? 2.842   12.691  0.666   1.00 12.42  ? 28  LEU A CD1 1 
ATOM   229  C CD2 . LEU A 1 28  ? 2.593   10.191  0.648   1.00 12.28  ? 28  LEU A CD2 1 
ATOM   230  N N   . LYS A 1 29  ? 3.994   11.049  -4.573  1.00 10.90  ? 29  LYS A N   1 
ATOM   231  C CA  . LYS A 1 29  ? 3.870   11.254  -6.025  1.00 12.28  ? 29  LYS A CA  1 
ATOM   232  C C   . LYS A 1 29  ? 3.780   9.927   -6.766  1.00 11.65  ? 29  LYS A C   1 
ATOM   233  O O   . LYS A 1 29  ? 2.977   9.774   -7.688  1.00 12.20  ? 29  LYS A O   1 
ATOM   234  C CB  . LYS A 1 29  ? 5.062   12.046  -6.579  1.00 12.25  ? 29  LYS A CB  1 
ATOM   235  C CG  . LYS A 1 29  ? 5.190   13.473  -6.081  1.00 14.58  ? 29  LYS A CG  1 
ATOM   236  C CD  . LYS A 1 29  ? 6.128   14.293  -6.983  1.00 15.08  ? 29  LYS A CD  1 
ATOM   237  C CE  . LYS A 1 29  ? 5.355   15.194  -7.955  1.00 20.12  ? 29  LYS A CE  1 
ATOM   238  N NZ  . LYS A 1 29  ? 4.782   14.480  -9.142  1.00 22.28  ? 29  LYS A NZ  1 
ATOM   239  N N   . HIS A 1 30  ? 4.636   8.986   -6.365  1.00 11.24  ? 30  HIS A N   1 
ATOM   240  C CA  . HIS A 1 30  ? 4.650   7.606   -6.860  1.00 10.80  ? 30  HIS A CA  1 
ATOM   241  C C   . HIS A 1 30  ? 3.269   6.943   -6.710  1.00 10.44  ? 30  HIS A C   1 
ATOM   242  O O   . HIS A 1 30  ? 2.739   6.370   -7.665  1.00 10.56  ? 30  HIS A O   1 
ATOM   243  C CB  . HIS A 1 30  ? 5.739   6.850   -6.085  1.00 10.63  ? 30  HIS A CB  1 
ATOM   244  C CG  . HIS A 1 30  ? 5.845   5.391   -6.400  1.00 11.39  ? 30  HIS A CG  1 
ATOM   245  N ND1 . HIS A 1 30  ? 6.358   4.918   -7.588  1.00 11.44  ? 30  HIS A ND1 1 
ATOM   246  C CD2 . HIS A 1 30  ? 5.551   4.298   -5.655  1.00 11.82  ? 30  HIS A CD2 1 
ATOM   247  C CE1 . HIS A 1 30  ? 6.355   3.596   -7.571  1.00 13.92  ? 30  HIS A CE1 1 
ATOM   248  N NE2 . HIS A 1 30  ? 5.871   3.196   -6.408  1.00 13.23  ? 30  HIS A NE2 1 
ATOM   249  N N   . VAL A 1 31  ? 2.683   7.049   -5.522  1.00 9.93   ? 31  VAL A N   1 
ATOM   250  C CA  . VAL A 1 31  ? 1.338   6.519   -5.260  1.00 10.16  ? 31  VAL A CA  1 
ATOM   251  C C   . VAL A 1 31  ? 0.302   7.158   -6.178  1.00 10.65  ? 31  VAL A C   1 
ATOM   252  O O   . VAL A 1 31  ? -0.522  6.452   -6.765  1.00 10.66  ? 31  VAL A O   1 
ATOM   253  C CB  . VAL A 1 31  ? 0.920   6.727   -3.792  1.00 9.71   ? 31  VAL A CB  1 
ATOM   254  C CG1 . VAL A 1 31  ? -0.574  6.424   -3.591  1.00 10.47  ? 31  VAL A CG1 1 
ATOM   255  C CG2 . VAL A 1 31  ? 1.752   5.838   -2.894  1.00 9.25   ? 31  VAL A CG2 1 
ATOM   256  N N   . LYS A 1 32  ? 0.365   8.483   -6.302  1.00 11.35  ? 32  LYS A N   1 
ATOM   257  C CA  . LYS A 1 32  ? -0.553  9.235   -7.162  1.00 12.26  ? 32  LYS A CA  1 
ATOM   258  C C   . LYS A 1 32  ? -0.460  8.775   -8.616  1.00 12.40  ? 32  LYS A C   1 
ATOM   259  O O   . LYS A 1 32  ? -1.473  8.569   -9.279  1.00 12.13  ? 32  LYS A O   1 
ATOM   260  C CB  . LYS A 1 32  ? -0.289  10.741  -7.049  1.00 12.33  ? 32  LYS A CB  1 
ATOM   261  C CG  . LYS A 1 32  ? -1.282  11.609  -7.819  1.00 13.25  ? 32  LYS A CG  1 
ATOM   262  C CD  . LYS A 1 32  ? -0.918  13.080  -7.741  1.00 13.83  ? 32  LYS A CD  1 
ATOM   263  C CE  . LYS A 1 32  ? -1.984  13.934  -8.415  1.00 17.65  ? 32  LYS A CE  1 
ATOM   264  N NZ  . LYS A 1 32  ? -1.617  15.387  -8.388  1.00 19.32  ? 32  LYS A NZ  1 
ATOM   265  N N   . LYS A 1 33  ? 0.766   8.588   -9.094  1.00 12.70  ? 33  LYS A N   1 
ATOM   266  C CA  . LYS A 1 33  ? 1.007   8.188   -10.471 1.00 13.01  ? 33  LYS A CA  1 
ATOM   267  C C   . LYS A 1 33  ? 0.484   6.778   -10.759 1.00 12.93  ? 33  LYS A C   1 
ATOM   268  O O   . LYS A 1 33  ? -0.123  6.523   -11.809 1.00 12.84  ? 33  LYS A O   1 
ATOM   269  C CB  . LYS A 1 33  ? 2.509   8.284   -10.745 1.00 13.60  ? 33  LYS A CB  1 
ATOM   270  C CG  . LYS A 1 33  ? 2.932   8.117   -12.185 1.00 15.92  ? 33  LYS A CG  1 
ATOM   271  C CD  . LYS A 1 33  ? 4.448   8.269   -12.304 1.00 19.13  ? 33  LYS A CD  1 
ATOM   272  C CE  . LYS A 1 33  ? 4.874   9.712   -12.616 1.00 21.66  ? 33  LYS A CE  1 
ATOM   273  N NZ  . LYS A 1 33  ? 4.408   10.750  -11.626 1.00 23.53  ? 33  LYS A NZ  1 
ATOM   274  N N   . LEU A 1 34  ? 0.708   5.863   -9.820  1.00 12.23  ? 34  LEU A N   1 
ATOM   275  C CA  . LEU A 1 34  ? 0.341   4.469   -10.008 1.00 12.02  ? 34  LEU A CA  1 
ATOM   276  C C   . LEU A 1 34  ? -1.158  4.237   -9.900  1.00 11.71  ? 34  LEU A C   1 
ATOM   277  O O   . LEU A 1 34  ? -1.716  3.473   -10.674 1.00 11.40  ? 34  LEU A O   1 
ATOM   278  C CB  . LEU A 1 34  ? 1.090   3.571   -9.010  1.00 12.11  ? 34  LEU A CB  1 
ATOM   279  C CG  . LEU A 1 34  ? 2.469   3.041   -9.427  1.00 13.09  ? 34  LEU A CG  1 
ATOM   280  C CD1 . LEU A 1 34  ? 3.390   4.124   -9.993  1.00 15.58  ? 34  LEU A CD1 1 
ATOM   281  C CD2 . LEU A 1 34  ? 3.131   2.340   -8.254  1.00 12.35  ? 34  LEU A CD2 1 
ATOM   282  N N   . SER A 1 35  ? -1.808  4.922   -8.964  1.00 11.48  ? 35  SER A N   1 
ATOM   283  C CA  . SER A 1 35  ? -3.161  4.549   -8.562  1.00 11.54  ? 35  SER A CA  1 
ATOM   284  C C   . SER A 1 35  ? -4.277  5.456   -9.091  1.00 11.78  ? 35  SER A C   1 
ATOM   285  O O   . SER A 1 35  ? -5.458  5.079   -9.042  1.00 11.69  ? 35  SER A O   1 
ATOM   286  C CB  . SER A 1 35  ? -3.247  4.418   -7.036  1.00 11.53  ? 35  SER A CB  1 
ATOM   287  O OG  . SER A 1 35  ? -3.055  5.666   -6.398  1.00 10.67  ? 35  SER A OG  1 
ATOM   288  N N   . THR A 1 36  ? -3.917  6.635   -9.596  1.00 12.21  ? 36  THR A N   1 
ATOM   289  C CA  . THR A 1 36  ? -4.915  7.539   -10.183 1.00 12.46  ? 36  THR A CA  1 
ATOM   290  C C   . THR A 1 36  ? -5.616  6.848   -11.359 1.00 12.51  ? 36  THR A C   1 
ATOM   291  O O   . THR A 1 36  ? -4.971  6.252   -12.219 1.00 12.52  ? 36  THR A O   1 
ATOM   292  C CB  . THR A 1 36  ? -4.296  8.890   -10.617 1.00 12.89  ? 36  THR A CB  1 
ATOM   293  O OG1 . THR A 1 36  ? -3.941  9.658   -9.457  1.00 12.61  ? 36  THR A OG1 1 
ATOM   294  C CG2 . THR A 1 36  ? -5.275  9.698   -11.472 1.00 12.48  ? 36  THR A CG2 1 
ATOM   295  N N   . GLY A 1 37  ? -6.946  6.902   -11.365 1.00 12.41  ? 37  GLY A N   1 
ATOM   296  C CA  . GLY A 1 37  ? -7.730  6.245   -12.404 1.00 12.23  ? 37  GLY A CA  1 
ATOM   297  C C   . GLY A 1 37  ? -7.906  4.756   -12.203 1.00 12.21  ? 37  GLY A C   1 
ATOM   298  O O   . GLY A 1 37  ? -8.415  4.070   -13.088 1.00 12.71  ? 37  GLY A O   1 
ATOM   299  N N   . HIS A 1 38  ? -7.490  4.247   -11.040 1.00 12.05  ? 38  HIS A N   1 
ATOM   300  C CA  . HIS A 1 38  ? -7.621  2.817   -10.735 1.00 11.79  ? 38  HIS A CA  1 
ATOM   301  C C   . HIS A 1 38  ? -8.352  2.590   -9.407  1.00 11.40  ? 38  HIS A C   1 
ATOM   302  O O   . HIS A 1 38  ? -9.209  3.393   -9.046  1.00 11.51  ? 38  HIS A O   1 
ATOM   303  C CB  . HIS A 1 38  ? -6.252  2.122   -10.829 1.00 11.76  ? 38  HIS A CB  1 
ATOM   304  C CG  . HIS A 1 38  ? -5.623  2.258   -12.183 1.00 13.30  ? 38  HIS A CG  1 
ATOM   305  N ND1 . HIS A 1 38  ? -4.589  3.132   -12.443 1.00 14.67  ? 38  HIS A ND1 1 
ATOM   306  C CD2 . HIS A 1 38  ? -5.925  1.670   -13.366 1.00 14.09  ? 38  HIS A CD2 1 
ATOM   307  C CE1 . HIS A 1 38  ? -4.262  3.056   -13.722 1.00 13.65  ? 38  HIS A CE1 1 
ATOM   308  N NE2 . HIS A 1 38  ? -5.055  2.173   -14.303 1.00 15.46  ? 38  HIS A NE2 1 
ATOM   309  N N   . THR A 1 39  ? -8.052  1.501   -8.699  1.00 10.78  ? 39  THR A N   1 
ATOM   310  C CA  . THR A 1 39  ? -8.757  1.199   -7.453  1.00 10.68  ? 39  THR A CA  1 
ATOM   311  C C   . THR A 1 39  ? -7.772  0.935   -6.316  1.00 10.22  ? 39  THR A C   1 
ATOM   312  O O   . THR A 1 39  ? -6.817  0.181   -6.482  1.00 10.17  ? 39  THR A O   1 
ATOM   313  C CB  . THR A 1 39  ? -9.689  -0.027  -7.607  1.00 10.77  ? 39  THR A CB  1 
ATOM   314  O OG1 . THR A 1 39  ? -10.610 0.203   -8.682  1.00 10.86  ? 39  THR A OG1 1 
ATOM   315  C CG2 . THR A 1 39  ? -10.477 -0.280  -6.321  1.00 11.16  ? 39  THR A CG2 1 
ATOM   316  N N   . LEU A 1 40  ? -8.019  1.572   -5.171  1.00 10.11  ? 40  LEU A N   1 
ATOM   317  C CA  . LEU A 1 40  ? -7.308  1.277   -3.929  1.00 9.59   ? 40  LEU A CA  1 
ATOM   318  C C   . LEU A 1 40  ? -8.240  0.500   -3.007  1.00 9.64   ? 40  LEU A C   1 
ATOM   319  O O   . LEU A 1 40  ? -9.408  0.865   -2.855  1.00 10.03  ? 40  LEU A O   1 
ATOM   320  C CB  . LEU A 1 40  ? -6.903  2.565   -3.215  1.00 9.61   ? 40  LEU A CB  1 
ATOM   321  C CG  . LEU A 1 40  ? -5.978  3.579   -3.892  1.00 9.54   ? 40  LEU A CG  1 
ATOM   322  C CD1 . LEU A 1 40  ? -5.869  4.812   -3.024  1.00 10.93  ? 40  LEU A CD1 1 
ATOM   323  C CD2 . LEU A 1 40  ? -4.615  2.957   -4.119  1.00 10.99  ? 40  LEU A CD2 1 
ATOM   324  N N   . VAL A 1 41  ? -7.720  -0.561  -2.399  1.00 8.95   ? 41  VAL A N   1 
ATOM   325  C CA  . VAL A 1 41  ? -8.460  -1.323  -1.394  1.00 8.75   ? 41  VAL A CA  1 
ATOM   326  C C   . VAL A 1 41  ? -7.694  -1.220  -0.091  1.00 8.82   ? 41  VAL A C   1 
ATOM   327  O O   . VAL A 1 41  ? -6.494  -1.486  -0.047  1.00 7.87   ? 41  VAL A O   1 
ATOM   328  C CB  . VAL A 1 41  ? -8.632  -2.806  -1.781  1.00 9.15   ? 41  VAL A CB  1 
ATOM   329  C CG1 . VAL A 1 41  ? -9.310  -3.588  -0.654  1.00 9.35   ? 41  VAL A CG1 1 
ATOM   330  C CG2 . VAL A 1 41  ? -9.442  -2.925  -3.051  1.00 9.35   ? 41  VAL A CG2 1 
ATOM   331  N N   . MET A 1 42  ? -8.385  -0.814  0.970   1.00 9.01   ? 42  MET A N   1 
ATOM   332  C CA  . MET A 1 42  ? -7.721  -0.706  2.260   1.00 10.04  ? 42  MET A CA  1 
ATOM   333  C C   . MET A 1 42  ? -8.578  -1.229  3.394   1.00 8.74   ? 42  MET A C   1 
ATOM   334  O O   . MET A 1 42  ? -9.807  -1.246  3.302   1.00 7.38   ? 42  MET A O   1 
ATOM   335  C CB  . MET A 1 42  ? -7.255  0.728   2.519   1.00 10.10  ? 42  MET A CB  1 
ATOM   336  C CG  . MET A 1 42  ? -8.357  1.755   2.705   1.00 11.60  ? 42  MET A CG  1 
ATOM   337  S SD  . MET A 1 42  ? -7.775  3.418   2.340   1.00 14.59  ? 42  MET A SD  1 
ATOM   338  C CE  . MET A 1 42  ? -8.107  3.525   0.579   1.00 14.84  ? 42  MET A CE  1 
ATOM   339  N N   . GLY A 1 43  ? -7.919  -1.656  4.465   1.00 7.92   ? 43  GLY A N   1 
ATOM   340  C CA  . GLY A 1 43  ? -8.640  -2.065  5.670   1.00 7.51   ? 43  GLY A CA  1 
ATOM   341  C C   . GLY A 1 43  ? -9.182  -0.828  6.357   1.00 7.45   ? 43  GLY A C   1 
ATOM   342  O O   . GLY A 1 43  ? -8.733  0.295   6.097   1.00 7.38   ? 43  GLY A O   1 
ATOM   343  N N   . ARG A 1 44  ? -10.147 -1.038  7.247   1.00 7.39   ? 44  ARG A N   1 
ATOM   344  C CA  . ARG A 1 44  ? -10.826 0.055   7.936   1.00 7.44   ? 44  ARG A CA  1 
ATOM   345  C C   . ARG A 1 44  ? -9.860  0.975   8.687   1.00 7.48   ? 44  ARG A C   1 
ATOM   346  O O   . ARG A 1 44  ? -10.002 2.207   8.653   1.00 7.15   ? 44  ARG A O   1 
ATOM   347  C CB  . ARG A 1 44  ? -11.873 -0.535  8.891   1.00 7.85   ? 44  ARG A CB  1 
ATOM   348  C CG  . ARG A 1 44  ? -12.771 0.489   9.593   1.00 8.41   ? 44  ARG A CG  1 
ATOM   349  C CD  . ARG A 1 44  ? -12.233 0.847   10.980  1.00 10.60  ? 44  ARG A CD  1 
ATOM   350  N NE  . ARG A 1 44  ? -12.195 -0.309  11.873  1.00 10.79  ? 44  ARG A NE  1 
ATOM   351  C CZ  . ARG A 1 44  ? -11.663 -0.307  13.093  1.00 10.49  ? 44  ARG A CZ  1 
ATOM   352  N NH1 . ARG A 1 44  ? -11.108 0.793   13.585  1.00 11.55  ? 44  ARG A NH1 1 
ATOM   353  N NH2 . ARG A 1 44  ? -11.682 -1.411  13.821  1.00 11.24  ? 44  ARG A NH2 1 
ATOM   354  N N   . LYS A 1 45  ? -8.889  0.374   9.373   1.00 7.58   ? 45  LYS A N   1 
ATOM   355  C CA  . LYS A 1 45  ? -7.953  1.145   10.188  1.00 8.39   ? 45  LYS A CA  1 
ATOM   356  C C   . LYS A 1 45  ? -7.065  2.029   9.318   1.00 8.44   ? 45  LYS A C   1 
ATOM   357  O O   . LYS A 1 45  ? -6.787  3.181   9.666   1.00 8.83   ? 45  LYS A O   1 
ATOM   358  C CB  . LYS A 1 45  ? -7.123  0.227   11.093  1.00 8.14   ? 45  LYS A CB  1 
ATOM   359  C CG  . LYS A 1 45  ? -7.921  -0.409  12.220  1.00 9.45   ? 45  LYS A CG  1 
ATOM   360  C CD  . LYS A 1 45  ? -6.999  -1.015  13.262  1.00 11.19  ? 45  LYS A CD  1 
ATOM   361  C CE  . LYS A 1 45  ? -7.772  -1.736  14.350  1.00 12.34  ? 45  LYS A CE  1 
ATOM   362  N NZ  . LYS A 1 45  ? -6.858  -2.524  15.227  1.00 12.85  ? 45  LYS A NZ  1 
ATOM   363  N N   . THR A 1 46  ? -6.631  1.490   8.178   1.00 8.67   ? 46  THR A N   1 
ATOM   364  C CA  . THR A 1 46  ? -5.857  2.266   7.213   1.00 8.58   ? 46  THR A CA  1 
ATOM   365  C C   . THR A 1 46  ? -6.661  3.452   6.690   1.00 8.91   ? 46  THR A C   1 
ATOM   366  O O   . THR A 1 46  ? -6.146  4.568   6.619   1.00 8.53   ? 46  THR A O   1 
ATOM   367  C CB  . THR A 1 46  ? -5.364  1.392   6.048   1.00 8.62   ? 46  THR A CB  1 
ATOM   368  O OG1 . THR A 1 46  ? -4.455  0.413   6.556   1.00 8.39   ? 46  THR A OG1 1 
ATOM   369  C CG2 . THR A 1 46  ? -4.639  2.231   5.006   1.00 8.65   ? 46  THR A CG2 1 
ATOM   370  N N   . PHE A 1 47  ? -7.928  3.223   6.345   1.00 9.22   ? 47  PHE A N   1 
ATOM   371  C CA  . PHE A 1 47  ? -8.747  4.322   5.852   1.00 10.27  ? 47  PHE A CA  1 
ATOM   372  C C   . PHE A 1 47  ? -8.930  5.421   6.899   1.00 10.54  ? 47  PHE A C   1 
ATOM   373  O O   . PHE A 1 47  ? -8.845  6.609   6.592   1.00 10.64  ? 47  PHE A O   1 
ATOM   374  C CB  . PHE A 1 47  ? -10.121 3.880   5.343   1.00 10.59  ? 47  PHE A CB  1 
ATOM   375  C CG  . PHE A 1 47  ? -10.993 5.047   4.971   1.00 11.95  ? 47  PHE A CG  1 
ATOM   376  C CD1 . PHE A 1 47  ? -11.976 5.504   5.842   1.00 13.13  ? 47  PHE A CD1 1 
ATOM   377  C CD2 . PHE A 1 47  ? -10.761 5.749   3.794   1.00 13.12  ? 47  PHE A CD2 1 
ATOM   378  C CE1 . PHE A 1 47  ? -12.752 6.613   5.523   1.00 13.84  ? 47  PHE A CE1 1 
ATOM   379  C CE2 . PHE A 1 47  ? -11.524 6.865   3.469   1.00 13.72  ? 47  PHE A CE2 1 
ATOM   380  C CZ  . PHE A 1 47  ? -12.522 7.295   4.335   1.00 13.11  ? 47  PHE A CZ  1 
ATOM   381  N N   . GLU A 1 48  ? -9.186  5.023   8.136   1.00 11.26  ? 48  GLU A N   1 
ATOM   382  C CA  . GLU A 1 48  ? -9.386  6.010   9.190   1.00 12.42  ? 48  GLU A CA  1 
ATOM   383  C C   . GLU A 1 48  ? -8.125  6.802   9.523   1.00 12.85  ? 48  GLU A C   1 
ATOM   384  O O   . GLU A 1 48  ? -8.208  7.903   10.062  1.00 12.92  ? 48  GLU A O   1 
ATOM   385  C CB  . GLU A 1 48  ? -10.008 5.361   10.427  1.00 12.74  ? 48  GLU A CB  1 
ATOM   386  C CG  . GLU A 1 48  ? -11.418 4.779   10.159  1.00 14.82  ? 48  GLU A CG  1 
ATOM   387  C CD  . GLU A 1 48  ? -12.470 5.832   9.809   1.00 19.05  ? 48  GLU A CD  1 
ATOM   388  O OE1 . GLU A 1 48  ? -13.491 5.479   9.182   1.00 21.66  ? 48  GLU A OE1 1 
ATOM   389  O OE2 . GLU A 1 48  ? -12.290 7.017   10.153  1.00 21.38  ? 48  GLU A OE2 1 
ATOM   390  N N   . SER A 1 49  ? -6.954  6.263   9.179   1.00 13.18  ? 49  SER A N   1 
ATOM   391  C CA  . SER A 1 49  ? -5.712  7.010   9.376   1.00 13.93  ? 49  SER A CA  1 
ATOM   392  C C   . SER A 1 49  ? -5.605  8.171   8.384   1.00 14.62  ? 49  SER A C   1 
ATOM   393  O O   . SER A 1 49  ? -4.920  9.165   8.656   1.00 14.57  ? 49  SER A O   1 
ATOM   394  C CB  . SER A 1 49  ? -4.483  6.097   9.310   1.00 13.86  ? 49  SER A CB  1 
ATOM   395  O OG  . SER A 1 49  ? -4.164  5.749   7.977   1.00 14.04  ? 49  SER A OG  1 
ATOM   396  N N   . ILE A 1 50  ? -6.280  8.050   7.237   1.00 15.57  ? 50  ILE A N   1 
ATOM   397  C CA  . ILE A 1 50  ? -6.350  9.167   6.273   1.00 16.63  ? 50  ILE A CA  1 
ATOM   398  C C   . ILE A 1 50  ? -7.626  10.010  6.418   1.00 16.94  ? 50  ILE A C   1 
ATOM   399  O O   . ILE A 1 50  ? -7.604  11.226  6.197   1.00 17.41  ? 50  ILE A O   1 
ATOM   400  C CB  . ILE A 1 50  ? -6.109  8.732   4.783   1.00 16.71  ? 50  ILE A CB  1 
ATOM   401  C CG1 . ILE A 1 50  ? -7.046  7.600   4.351   1.00 16.84  ? 50  ILE A CG1 1 
ATOM   402  C CG2 . ILE A 1 50  ? -4.665  8.339   4.588   1.00 17.42  ? 50  ILE A CG2 1 
ATOM   403  C CD1 . ILE A 1 50  ? -7.039  7.301   2.848   1.00 16.93  ? 50  ILE A CD1 1 
ATOM   404  N N   . GLY A 1 51  ? -8.731  9.366   6.783   1.00 17.29  ? 51  GLY A N   1 
ATOM   405  C CA  . GLY A 1 51  ? -9.968  10.079  7.124   1.00 17.63  ? 51  GLY A CA  1 
ATOM   406  C C   . GLY A 1 51  ? -10.860 10.477  5.960   1.00 17.92  ? 51  GLY A C   1 
ATOM   407  O O   . GLY A 1 51  ? -12.050 10.749  6.150   1.00 18.10  ? 51  GLY A O   1 
ATOM   408  N N   . LYS A 1 52  ? -10.288 10.515  4.759   1.00 18.18  ? 52  LYS A N   1 
ATOM   409  C CA  . LYS A 1 52  ? -11.025 10.869  3.543   1.00 18.64  ? 52  LYS A CA  1 
ATOM   410  C C   . LYS A 1 52  ? -10.470 10.101  2.338   1.00 17.85  ? 52  LYS A C   1 
ATOM   411  O O   . LYS A 1 52  ? -9.279  9.770   2.314   1.00 17.65  ? 52  LYS A O   1 
ATOM   412  C CB  . LYS A 1 52  ? -10.958 12.385  3.295   1.00 18.78  ? 52  LYS A CB  1 
ATOM   413  C CG  . LYS A 1 52  ? -12.030 13.199  4.041   1.00 20.20  ? 52  LYS A CG  1 
ATOM   414  C CD  . LYS A 1 52  ? -11.795 14.710  3.920   1.00 20.50  ? 52  LYS A CD  1 
ATOM   415  C CE  . LYS A 1 52  ? -12.469 15.313  2.690   1.00 23.38  ? 52  LYS A CE  1 
ATOM   416  N NZ  . LYS A 1 52  ? -12.182 16.776  2.559   1.00 24.77  ? 52  LYS A NZ  1 
ATOM   417  N N   . PRO A 1 53  ? -11.328 9.808   1.337   1.00 17.47  ? 53  PRO A N   1 
ATOM   418  C CA  . PRO A 1 53  ? -10.844 9.081   0.163   1.00 17.28  ? 53  PRO A CA  1 
ATOM   419  C C   . PRO A 1 53  ? -9.852  9.909   -0.648  1.00 16.89  ? 53  PRO A C   1 
ATOM   420  O O   . PRO A 1 53  ? -9.890  11.142  -0.615  1.00 16.90  ? 53  PRO A O   1 
ATOM   421  C CB  . PRO A 1 53  ? -12.121 8.833   -0.650  1.00 17.14  ? 53  PRO A CB  1 
ATOM   422  C CG  . PRO A 1 53  ? -13.061 9.913   -0.232  1.00 17.37  ? 53  PRO A CG  1 
ATOM   423  C CD  . PRO A 1 53  ? -12.764 10.137  1.222   1.00 17.54  ? 53  PRO A CD  1 
ATOM   424  N N   . LEU A 1 54  ? -8.964  9.229   -1.362  1.00 16.70  ? 54  LEU A N   1 
ATOM   425  C CA  . LEU A 1 54  ? -8.027  9.901   -2.246  1.00 15.89  ? 54  LEU A CA  1 
ATOM   426  C C   . LEU A 1 54  ? -8.726  10.211  -3.576  1.00 15.67  ? 54  LEU A C   1 
ATOM   427  O O   . LEU A 1 54  ? -9.434  9.354   -4.112  1.00 15.70  ? 54  LEU A O   1 
ATOM   428  C CB  . LEU A 1 54  ? -6.776  9.039   -2.441  1.00 16.05  ? 54  LEU A CB  1 
ATOM   429  C CG  . LEU A 1 54  ? -5.880  8.885   -1.197  1.00 15.53  ? 54  LEU A CG  1 
ATOM   430  C CD1 . LEU A 1 54  ? -4.614  8.108   -1.527  1.00 15.26  ? 54  LEU A CD1 1 
ATOM   431  C CD2 . LEU A 1 54  ? -5.515  10.235  -0.593  1.00 16.25  ? 54  LEU A CD2 1 
ATOM   432  N N   . PRO A 1 55  ? -8.545  11.439  -4.104  1.00 15.50  ? 55  PRO A N   1 
ATOM   433  C CA  . PRO A 1 55  ? -9.266  11.851  -5.321  1.00 15.23  ? 55  PRO A CA  1 
ATOM   434  C C   . PRO A 1 55  ? -8.854  11.112  -6.594  1.00 15.04  ? 55  PRO A C   1 
ATOM   435  O O   . PRO A 1 55  ? -7.742  10.586  -6.684  1.00 14.58  ? 55  PRO A O   1 
ATOM   436  C CB  . PRO A 1 55  ? -8.934  13.347  -5.460  1.00 15.49  ? 55  PRO A CB  1 
ATOM   437  C CG  . PRO A 1 55  ? -8.206  13.744  -4.206  1.00 15.98  ? 55  PRO A CG  1 
ATOM   438  C CD  . PRO A 1 55  ? -7.646  12.494  -3.604  1.00 15.47  ? 55  PRO A CD  1 
ATOM   439  N N   . ASN A 1 56  ? -9.766  11.082  -7.568  1.00 14.75  ? 56  ASN A N   1 
ATOM   440  C CA  . ASN A 1 56  ? -9.496  10.580  -8.926  1.00 14.71  ? 56  ASN A CA  1 
ATOM   441  C C   . ASN A 1 56  ? -9.204  9.083   -9.055  1.00 14.31  ? 56  ASN A C   1 
ATOM   442  O O   . ASN A 1 56  ? -8.491  8.665   -9.969  1.00 14.26  ? 56  ASN A O   1 
ATOM   443  C CB  . ASN A 1 56  ? -8.407  11.417  -9.616  1.00 14.95  ? 56  ASN A CB  1 
ATOM   444  C CG  . ASN A 1 56  ? -8.684  12.909  -9.549  1.00 16.34  ? 56  ASN A CG  1 
ATOM   445  O OD1 . ASN A 1 56  ? -7.772  13.708  -9.333  1.00 19.24  ? 56  ASN A OD1 1 
ATOM   446  N ND2 . ASN A 1 56  ? -9.944  13.292  -9.722  1.00 15.59  ? 56  ASN A ND2 1 
ATOM   447  N N   . ARG A 1 57  ? -9.761  8.290   -8.141  1.00 13.56  ? 57  ARG A N   1 
ATOM   448  C CA  . ARG A 1 57  ? -9.683  6.827   -8.194  1.00 12.79  ? 57  ARG A CA  1 
ATOM   449  C C   . ARG A 1 57  ? -10.772 6.249   -7.300  1.00 12.69  ? 57  ARG A C   1 
ATOM   450  O O   . ARG A 1 57  ? -11.345 6.971   -6.486  1.00 12.33  ? 57  ARG A O   1 
ATOM   451  C CB  . ARG A 1 57  ? -8.296  6.335   -7.752  1.00 12.82  ? 57  ARG A CB  1 
ATOM   452  C CG  . ARG A 1 57  ? -7.997  6.495   -6.269  1.00 12.01  ? 57  ARG A CG  1 
ATOM   453  C CD  . ARG A 1 57  ? -6.517  6.804   -6.053  1.00 11.89  ? 57  ARG A CD  1 
ATOM   454  N NE  . ARG A 1 57  ? -6.254  8.242   -6.119  1.00 13.11  ? 57  ARG A NE  1 
ATOM   455  C CZ  . ARG A 1 57  ? -5.115  8.824   -5.753  1.00 12.50  ? 57  ARG A CZ  1 
ATOM   456  N NH1 . ARG A 1 57  ? -4.103  8.095   -5.289  1.00 13.11  ? 57  ARG A NH1 1 
ATOM   457  N NH2 . ARG A 1 57  ? -4.990  10.140  -5.837  1.00 13.56  ? 57  ARG A NH2 1 
ATOM   458  N N   . ARG A 1 58  ? -11.060 4.958   -7.457  1.00 13.02  ? 58  ARG A N   1 
ATOM   459  C CA  . ARG A 1 58  ? -12.035 4.287   -6.597  1.00 13.29  ? 58  ARG A CA  1 
ATOM   460  C C   . ARG A 1 58  ? -11.379 4.011   -5.249  1.00 12.88  ? 58  ARG A C   1 
ATOM   461  O O   . ARG A 1 58  ? -10.248 3.521   -5.203  1.00 12.55  ? 58  ARG A O   1 
ATOM   462  C CB  . ARG A 1 58  ? -12.514 2.970   -7.207  1.00 13.71  ? 58  ARG A CB  1 
ATOM   463  C CG  . ARG A 1 58  ? -14.026 2.868   -7.282  1.00 16.55  ? 58  ARG A CG  1 
ATOM   464  C CD  . ARG A 1 58  ? -14.614 1.642   -6.596  1.00 19.81  ? 58  ARG A CD  1 
ATOM   465  N NE  . ARG A 1 58  ? -14.598 0.447   -7.427  1.00 21.71  ? 58  ARG A NE  1 
ATOM   466  C CZ  . ARG A 1 58  ? -15.567 -0.468  -7.479  1.00 20.62  ? 58  ARG A CZ  1 
ATOM   467  N NH1 . ARG A 1 58  ? -16.685 -0.342  -6.771  1.00 21.17  ? 58  ARG A NH1 1 
ATOM   468  N NH2 . ARG A 1 58  ? -15.419 -1.517  -8.269  1.00 20.17  ? 58  ARG A NH2 1 
ATOM   469  N N   . ASN A 1 59  ? -12.083 4.350   -4.169  1.00 12.77  ? 59  ASN A N   1 
ATOM   470  C CA  . ASN A 1 59  ? -11.627 4.042   -2.811  1.00 12.68  ? 59  ASN A CA  1 
ATOM   471  C C   . ASN A 1 59  ? -12.518 2.973   -2.186  1.00 12.35  ? 59  ASN A C   1 
ATOM   472  O O   . ASN A 1 59  ? -13.706 3.216   -1.933  1.00 12.80  ? 59  ASN A O   1 
ATOM   473  C CB  . ASN A 1 59  ? -11.619 5.304   -1.937  1.00 12.81  ? 59  ASN A CB  1 
ATOM   474  C CG  . ASN A 1 59  ? -10.534 6.296   -2.332  1.00 13.31  ? 59  ASN A CG  1 
ATOM   475  O OD1 . ASN A 1 59  ? -9.560  6.483   -1.603  1.00 13.98  ? 59  ASN A OD1 1 
ATOM   476  N ND2 . ASN A 1 59  ? -10.715 6.964   -3.475  1.00 13.17  ? 59  ASN A ND2 1 
ATOM   477  N N   . VAL A 1 60  ? -11.947 1.793   -1.952  1.00 11.60  ? 60  VAL A N   1 
ATOM   478  C CA  . VAL A 1 60  ? -12.680 0.650   -1.405  1.00 11.38  ? 60  VAL A CA  1 
ATOM   479  C C   . VAL A 1 60  ? -12.179 0.315   0.000   1.00 11.13  ? 60  VAL A C   1 
ATOM   480  O O   . VAL A 1 60  ? -10.983 0.111   0.213   1.00 10.74  ? 60  VAL A O   1 
ATOM   481  C CB  . VAL A 1 60  ? -12.580 -0.595  -2.319  1.00 11.23  ? 60  VAL A CB  1 
ATOM   482  C CG1 . VAL A 1 60  ? -13.224 -1.816  -1.658  1.00 11.38  ? 60  VAL A CG1 1 
ATOM   483  C CG2 . VAL A 1 60  ? -13.218 -0.319  -3.683  1.00 12.38  ? 60  VAL A CG2 1 
ATOM   484  N N   . VAL A 1 61  ? -13.102 0.267   0.956   1.00 10.75  ? 61  VAL A N   1 
ATOM   485  C CA  . VAL A 1 61  ? -12.746 -0.041  2.334   1.00 10.91  ? 61  VAL A CA  1 
ATOM   486  C C   . VAL A 1 61  ? -13.367 -1.360  2.767   1.00 10.86  ? 61  VAL A C   1 
ATOM   487  O O   . VAL A 1 61  ? -14.579 -1.582  2.612   1.00 11.08  ? 61  VAL A O   1 
ATOM   488  C CB  . VAL A 1 61  ? -13.145 1.096   3.313   1.00 10.70  ? 61  VAL A CB  1 
ATOM   489  C CG1 . VAL A 1 61  ? -12.909 0.672   4.763   1.00 10.73  ? 61  VAL A CG1 1 
ATOM   490  C CG2 . VAL A 1 61  ? -12.366 2.359   2.995   1.00 11.18  ? 61  VAL A CG2 1 
ATOM   491  N N   . LEU A 1 62  ? -12.511 -2.231  3.297   1.00 10.55  ? 62  LEU A N   1 
ATOM   492  C CA  . LEU A 1 62  ? -12.916 -3.509  3.860   1.00 10.42  ? 62  LEU A CA  1 
ATOM   493  C C   . LEU A 1 62  ? -13.163 -3.378  5.363   1.00 10.61  ? 62  LEU A C   1 
ATOM   494  O O   . LEU A 1 62  ? -12.273 -2.969  6.111   1.00 10.66  ? 62  LEU A O   1 
ATOM   495  C CB  . LEU A 1 62  ? -11.838 -4.565  3.565   1.00 10.59  ? 62  LEU A CB  1 
ATOM   496  C CG  . LEU A 1 62  ? -11.964 -5.958  4.181   1.00 10.36  ? 62  LEU A CG  1 
ATOM   497  C CD1 . LEU A 1 62  ? -13.222 -6.678  3.719   1.00 12.00  ? 62  LEU A CD1 1 
ATOM   498  C CD2 . LEU A 1 62  ? -10.719 -6.778  3.844   1.00 10.22  ? 62  LEU A CD2 1 
ATOM   499  N N   . THR A 1 63  ? -14.384 -3.706  5.792   1.00 10.90  ? 63  THR A N   1 
ATOM   500  C CA  . THR A 1 63  ? -14.782 -3.632  7.206   1.00 11.31  ? 63  THR A CA  1 
ATOM   501  C C   . THR A 1 63  ? -15.931 -4.613  7.489   1.00 11.65  ? 63  THR A C   1 
ATOM   502  O O   . THR A 1 63  ? -16.694 -4.945  6.578   1.00 11.47  ? 63  THR A O   1 
ATOM   503  C CB  . THR A 1 63  ? -15.202 -2.185  7.614   1.00 11.52  ? 63  THR A CB  1 
ATOM   504  O OG1 . THR A 1 63  ? -15.647 -2.169  8.972   1.00 10.69  ? 63  THR A OG1 1 
ATOM   505  C CG2 . THR A 1 63  ? -16.313 -1.646  6.723   1.00 11.91  ? 63  THR A CG2 1 
ATOM   506  N N   . SER A 1 64  ? -16.042 -5.068  8.739   1.00 12.06  ? 64  SER A N   1 
ATOM   507  C CA  . SER A 1 64  ? -17.192 -5.877  9.171   1.00 12.86  ? 64  SER A CA  1 
ATOM   508  C C   . SER A 1 64  ? -18.367 -4.989  9.593   1.00 13.71  ? 64  SER A C   1 
ATOM   509  O O   . SER A 1 64  ? -19.469 -5.484  9.840   1.00 13.77  ? 64  SER A O   1 
ATOM   510  C CB  . SER A 1 64  ? -16.814 -6.859  10.294  1.00 12.77  ? 64  SER A CB  1 
ATOM   511  O OG  . SER A 1 64  ? -16.519 -6.202  11.519  1.00 12.80  ? 64  SER A OG  1 
ATOM   512  N N   . ASP A 1 65  ? -18.124 -3.681  9.648   1.00 14.37  ? 65  ASP A N   1 
ATOM   513  C CA  . ASP A 1 65  ? -19.119 -2.700  10.101  1.00 15.29  ? 65  ASP A CA  1 
ATOM   514  C C   . ASP A 1 65  ? -20.217 -2.489  9.061   1.00 15.72  ? 65  ASP A C   1 
ATOM   515  O O   . ASP A 1 65  ? -19.980 -1.909  7.999   1.00 15.88  ? 65  ASP A O   1 
ATOM   516  C CB  . ASP A 1 65  ? -18.416 -1.373  10.417  1.00 15.25  ? 65  ASP A CB  1 
ATOM   517  C CG  . ASP A 1 65  ? -19.315 -0.367  11.137  1.00 16.00  ? 65  ASP A CG  1 
ATOM   518  O OD1 . ASP A 1 65  ? -18.759 0.602   11.690  1.00 16.79  ? 65  ASP A OD1 1 
ATOM   519  O OD2 . ASP A 1 65  ? -20.551 -0.537  11.162  1.00 15.09  ? 65  ASP A OD2 1 
ATOM   520  N N   . THR A 1 66  ? -21.423 -2.947  9.387   1.00 16.77  ? 66  THR A N   1 
ATOM   521  C CA  . THR A 1 66  ? -22.577 -2.850  8.489   1.00 17.66  ? 66  THR A CA  1 
ATOM   522  C C   . THR A 1 66  ? -23.138 -1.423  8.384   1.00 17.83  ? 66  THR A C   1 
ATOM   523  O O   . THR A 1 66  ? -23.930 -1.130  7.480   1.00 18.15  ? 66  THR A O   1 
ATOM   524  C CB  . THR A 1 66  ? -23.720 -3.793  8.931   1.00 17.72  ? 66  THR A CB  1 
ATOM   525  O OG1 . THR A 1 66  ? -24.128 -3.447  10.257  1.00 18.68  ? 66  THR A OG1 1 
ATOM   526  C CG2 . THR A 1 66  ? -23.266 -5.258  8.908   1.00 18.64  ? 66  THR A CG2 1 
ATOM   527  N N   . SER A 1 67  ? -22.732 -0.546  9.306   1.00 17.90  ? 67  SER A N   1 
ATOM   528  C CA  . SER A 1 67  ? -23.174 0.853   9.301   1.00 18.23  ? 67  SER A CA  1 
ATOM   529  C C   . SER A 1 67  ? -22.188 1.763   8.597   1.00 18.46  ? 67  SER A C   1 
ATOM   530  O O   . SER A 1 67  ? -22.524 2.897   8.252   1.00 18.48  ? 67  SER A O   1 
ATOM   531  C CB  . SER A 1 67  ? -23.386 1.368   10.726  1.00 18.14  ? 67  SER A CB  1 
ATOM   532  O OG  . SER A 1 67  ? -24.548 0.812   11.297  1.00 19.19  ? 67  SER A OG  1 
ATOM   533  N N   . PHE A 1 68  ? -20.969 1.270   8.393   1.00 19.01  ? 68  PHE A N   1 
ATOM   534  C CA  . PHE A 1 68  ? -19.904 2.076   7.816   1.00 19.50  ? 68  PHE A CA  1 
ATOM   535  C C   . PHE A 1 68  ? -20.347 2.722   6.511   1.00 19.90  ? 68  PHE A C   1 
ATOM   536  O O   . PHE A 1 68  ? -20.751 2.042   5.565   1.00 19.92  ? 68  PHE A O   1 
ATOM   537  C CB  . PHE A 1 68  ? -18.629 1.247   7.611   1.00 19.53  ? 68  PHE A CB  1 
ATOM   538  C CG  . PHE A 1 68  ? -17.432 2.070   7.221   1.00 19.28  ? 68  PHE A CG  1 
ATOM   539  C CD1 . PHE A 1 68  ? -16.553 2.541   8.188   1.00 19.98  ? 68  PHE A CD1 1 
ATOM   540  C CD2 . PHE A 1 68  ? -17.191 2.379   5.887   1.00 19.45  ? 68  PHE A CD2 1 
ATOM   541  C CE1 . PHE A 1 68  ? -15.447 3.310   7.828   1.00 19.92  ? 68  PHE A CE1 1 
ATOM   542  C CE2 . PHE A 1 68  ? -16.089 3.147   5.518   1.00 19.13  ? 68  PHE A CE2 1 
ATOM   543  C CZ  . PHE A 1 68  ? -15.218 3.611   6.492   1.00 19.61  ? 68  PHE A CZ  1 
ATOM   544  N N   . ASN A 1 69  ? -20.277 4.047   6.479   1.00 20.58  ? 69  ASN A N   1 
ATOM   545  C CA  . ASN A 1 69  ? -20.667 4.796   5.306   1.00 21.30  ? 69  ASN A CA  1 
ATOM   546  C C   . ASN A 1 69  ? -19.922 6.122   5.230   1.00 21.32  ? 69  ASN A C   1 
ATOM   547  O O   . ASN A 1 69  ? -20.005 6.957   6.145   1.00 21.51  ? 69  ASN A O   1 
ATOM   548  C CB  . ASN A 1 69  ? -22.183 5.016   5.301   1.00 21.55  ? 69  ASN A CB  1 
ATOM   549  C CG  . ASN A 1 69  ? -22.717 5.337   3.924   1.00 23.16  ? 69  ASN A CG  1 
ATOM   550  O OD1 . ASN A 1 69  ? -22.522 6.441   3.414   1.00 24.20  ? 69  ASN A OD1 1 
ATOM   551  N ND2 . ASN A 1 69  ? -23.397 4.372   3.313   1.00 23.96  ? 69  ASN A ND2 1 
ATOM   552  N N   . VAL A 1 70  ? -19.179 6.300   4.143   1.00 21.09  ? 70  VAL A N   1 
ATOM   553  C CA  . VAL A 1 70  ? -18.423 7.524   3.907   1.00 21.15  ? 70  VAL A CA  1 
ATOM   554  C C   . VAL A 1 70  ? -18.618 7.950   2.455   1.00 21.35  ? 70  VAL A C   1 
ATOM   555  O O   . VAL A 1 70  ? -18.479 7.134   1.543   1.00 21.35  ? 70  VAL A O   1 
ATOM   556  C CB  . VAL A 1 70  ? -16.900 7.336   4.210   1.00 20.96  ? 70  VAL A CB  1 
ATOM   557  C CG1 . VAL A 1 70  ? -16.125 8.621   3.946   1.00 20.61  ? 70  VAL A CG1 1 
ATOM   558  C CG2 . VAL A 1 70  ? -16.674 6.876   5.653   1.00 20.82  ? 70  VAL A CG2 1 
ATOM   559  N N   . GLU A 1 71  ? -18.958 9.221   2.249   1.00 21.82  ? 71  GLU A N   1 
ATOM   560  C CA  . GLU A 1 71  ? -19.026 9.792   0.906   1.00 22.07  ? 71  GLU A CA  1 
ATOM   561  C C   . GLU A 1 71  ? -17.713 9.564   0.154   1.00 21.33  ? 71  GLU A C   1 
ATOM   562  O O   . GLU A 1 71  ? -16.628 9.846   0.679   1.00 21.15  ? 71  GLU A O   1 
ATOM   563  C CB  . GLU A 1 71  ? -19.349 11.291  0.960   1.00 22.65  ? 71  GLU A CB  1 
ATOM   564  C CG  . GLU A 1 71  ? -20.797 11.645  0.589   1.00 25.50  ? 71  GLU A CG  1 
ATOM   565  C CD  . GLU A 1 71  ? -21.172 11.229  -0.832  1.00 28.38  ? 71  GLU A CD  1 
ATOM   566  O OE1 . GLU A 1 71  ? -22.264 10.641  -1.008  1.00 30.02  ? 71  GLU A OE1 1 
ATOM   567  O OE2 . GLU A 1 71  ? -20.384 11.482  -1.774  1.00 30.96  ? 71  GLU A OE2 1 
ATOM   568  N N   . GLY A 1 72  ? -17.829 9.031   -1.060  1.00 20.57  ? 72  GLY A N   1 
ATOM   569  C CA  . GLY A 1 72  ? -16.675 8.784   -1.931  1.00 19.96  ? 72  GLY A CA  1 
ATOM   570  C C   . GLY A 1 72  ? -15.979 7.452   -1.706  1.00 19.44  ? 72  GLY A C   1 
ATOM   571  O O   . GLY A 1 72  ? -14.955 7.169   -2.328  1.00 19.33  ? 72  GLY A O   1 
ATOM   572  N N   . VAL A 1 73  ? -16.535 6.637   -0.816  1.00 18.61  ? 73  VAL A N   1 
ATOM   573  C CA  . VAL A 1 73  ? -15.949 5.349   -0.459  1.00 18.09  ? 73  VAL A CA  1 
ATOM   574  C C   . VAL A 1 73  ? -16.946 4.233   -0.739  1.00 17.91  ? 73  VAL A C   1 
ATOM   575  O O   . VAL A 1 73  ? -18.128 4.344   -0.385  1.00 17.36  ? 73  VAL A O   1 
ATOM   576  C CB  . VAL A 1 73  ? -15.549 5.315   1.038   1.00 17.89  ? 73  VAL A CB  1 
ATOM   577  C CG1 . VAL A 1 73  ? -15.115 3.917   1.456   1.00 17.77  ? 73  VAL A CG1 1 
ATOM   578  C CG2 . VAL A 1 73  ? -14.462 6.338   1.334   1.00 18.25  ? 73  VAL A CG2 1 
ATOM   579  N N   . ASP A 1 74  ? -16.473 3.172   -1.388  1.00 17.63  ? 74  ASP A N   1 
ATOM   580  C CA  . ASP A 1 74  ? -17.262 1.957   -1.570  1.00 17.66  ? 74  ASP A CA  1 
ATOM   581  C C   . ASP A 1 74  ? -16.861 0.906   -0.533  1.00 17.48  ? 74  ASP A C   1 
ATOM   582  O O   . ASP A 1 74  ? -15.674 0.662   -0.309  1.00 17.41  ? 74  ASP A O   1 
ATOM   583  C CB  . ASP A 1 74  ? -17.091 1.399   -2.987  1.00 17.72  ? 74  ASP A CB  1 
ATOM   584  C CG  . ASP A 1 74  ? -17.591 2.352   -4.064  1.00 18.85  ? 74  ASP A CG  1 
ATOM   585  O OD1 . ASP A 1 74  ? -18.476 3.191   -3.786  1.00 19.62  ? 74  ASP A OD1 1 
ATOM   586  O OD2 . ASP A 1 74  ? -17.103 2.251   -5.206  1.00 20.77  ? 74  ASP A OD2 1 
ATOM   587  N N   . VAL A 1 75  ? -17.851 0.282   0.095   1.00 16.92  ? 75  VAL A N   1 
ATOM   588  C CA  . VAL A 1 75  ? -17.584 -0.645  1.190   1.00 16.72  ? 75  VAL A CA  1 
ATOM   589  C C   . VAL A 1 75  ? -17.669 -2.088  0.715   1.00 16.62  ? 75  VAL A C   1 
ATOM   590  O O   . VAL A 1 75  ? -18.551 -2.443  -0.076  1.00 16.52  ? 75  VAL A O   1 
ATOM   591  C CB  . VAL A 1 75  ? -18.552 -0.423  2.389   1.00 16.66  ? 75  VAL A CB  1 
ATOM   592  C CG1 . VAL A 1 75  ? -18.166 -1.301  3.569   1.00 16.46  ? 75  VAL A CG1 1 
ATOM   593  C CG2 . VAL A 1 75  ? -18.554 1.036   2.812   1.00 17.50  ? 75  VAL A CG2 1 
ATOM   594  N N   . ILE A 1 76  ? -16.737 -2.910  1.191   1.00 15.98  ? 76  ILE A N   1 
ATOM   595  C CA  . ILE A 1 76  ? -16.833 -4.361  1.035   1.00 15.78  ? 76  ILE A CA  1 
ATOM   596  C C   . ILE A 1 76  ? -16.691 -5.036  2.402   1.00 15.77  ? 76  ILE A C   1 
ATOM   597  O O   . ILE A 1 76  ? -16.106 -4.465  3.328   1.00 15.33  ? 76  ILE A O   1 
ATOM   598  C CB  . ILE A 1 76  ? -15.809 -4.937  0.013   1.00 15.74  ? 76  ILE A CB  1 
ATOM   599  C CG1 . ILE A 1 76  ? -14.369 -4.606  0.429   1.00 15.77  ? 76  ILE A CG1 1 
ATOM   600  C CG2 . ILE A 1 76  ? -16.130 -4.458  -1.409  1.00 15.96  ? 76  ILE A CG2 1 
ATOM   601  C CD1 . ILE A 1 76  ? -13.302 -5.468  -0.249  1.00 15.23  ? 76  ILE A CD1 1 
ATOM   602  N N   . HIS A 1 77  ? -17.235 -6.246  2.523   1.00 15.99  ? 77  HIS A N   1 
ATOM   603  C CA  . HIS A 1 77  ? -17.302 -6.937  3.812   1.00 16.10  ? 77  HIS A CA  1 
ATOM   604  C C   . HIS A 1 77  ? -16.574 -8.286  3.855   1.00 16.37  ? 77  HIS A C   1 
ATOM   605  O O   . HIS A 1 77  ? -16.554 -8.950  4.894   1.00 15.71  ? 77  HIS A O   1 
ATOM   606  C CB  . HIS A 1 77  ? -18.762 -7.099  4.266   1.00 16.39  ? 77  HIS A CB  1 
ATOM   607  C CG  . HIS A 1 77  ? -19.493 -5.802  4.433   1.00 16.35  ? 77  HIS A CG  1 
ATOM   608  N ND1 . HIS A 1 77  ? -19.162 -4.882  5.406   1.00 17.54  ? 77  HIS A ND1 1 
ATOM   609  C CD2 . HIS A 1 77  ? -20.539 -5.272  3.756   1.00 17.30  ? 77  HIS A CD2 1 
ATOM   610  C CE1 . HIS A 1 77  ? -19.967 -3.838  5.315   1.00 17.63  ? 77  HIS A CE1 1 
ATOM   611  N NE2 . HIS A 1 77  ? -20.815 -4.050  4.325   1.00 17.83  ? 77  HIS A NE2 1 
ATOM   612  N N   . SER A 1 78  ? -15.978 -8.687  2.735   1.00 16.85  ? 78  SER A N   1 
ATOM   613  C CA  . SER A 1 78  ? -15.144 -9.892  2.700   1.00 17.64  ? 78  SER A CA  1 
ATOM   614  C C   . SER A 1 78  ? -14.006 -9.762  1.690   1.00 17.93  ? 78  SER A C   1 
ATOM   615  O O   . SER A 1 78  ? -14.100 -8.995  0.736   1.00 17.93  ? 78  SER A O   1 
ATOM   616  C CB  . SER A 1 78  ? -15.981 -11.148 2.402   1.00 17.89  ? 78  SER A CB  1 
ATOM   617  O OG  . SER A 1 78  ? -16.327 -11.232 1.032   1.00 18.96  ? 78  SER A OG  1 
ATOM   618  N N   . ILE A 1 79  ? -12.932 -10.513 1.920   1.00 18.39  ? 79  ILE A N   1 
ATOM   619  C CA  . ILE A 1 79  ? -11.813 -10.594 0.977   1.00 18.94  ? 79  ILE A CA  1 
ATOM   620  C C   . ILE A 1 79  ? -12.261 -11.062 -0.405  1.00 18.95  ? 79  ILE A C   1 
ATOM   621  O O   . ILE A 1 79  ? -11.781 -10.564 -1.420  1.00 19.04  ? 79  ILE A O   1 
ATOM   622  C CB  . ILE A 1 79  ? -10.686 -11.493 1.526   1.00 19.10  ? 79  ILE A CB  1 
ATOM   623  C CG1 . ILE A 1 79  ? -9.808  -10.673 2.466   1.00 19.89  ? 79  ILE A CG1 1 
ATOM   624  C CG2 . ILE A 1 79  ? -9.829  -12.085 0.389   1.00 19.41  ? 79  ILE A CG2 1 
ATOM   625  C CD1 . ILE A 1 79  ? -8.855  -11.499 3.235   1.00 22.65  ? 79  ILE A CD1 1 
ATOM   626  N N   . GLU A 1 80  ? -13.207 -11.996 -0.439  1.00 19.32  ? 80  GLU A N   1 
ATOM   627  C CA  . GLU A 1 80  ? -13.699 -12.539 -1.704  1.00 19.73  ? 80  GLU A CA  1 
ATOM   628  C C   . GLU A 1 80  ? -14.261 -11.432 -2.601  1.00 19.52  ? 80  GLU A C   1 
ATOM   629  O O   . GLU A 1 80  ? -14.213 -11.535 -3.820  1.00 19.47  ? 80  GLU A O   1 
ATOM   630  C CB  . GLU A 1 80  ? -14.749 -13.634 -1.466  1.00 20.10  ? 80  GLU A CB  1 
ATOM   631  C CG  . GLU A 1 80  ? -14.626 -14.412 -0.138  1.00 22.75  ? 80  GLU A CG  1 
ATOM   632  C CD  . GLU A 1 80  ? -13.333 -15.221 0.025   1.00 25.77  ? 80  GLU A CD  1 
ATOM   633  O OE1 . GLU A 1 80  ? -13.029 -15.607 1.180   1.00 27.93  ? 80  GLU A OE1 1 
ATOM   634  O OE2 . GLU A 1 80  ? -12.622 -15.479 -0.970  1.00 27.49  ? 80  GLU A OE2 1 
ATOM   635  N N   . ASP A 1 81  ? -14.768 -10.363 -1.985  1.00 19.53  ? 81  ASP A N   1 
ATOM   636  C CA  . ASP A 1 81  ? -15.299 -9.213  -2.722  1.00 19.69  ? 81  ASP A CA  1 
ATOM   637  C C   . ASP A 1 81  ? -14.243 -8.511  -3.568  1.00 19.24  ? 81  ASP A C   1 
ATOM   638  O O   . ASP A 1 81  ? -14.568 -7.914  -4.591  1.00 19.19  ? 81  ASP A O   1 
ATOM   639  C CB  . ASP A 1 81  ? -15.931 -8.197  -1.768  1.00 20.03  ? 81  ASP A CB  1 
ATOM   640  C CG  . ASP A 1 81  ? -17.200 -8.711  -1.105  1.00 21.38  ? 81  ASP A CG  1 
ATOM   641  O OD1 . ASP A 1 81  ? -17.948 -9.482  -1.746  1.00 22.52  ? 81  ASP A OD1 1 
ATOM   642  O OD2 . ASP A 1 81  ? -17.453 -8.325  0.062   1.00 23.41  ? 81  ASP A OD2 1 
ATOM   643  N N   . ILE A 1 82  ? -12.985 -8.581  -3.132  1.00 19.09  ? 82  ILE A N   1 
ATOM   644  C CA  . ILE A 1 82  ? -11.868 -7.930  -3.835  1.00 19.09  ? 82  ILE A CA  1 
ATOM   645  C C   . ILE A 1 82  ? -11.722 -8.447  -5.266  1.00 19.63  ? 82  ILE A C   1 
ATOM   646  O O   . ILE A 1 82  ? -11.458 -7.674  -6.195  1.00 19.69  ? 82  ILE A O   1 
ATOM   647  C CB  . ILE A 1 82  ? -10.527 -8.095  -3.062  1.00 18.84  ? 82  ILE A CB  1 
ATOM   648  C CG1 . ILE A 1 82  ? -10.600 -7.363  -1.717  1.00 18.96  ? 82  ILE A CG1 1 
ATOM   649  C CG2 . ILE A 1 82  ? -9.352  -7.576  -3.891  1.00 18.58  ? 82  ILE A CG2 1 
ATOM   650  C CD1 . ILE A 1 82  ? -9.468  -7.677  -0.750  1.00 18.69  ? 82  ILE A CD1 1 
ATOM   651  N N   . TYR A 1 83  ? -11.920 -9.751  -5.437  1.00 20.28  ? 83  TYR A N   1 
ATOM   652  C CA  . TYR A 1 83  ? -11.767 -10.403 -6.740  1.00 21.24  ? 83  TYR A CA  1 
ATOM   653  C C   . TYR A 1 83  ? -12.835 -10.031 -7.776  1.00 21.41  ? 83  TYR A C   1 
ATOM   654  O O   . TYR A 1 83  ? -12.685 -10.352 -8.958  1.00 21.74  ? 83  TYR A O   1 
ATOM   655  C CB  . TYR A 1 83  ? -11.669 -11.927 -6.572  1.00 21.65  ? 83  TYR A CB  1 
ATOM   656  C CG  . TYR A 1 83  ? -10.634 -12.356 -5.554  1.00 22.27  ? 83  TYR A CG  1 
ATOM   657  C CD1 . TYR A 1 83  ? -9.273  -12.134 -5.780  1.00 23.04  ? 83  TYR A CD1 1 
ATOM   658  C CD2 . TYR A 1 83  ? -11.012 -12.975 -4.365  1.00 23.17  ? 83  TYR A CD2 1 
ATOM   659  C CE1 . TYR A 1 83  ? -8.316  -12.517 -4.848  1.00 23.77  ? 83  TYR A CE1 1 
ATOM   660  C CE2 . TYR A 1 83  ? -10.059 -13.369 -3.424  1.00 23.78  ? 83  TYR A CE2 1 
ATOM   661  C CZ  . TYR A 1 83  ? -8.715  -13.132 -3.674  1.00 23.47  ? 83  TYR A CZ  1 
ATOM   662  O OH  . TYR A 1 83  ? -7.769  -13.512 -2.753  1.00 23.38  ? 83  TYR A OH  1 
ATOM   663  N N   . GLN A 1 84  ? -13.900 -9.354  -7.336  1.00 21.51  ? 84  GLN A N   1 
ATOM   664  C CA  . GLN A 1 84  ? -14.966 -8.887  -8.233  1.00 21.71  ? 84  GLN A CA  1 
ATOM   665  C C   . GLN A 1 84  ? -14.813 -7.425  -8.640  1.00 21.05  ? 84  GLN A C   1 
ATOM   666  O O   . GLN A 1 84  ? -15.610 -6.911  -9.424  1.00 21.18  ? 84  GLN A O   1 
ATOM   667  C CB  . GLN A 1 84  ? -16.351 -9.106  -7.611  1.00 22.15  ? 84  GLN A CB  1 
ATOM   668  C CG  . GLN A 1 84  ? -16.966 -10.460 -7.918  1.00 24.74  ? 84  GLN A CG  1 
ATOM   669  C CD  . GLN A 1 84  ? -16.301 -11.589 -7.163  1.00 27.71  ? 84  GLN A CD  1 
ATOM   670  O OE1 . GLN A 1 84  ? -15.992 -11.460 -5.978  1.00 29.76  ? 84  GLN A OE1 1 
ATOM   671  N NE2 . GLN A 1 84  ? -16.082 -12.710 -7.842  1.00 28.74  ? 84  GLN A NE2 1 
ATOM   672  N N   . LEU A 1 85  ? -13.799 -6.755  -8.102  1.00 20.12  ? 85  LEU A N   1 
ATOM   673  C CA  . LEU A 1 85  ? -13.522 -5.374  -8.470  1.00 19.09  ? 85  LEU A CA  1 
ATOM   674  C C   . LEU A 1 85  ? -12.856 -5.345  -9.846  1.00 18.64  ? 85  LEU A C   1 
ATOM   675  O O   . LEU A 1 85  ? -11.884 -6.063  -10.074 1.00 19.03  ? 85  LEU A O   1 
ATOM   676  C CB  . LEU A 1 85  ? -12.632 -4.703  -7.417  1.00 18.91  ? 85  LEU A CB  1 
ATOM   677  C CG  . LEU A 1 85  ? -13.165 -4.684  -5.979  1.00 18.47  ? 85  LEU A CG  1 
ATOM   678  C CD1 . LEU A 1 85  ? -12.078 -4.248  -5.023  1.00 17.52  ? 85  LEU A CD1 1 
ATOM   679  C CD2 . LEU A 1 85  ? -14.399 -3.792  -5.840  1.00 17.97  ? 85  LEU A CD2 1 
ATOM   680  N N   . PRO A 1 86  ? -13.409 -4.552  -10.782 1.00 18.12  ? 86  PRO A N   1 
ATOM   681  C CA  . PRO A 1 86  ? -12.816 -4.446  -12.121 1.00 17.54  ? 86  PRO A CA  1 
ATOM   682  C C   . PRO A 1 86  ? -11.559 -3.583  -12.187 1.00 16.94  ? 86  PRO A C   1 
ATOM   683  O O   . PRO A 1 86  ? -11.370 -2.677  -11.368 1.00 16.75  ? 86  PRO A O   1 
ATOM   684  C CB  . PRO A 1 86  ? -13.927 -3.783  -12.940 1.00 17.48  ? 86  PRO A CB  1 
ATOM   685  C CG  . PRO A 1 86  ? -14.693 -2.972  -11.945 1.00 18.01  ? 86  PRO A CG  1 
ATOM   686  C CD  . PRO A 1 86  ? -14.649 -3.763  -10.658 1.00 17.95  ? 86  PRO A CD  1 
ATOM   687  N N   . GLY A 1 87  ? -10.729 -3.861  -13.190 1.00 16.21  ? 87  GLY A N   1 
ATOM   688  C CA  . GLY A 1 87  ? -9.565  -3.032  -13.498 1.00 15.05  ? 87  GLY A CA  1 
ATOM   689  C C   . GLY A 1 87  ? -8.365  -3.373  -12.644 1.00 14.34  ? 87  GLY A C   1 
ATOM   690  O O   . GLY A 1 87  ? -8.280  -4.472  -12.084 1.00 14.42  ? 87  GLY A O   1 
ATOM   691  N N   . HIS A 1 88  ? -7.436  -2.424  -12.554 1.00 13.51  ? 88  HIS A N   1 
ATOM   692  C CA  . HIS A 1 88  ? -6.224  -2.586  -11.756 1.00 12.77  ? 88  HIS A CA  1 
ATOM   693  C C   . HIS A 1 88  ? -6.543  -2.217  -10.313 1.00 11.91  ? 88  HIS A C   1 
ATOM   694  O O   . HIS A 1 88  ? -6.932  -1.082  -10.027 1.00 11.54  ? 88  HIS A O   1 
ATOM   695  C CB  . HIS A 1 88  ? -5.101  -1.699  -12.298 1.00 12.95  ? 88  HIS A CB  1 
ATOM   696  C CG  . HIS A 1 88  ? -3.727  -2.133  -11.885 1.00 13.39  ? 88  HIS A CG  1 
ATOM   697  N ND1 . HIS A 1 88  ? -2.585  -1.606  -12.447 1.00 13.84  ? 88  HIS A ND1 1 
ATOM   698  C CD2 . HIS A 1 88  ? -3.311  -3.055  -10.984 1.00 14.27  ? 88  HIS A CD2 1 
ATOM   699  C CE1 . HIS A 1 88  ? -1.524  -2.174  -11.900 1.00 14.48  ? 88  HIS A CE1 1 
ATOM   700  N NE2 . HIS A 1 88  ? -1.937  -3.062  -11.012 1.00 12.87  ? 88  HIS A NE2 1 
ATOM   701  N N   . VAL A 1 89  ? -6.374  -3.186  -9.417  1.00 11.27  ? 89  VAL A N   1 
ATOM   702  C CA  . VAL A 1 89  ? -6.702  -3.019  -8.004  1.00 10.56  ? 89  VAL A CA  1 
ATOM   703  C C   . VAL A 1 89  ? -5.407  -3.086  -7.193  1.00 9.98   ? 89  VAL A C   1 
ATOM   704  O O   . VAL A 1 89  ? -4.631  -4.029  -7.346  1.00 9.68   ? 89  VAL A O   1 
ATOM   705  C CB  . VAL A 1 89  ? -7.693  -4.108  -7.539  1.00 10.99  ? 89  VAL A CB  1 
ATOM   706  C CG1 . VAL A 1 89  ? -7.949  -4.020  -6.043  1.00 11.31  ? 89  VAL A CG1 1 
ATOM   707  C CG2 . VAL A 1 89  ? -9.010  -3.992  -8.307  1.00 11.46  ? 89  VAL A CG2 1 
ATOM   708  N N   . PHE A 1 90  ? -5.186  -2.071  -6.357  1.00 9.19   ? 90  PHE A N   1 
ATOM   709  C CA  . PHE A 1 90  ? -4.003  -2.000  -5.488  1.00 8.91   ? 90  PHE A CA  1 
ATOM   710  C C   . PHE A 1 90  ? -4.416  -2.188  -4.036  1.00 8.60   ? 90  PHE A C   1 
ATOM   711  O O   . PHE A 1 90  ? -5.225  -1.412  -3.523  1.00 8.11   ? 90  PHE A O   1 
ATOM   712  C CB  . PHE A 1 90  ? -3.306  -0.642  -5.607  1.00 8.47   ? 90  PHE A CB  1 
ATOM   713  C CG  . PHE A 1 90  ? -2.732  -0.355  -6.969  1.00 9.09   ? 90  PHE A CG  1 
ATOM   714  C CD1 . PHE A 1 90  ? -1.443  -0.763  -7.291  1.00 7.98   ? 90  PHE A CD1 1 
ATOM   715  C CD2 . PHE A 1 90  ? -3.466  0.353   -7.914  1.00 9.37   ? 90  PHE A CD2 1 
ATOM   716  C CE1 . PHE A 1 90  ? -0.902  -0.496  -8.552  1.00 7.63   ? 90  PHE A CE1 1 
ATOM   717  C CE2 . PHE A 1 90  ? -2.934  0.631   -9.169  1.00 8.82   ? 90  PHE A CE2 1 
ATOM   718  C CZ  . PHE A 1 90  ? -1.651  0.210   -9.491  1.00 8.85   ? 90  PHE A CZ  1 
ATOM   719  N N   . ILE A 1 91  ? -3.841  -3.206  -3.395  1.00 8.19   ? 91  ILE A N   1 
ATOM   720  C CA  . ILE A 1 91  ? -3.967  -3.414  -1.946  1.00 8.06   ? 91  ILE A CA  1 
ATOM   721  C C   . ILE A 1 91  ? -3.079  -2.378  -1.245  1.00 8.06   ? 91  ILE A C   1 
ATOM   722  O O   . ILE A 1 91  ? -1.861  -2.344  -1.456  1.00 8.26   ? 91  ILE A O   1 
ATOM   723  C CB  . ILE A 1 91  ? -3.562  -4.853  -1.555  1.00 8.06   ? 91  ILE A CB  1 
ATOM   724  C CG1 . ILE A 1 91  ? -4.377  -5.902  -2.350  1.00 8.57   ? 91  ILE A CG1 1 
ATOM   725  C CG2 . ILE A 1 91  ? -3.644  -5.059  -0.027  1.00 7.54   ? 91  ILE A CG2 1 
ATOM   726  C CD1 . ILE A 1 91  ? -5.923  -5.753  -2.257  1.00 9.63   ? 91  ILE A CD1 1 
ATOM   727  N N   . PHE A 1 92  ? -3.699  -1.541  -0.413  1.00 7.79   ? 92  PHE A N   1 
ATOM   728  C CA  . PHE A 1 92  ? -3.113  -0.258  0.000   1.00 7.96   ? 92  PHE A CA  1 
ATOM   729  C C   . PHE A 1 92  ? -2.758  -0.196  1.486   1.00 7.84   ? 92  PHE A C   1 
ATOM   730  O O   . PHE A 1 92  ? -2.139  0.777   1.945   1.00 7.91   ? 92  PHE A O   1 
ATOM   731  C CB  . PHE A 1 92  ? -4.078  0.879   -0.392  1.00 8.20   ? 92  PHE A CB  1 
ATOM   732  C CG  . PHE A 1 92  ? -3.446  2.251   -0.493  1.00 8.80   ? 92  PHE A CG  1 
ATOM   733  C CD1 . PHE A 1 92  ? -4.028  3.339   0.159   1.00 10.09  ? 92  PHE A CD1 1 
ATOM   734  C CD2 . PHE A 1 92  ? -2.312  2.476   -1.278  1.00 8.85   ? 92  PHE A CD2 1 
ATOM   735  C CE1 . PHE A 1 92  ? -3.474  4.628   0.055   1.00 10.24  ? 92  PHE A CE1 1 
ATOM   736  C CE2 . PHE A 1 92  ? -1.752  3.757   -1.383  1.00 10.47  ? 92  PHE A CE2 1 
ATOM   737  C CZ  . PHE A 1 92  ? -2.332  4.832   -0.714  1.00 9.43   ? 92  PHE A CZ  1 
ATOM   738  N N   . GLY A 1 93  ? -3.124  -1.242  2.226   1.00 7.54   ? 93  GLY A N   1 
ATOM   739  C CA  . GLY A 1 93  ? -2.848  -1.327  3.669   1.00 7.39   ? 93  GLY A CA  1 
ATOM   740  C C   . GLY A 1 93  ? -4.040  -1.855  4.454   1.00 7.37   ? 93  GLY A C   1 
ATOM   741  O O   . GLY A 1 93  ? -5.165  -1.897  3.923   1.00 7.05   ? 93  GLY A O   1 
ATOM   742  N N   . GLY A 1 94  ? -3.839  -2.252  5.718   1.00 7.12   ? 94  GLY A N   1 
ATOM   743  C CA  . GLY A 1 94  ? -2.566  -2.153  6.435   1.00 6.88   ? 94  GLY A CA  1 
ATOM   744  C C   . GLY A 1 94  ? -1.964  -3.522  6.678   1.00 6.73   ? 94  GLY A C   1 
ATOM   745  O O   . GLY A 1 94  ? -2.033  -4.396  5.809   1.00 6.66   ? 94  GLY A O   1 
ATOM   746  N N   . GLN A 1 95  ? -1.372  -3.722  7.853   1.00 6.37   ? 95  GLN A N   1 
ATOM   747  C CA  . GLN A 1 95  ? -0.725  -5.004  8.164   1.00 6.95   ? 95  GLN A CA  1 
ATOM   748  C C   . GLN A 1 95  ? -1.667  -6.195  7.967   1.00 7.09   ? 95  GLN A C   1 
ATOM   749  O O   . GLN A 1 95  ? -1.306  -7.182  7.318   1.00 6.90   ? 95  GLN A O   1 
ATOM   750  C CB  . GLN A 1 95  ? -0.138  -5.020  9.582   1.00 6.61   ? 95  GLN A CB  1 
ATOM   751  C CG  . GLN A 1 95  ? 0.352   -6.412  10.013  1.00 7.18   ? 95  GLN A CG  1 
ATOM   752  C CD  . GLN A 1 95  ? 1.136   -6.444  11.326  1.00 7.64   ? 95  GLN A CD  1 
ATOM   753  O OE1 . GLN A 1 95  ? 1.370   -7.523  11.894  1.00 11.55  ? 95  GLN A OE1 1 
ATOM   754  N NE2 . GLN A 1 95  ? 1.549   -5.289  11.807  1.00 5.09   ? 95  GLN A NE2 1 
ATOM   755  N N   . THR A 1 96  ? -2.879  -6.108  8.513   1.00 7.85   ? 96  THR A N   1 
ATOM   756  C CA  . THR A 1 96  ? -3.806  -7.240  8.429   1.00 8.54   ? 96  THR A CA  1 
ATOM   757  C C   . THR A 1 96  ? -4.153  -7.578  6.981   1.00 8.91   ? 96  THR A C   1 
ATOM   758  O O   . THR A 1 96  ? -4.098  -8.743  6.588   1.00 8.98   ? 96  THR A O   1 
ATOM   759  C CB  . THR A 1 96  ? -5.105  -6.998  9.205   1.00 8.85   ? 96  THR A CB  1 
ATOM   760  O OG1 . THR A 1 96  ? -5.801  -5.900  8.607   1.00 13.14  ? 96  THR A OG1 1 
ATOM   761  C CG2 . THR A 1 96  ? -4.800  -6.692  10.659  1.00 5.31   ? 96  THR A CG2 1 
ATOM   762  N N   . LEU A 1 97  ? -4.504  -6.562  6.197   1.00 8.91   ? 97  LEU A N   1 
ATOM   763  C CA  . LEU A 1 97  ? -4.876  -6.780  4.807   1.00 9.55   ? 97  LEU A CA  1 
ATOM   764  C C   . LEU A 1 97  ? -3.703  -7.349  4.002   1.00 8.87   ? 97  LEU A C   1 
ATOM   765  O O   . LEU A 1 97  ? -3.885  -8.288  3.219   1.00 8.99   ? 97  LEU A O   1 
ATOM   766  C CB  . LEU A 1 97  ? -5.434  -5.502  4.163   1.00 9.77   ? 97  LEU A CB  1 
ATOM   767  C CG  . LEU A 1 97  ? -6.122  -5.696  2.803   1.00 10.14  ? 97  LEU A CG  1 
ATOM   768  C CD1 . LEU A 1 97  ? -7.178  -6.795  2.848   1.00 10.61  ? 97  LEU A CD1 1 
ATOM   769  C CD2 . LEU A 1 97  ? -6.731  -4.400  2.330   1.00 10.14  ? 97  LEU A CD2 1 
ATOM   770  N N   . TYR A 1 98  ? -2.501  -6.812  4.224   1.00 8.38   ? 98  TYR A N   1 
ATOM   771  C CA  . TYR A 1 98  ? -1.307  -7.327  3.543   1.00 7.97   ? 98  TYR A CA  1 
ATOM   772  C C   . TYR A 1 98  ? -1.065  -8.797  3.895   1.00 8.53   ? 98  TYR A C   1 
ATOM   773  O O   . TYR A 1 98  ? -0.736  -9.599  3.019   1.00 8.50   ? 98  TYR A O   1 
ATOM   774  C CB  . TYR A 1 98  ? -0.054  -6.487  3.853   1.00 7.90   ? 98  TYR A CB  1 
ATOM   775  C CG  . TYR A 1 98  ? -0.011  -5.095  3.241   1.00 7.00   ? 98  TYR A CG  1 
ATOM   776  C CD1 . TYR A 1 98  ? -0.343  -4.871  1.895   1.00 6.26   ? 98  TYR A CD1 1 
ATOM   777  C CD2 . TYR A 1 98  ? 0.419   -4.006  3.994   1.00 5.82   ? 98  TYR A CD2 1 
ATOM   778  C CE1 . TYR A 1 98  ? -0.285  -3.587  1.340   1.00 5.95   ? 98  TYR A CE1 1 
ATOM   779  C CE2 . TYR A 1 98  ? 0.470   -2.721  3.450   1.00 6.14   ? 98  TYR A CE2 1 
ATOM   780  C CZ  . TYR A 1 98  ? 0.131   -2.520  2.126   1.00 6.30   ? 98  TYR A CZ  1 
ATOM   781  O OH  . TYR A 1 98  ? 0.198   -1.249  1.617   1.00 7.13   ? 98  TYR A OH  1 
ATOM   782  N N   . GLU A 1 99  ? -1.230  -9.147  5.174   1.00 8.82   ? 99  GLU A N   1 
ATOM   783  C CA  . GLU A 1 99  ? -1.071  -10.529 5.620   1.00 9.68   ? 99  GLU A CA  1 
ATOM   784  C C   . GLU A 1 99  ? -2.069  -11.450 4.920   1.00 10.04  ? 99  GLU A C   1 
ATOM   785  O O   . GLU A 1 99  ? -1.732  -12.577 4.553   1.00 9.77   ? 99  GLU A O   1 
ATOM   786  C CB  . GLU A 1 99  ? -1.215  -10.628 7.140   1.00 9.66   ? 99  GLU A CB  1 
ATOM   787  C CG  . GLU A 1 99  ? 0.006   -10.098 7.903   1.00 9.92   ? 99  GLU A CG  1 
ATOM   788  C CD  . GLU A 1 99  ? -0.196  -10.033 9.409   1.00 11.09  ? 99  GLU A CD  1 
ATOM   789  O OE1 . GLU A 1 99  ? 0.792   -9.759  10.116  1.00 11.42  ? 99  GLU A OE1 1 
ATOM   790  O OE2 . GLU A 1 99  ? -1.330  -10.266 9.893   1.00 13.42  ? 99  GLU A OE2 1 
ATOM   791  N N   . GLU A 1 100 ? -3.281  -10.945 4.699   1.00 10.41  ? 100 GLU A N   1 
ATOM   792  C CA  . GLU A 1 100 ? -4.330  -11.714 4.037   1.00 11.45  ? 100 GLU A CA  1 
ATOM   793  C C   . GLU A 1 100 ? -4.124  -11.817 2.522   1.00 11.91  ? 100 GLU A C   1 
ATOM   794  O O   . GLU A 1 100 ? -4.591  -12.774 1.900   1.00 12.44  ? 100 GLU A O   1 
ATOM   795  C CB  . GLU A 1 100 ? -5.706  -11.115 4.347   1.00 11.33  ? 100 GLU A CB  1 
ATOM   796  C CG  . GLU A 1 100 ? -6.113  -11.205 5.820   1.00 11.84  ? 100 GLU A CG  1 
ATOM   797  C CD  . GLU A 1 100 ? -7.447  -10.530 6.107   1.00 12.41  ? 100 GLU A CD  1 
ATOM   798  O OE1 . GLU A 1 100 ? -7.507  -9.282  6.140   1.00 12.13  ? 100 GLU A OE1 1 
ATOM   799  O OE2 . GLU A 1 100 ? -8.441  -11.262 6.299   1.00 14.28  ? 100 GLU A OE2 1 
ATOM   800  N N   . MET A 1 101 ? -3.414  -10.851 1.937   1.00 11.94  ? 101 MET A N   1 
ATOM   801  C CA  . MET A 1 101 ? -3.343  -10.730 0.472   1.00 12.23  ? 101 MET A CA  1 
ATOM   802  C C   . MET A 1 101 ? -2.004  -11.084 -0.177  1.00 12.32  ? 101 MET A C   1 
ATOM   803  O O   . MET A 1 101 ? -1.957  -11.336 -1.390  1.00 12.33  ? 101 MET A O   1 
ATOM   804  C CB  . MET A 1 101 ? -3.784  -9.332  0.019   1.00 12.33  ? 101 MET A CB  1 
ATOM   805  C CG  . MET A 1 101 ? -5.266  -9.022  0.277   1.00 13.78  ? 101 MET A CG  1 
ATOM   806  S SD  . MET A 1 101 ? -6.417  -10.270 -0.369  1.00 16.75  ? 101 MET A SD  1 
ATOM   807  C CE  . MET A 1 101 ? -6.264  -10.013 -2.133  1.00 15.81  ? 101 MET A CE  1 
ATOM   808  N N   . ILE A 1 102 ? -0.924  -11.099 0.603   1.00 12.05  ? 102 ILE A N   1 
ATOM   809  C CA  . ILE A 1 102 ? 0.422   -11.255 0.018   1.00 12.70  ? 102 ILE A CA  1 
ATOM   810  C C   . ILE A 1 102 ? 0.583   -12.524 -0.833  1.00 13.11  ? 102 ILE A C   1 
ATOM   811  O O   . ILE A 1 102 ? 1.227   -12.487 -1.879  1.00 12.86  ? 102 ILE A O   1 
ATOM   812  C CB  . ILE A 1 102 ? 1.569   -11.108 1.065   1.00 12.27  ? 102 ILE A CB  1 
ATOM   813  C CG1 . ILE A 1 102 ? 2.934   -10.994 0.350   1.00 12.76  ? 102 ILE A CG1 1 
ATOM   814  C CG2 . ILE A 1 102 ? 1.529   -12.239 2.097   1.00 12.16  ? 102 ILE A CG2 1 
ATOM   815  C CD1 . ILE A 1 102 ? 4.005   -10.266 1.153   1.00 12.06  ? 102 ILE A CD1 1 
ATOM   816  N N   . ASP A 1 103 ? -0.030  -13.627 -0.404  1.00 14.08  ? 103 ASP A N   1 
ATOM   817  C CA  . ASP A 1 103 ? 0.009   -14.878 -1.181  1.00 15.03  ? 103 ASP A CA  1 
ATOM   818  C C   . ASP A 1 103 ? -0.927  -14.905 -2.395  1.00 15.21  ? 103 ASP A C   1 
ATOM   819  O O   . ASP A 1 103 ? -0.894  -15.855 -3.185  1.00 14.97  ? 103 ASP A O   1 
ATOM   820  C CB  . ASP A 1 103 ? -0.273  -16.087 -0.276  1.00 15.40  ? 103 ASP A CB  1 
ATOM   821  C CG  . ASP A 1 103 ? 0.859   -16.367 0.700   1.00 17.53  ? 103 ASP A CG  1 
ATOM   822  O OD1 . ASP A 1 103 ? 0.594   -17.020 1.734   1.00 20.78  ? 103 ASP A OD1 1 
ATOM   823  O OD2 . ASP A 1 103 ? 2.008   -15.944 0.443   1.00 18.53  ? 103 ASP A OD2 1 
ATOM   824  N N   . LYS A 1 104 ? -1.755  -13.874 -2.546  1.00 15.35  ? 104 LYS A N   1 
ATOM   825  C CA  . LYS A 1 104 ? -2.775  -13.836 -3.595  1.00 15.82  ? 104 LYS A CA  1 
ATOM   826  C C   . LYS A 1 104 ? -2.445  -12.916 -4.776  1.00 15.46  ? 104 LYS A C   1 
ATOM   827  O O   . LYS A 1 104 ? -2.924  -13.144 -5.890  1.00 15.57  ? 104 LYS A O   1 
ATOM   828  C CB  . LYS A 1 104 ? -4.139  -13.440 -3.002  1.00 16.43  ? 104 LYS A CB  1 
ATOM   829  C CG  . LYS A 1 104 ? -4.601  -14.280 -1.808  1.00 17.80  ? 104 LYS A CG  1 
ATOM   830  C CD  . LYS A 1 104 ? -4.964  -15.703 -2.216  1.00 20.50  ? 104 LYS A CD  1 
ATOM   831  C CE  . LYS A 1 104 ? -5.326  -16.554 -1.000  1.00 22.84  ? 104 LYS A CE  1 
ATOM   832  N NZ  . LYS A 1 104 ? -5.403  -18.003 -1.349  1.00 24.11  ? 104 LYS A NZ  1 
ATOM   833  N N   . VAL A 1 105 ? -1.638  -11.879 -4.539  1.00 14.96  ? 105 VAL A N   1 
ATOM   834  C CA  . VAL A 1 105 ? -1.446  -10.817 -5.539  1.00 14.04  ? 105 VAL A CA  1 
ATOM   835  C C   . VAL A 1 105 ? -0.512  -11.215 -6.693  1.00 14.11  ? 105 VAL A C   1 
ATOM   836  O O   . VAL A 1 105 ? 0.375   -12.058 -6.532  1.00 13.61  ? 105 VAL A O   1 
ATOM   837  C CB  . VAL A 1 105 ? -0.981  -9.464  -4.904  1.00 14.35  ? 105 VAL A CB  1 
ATOM   838  C CG1 . VAL A 1 105 ? -2.009  -8.948  -3.880  1.00 13.21  ? 105 VAL A CG1 1 
ATOM   839  C CG2 . VAL A 1 105 ? 0.408   -9.592  -4.281  1.00 12.93  ? 105 VAL A CG2 1 
ATOM   840  N N   . ASP A 1 106 ? -0.734  -10.596 -7.853  1.00 13.83  ? 106 ASP A N   1 
ATOM   841  C CA  . ASP A 1 106 ? 0.089   -10.826 -9.043  1.00 13.89  ? 106 ASP A CA  1 
ATOM   842  C C   . ASP A 1 106 ? 1.495   -10.249 -8.860  1.00 12.85  ? 106 ASP A C   1 
ATOM   843  O O   . ASP A 1 106 ? 2.509   -10.880 -9.209  1.00 12.53  ? 106 ASP A O   1 
ATOM   844  C CB  . ASP A 1 106 ? -0.567  -10.174 -10.270 1.00 14.43  ? 106 ASP A CB  1 
ATOM   845  C CG  . ASP A 1 106 ? -1.987  -10.690 -10.534 1.00 16.57  ? 106 ASP A CG  1 
ATOM   846  O OD1 . ASP A 1 106 ? -2.248  -11.890 -10.322 1.00 18.19  ? 106 ASP A OD1 1 
ATOM   847  O OD2 . ASP A 1 106 ? -2.844  -9.890  -10.969 1.00 18.81  ? 106 ASP A OD2 1 
ATOM   848  N N   . ASP A 1 107 ? 1.545   -9.049  -8.291  1.00 11.33  ? 107 ASP A N   1 
ATOM   849  C CA  . ASP A 1 107 ? 2.786   -8.297  -8.190  1.00 10.11  ? 107 ASP A CA  1 
ATOM   850  C C   . ASP A 1 107 ? 2.727   -7.267  -7.061  1.00 8.86   ? 107 ASP A C   1 
ATOM   851  O O   . ASP A 1 107 ? 1.672   -7.048  -6.447  1.00 7.43   ? 107 ASP A O   1 
ATOM   852  C CB  . ASP A 1 107 ? 3.136   -7.635  -9.538  1.00 10.70  ? 107 ASP A CB  1 
ATOM   853  C CG  . ASP A 1 107 ? 2.100   -6.616  -9.986  1.00 12.33  ? 107 ASP A CG  1 
ATOM   854  O OD1 . ASP A 1 107 ? 0.989   -6.586  -9.415  1.00 14.54  ? 107 ASP A OD1 1 
ATOM   855  O OD2 . ASP A 1 107 ? 2.395   -5.838  -10.919 1.00 15.49  ? 107 ASP A OD2 1 
ATOM   856  N N   . MET A 1 108 ? 3.874   -6.665  -6.776  1.00 7.57   ? 108 MET A N   1 
ATOM   857  C CA  . MET A 1 108 ? 3.997   -5.729  -5.665  1.00 7.16   ? 108 MET A CA  1 
ATOM   858  C C   . MET A 1 108 ? 4.800   -4.507  -6.091  1.00 6.79   ? 108 MET A C   1 
ATOM   859  O O   . MET A 1 108 ? 5.864   -4.640  -6.714  1.00 7.39   ? 108 MET A O   1 
ATOM   860  C CB  . MET A 1 108 ? 4.687   -6.400  -4.472  1.00 6.62   ? 108 MET A CB  1 
ATOM   861  C CG  . MET A 1 108 ? 4.056   -7.719  -4.011  1.00 7.21   ? 108 MET A CG  1 
ATOM   862  S SD  . MET A 1 108 ? 4.508   -8.202  -2.325  1.00 7.31   ? 108 MET A SD  1 
ATOM   863  C CE  . MET A 1 108 ? 6.228   -8.672  -2.499  1.00 7.00   ? 108 MET A CE  1 
ATOM   864  N N   . TYR A 1 109 ? 4.284   -3.325  -5.757  1.00 6.06   ? 109 TYR A N   1 
ATOM   865  C CA  . TYR A 1 109 ? 5.024   -2.089  -5.923  1.00 5.48   ? 109 TYR A CA  1 
ATOM   866  C C   . TYR A 1 109 ? 5.456   -1.653  -4.539  1.00 5.31   ? 109 TYR A C   1 
ATOM   867  O O   . TYR A 1 109 ? 4.637   -1.192  -3.749  1.00 4.58   ? 109 TYR A O   1 
ATOM   868  C CB  . TYR A 1 109 ? 4.152   -1.012  -6.553  1.00 5.90   ? 109 TYR A CB  1 
ATOM   869  C CG  . TYR A 1 109 ? 3.795   -1.314  -7.985  1.00 6.64   ? 109 TYR A CG  1 
ATOM   870  C CD1 . TYR A 1 109 ? 2.654   -2.056  -8.293  1.00 6.75   ? 109 TYR A CD1 1 
ATOM   871  C CD2 . TYR A 1 109 ? 4.602   -0.871  -9.024  1.00 7.73   ? 109 TYR A CD2 1 
ATOM   872  C CE1 . TYR A 1 109 ? 2.326   -2.347  -9.615  1.00 6.68   ? 109 TYR A CE1 1 
ATOM   873  C CE2 . TYR A 1 109 ? 4.278   -1.146  -10.349 1.00 7.89   ? 109 TYR A CE2 1 
ATOM   874  C CZ  . TYR A 1 109 ? 3.146   -1.887  -10.635 1.00 7.01   ? 109 TYR A CZ  1 
ATOM   875  O OH  . TYR A 1 109 ? 2.824   -2.149  -11.959 1.00 8.64   ? 109 TYR A OH  1 
ATOM   876  N N   . ILE A 1 110 ? 6.744   -1.819  -4.257  1.00 4.77   ? 110 ILE A N   1 
ATOM   877  C CA  . ILE A 1 110 ? 7.281   -1.570  -2.924  1.00 5.17   ? 110 ILE A CA  1 
ATOM   878  C C   . ILE A 1 110 ? 8.273   -0.417  -2.965  1.00 4.85   ? 110 ILE A C   1 
ATOM   879  O O   . ILE A 1 110 ? 9.187   -0.408  -3.794  1.00 5.30   ? 110 ILE A O   1 
ATOM   880  C CB  . ILE A 1 110 ? 7.989   -2.826  -2.367  1.00 4.93   ? 110 ILE A CB  1 
ATOM   881  C CG1 . ILE A 1 110 ? 6.985   -3.993  -2.281  1.00 5.08   ? 110 ILE A CG1 1 
ATOM   882  C CG2 . ILE A 1 110 ? 8.670   -2.513  -1.011  1.00 5.24   ? 110 ILE A CG2 1 
ATOM   883  C CD1 . ILE A 1 110 ? 7.570   -5.313  -1.836  1.00 6.50   ? 110 ILE A CD1 1 
ATOM   884  N N   . THR A 1 111 ? 8.076   0.551   -2.078  1.00 4.18   ? 111 THR A N   1 
ATOM   885  C CA  . THR A 1 111 ? 9.075   1.577   -1.832  1.00 4.40   ? 111 THR A CA  1 
ATOM   886  C C   . THR A 1 111 ? 9.862   1.151   -0.596  1.00 4.46   ? 111 THR A C   1 
ATOM   887  O O   . THR A 1 111 ? 9.317   1.121   0.502   1.00 4.05   ? 111 THR A O   1 
ATOM   888  C CB  . THR A 1 111 ? 8.446   2.975   -1.618  1.00 4.44   ? 111 THR A CB  1 
ATOM   889  O OG1 . THR A 1 111 ? 7.599   3.302   -2.731  1.00 6.15   ? 111 THR A OG1 1 
ATOM   890  C CG2 . THR A 1 111 ? 9.552   4.057   -1.491  1.00 4.41   ? 111 THR A CG2 1 
ATOM   891  N N   . VAL A 1 112 ? 11.123  0.773   -0.791  1.00 4.24   ? 112 VAL A N   1 
ATOM   892  C CA  . VAL A 1 112 ? 11.986  0.429   0.332   1.00 5.01   ? 112 VAL A CA  1 
ATOM   893  C C   . VAL A 1 112 ? 12.615  1.705   0.884   1.00 5.78   ? 112 VAL A C   1 
ATOM   894  O O   . VAL A 1 112 ? 13.351  2.409   0.184   1.00 5.77   ? 112 VAL A O   1 
ATOM   895  C CB  . VAL A 1 112 ? 13.061  -0.619  -0.049  1.00 4.79   ? 112 VAL A CB  1 
ATOM   896  C CG1 . VAL A 1 112 ? 13.828  -1.049  1.186   1.00 5.48   ? 112 VAL A CG1 1 
ATOM   897  C CG2 . VAL A 1 112 ? 12.415  -1.830  -0.681  1.00 5.26   ? 112 VAL A CG2 1 
ATOM   898  N N   . ILE A 1 113 ? 12.297  2.009   2.139   1.00 6.11   ? 113 ILE A N   1 
ATOM   899  C CA  . ILE A 1 113 ? 12.856  3.167   2.834   1.00 6.88   ? 113 ILE A CA  1 
ATOM   900  C C   . ILE A 1 113 ? 14.114  2.700   3.570   1.00 6.74   ? 113 ILE A C   1 
ATOM   901  O O   . ILE A 1 113 ? 14.037  1.846   4.450   1.00 6.64   ? 113 ILE A O   1 
ATOM   902  C CB  . ILE A 1 113 ? 11.833  3.758   3.847   1.00 7.25   ? 113 ILE A CB  1 
ATOM   903  C CG1 . ILE A 1 113 ? 10.423  3.943   3.219   1.00 9.08   ? 113 ILE A CG1 1 
ATOM   904  C CG2 . ILE A 1 113 ? 12.388  5.026   4.521   1.00 7.46   ? 113 ILE A CG2 1 
ATOM   905  C CD1 . ILE A 1 113 ? 10.253  5.106   2.289   1.00 12.57  ? 113 ILE A CD1 1 
ATOM   906  N N   . GLU A 1 114 ? 15.273  3.240   3.200   1.00 6.94   ? 114 GLU A N   1 
ATOM   907  C CA  . GLU A 1 114 ? 16.544  2.697   3.665   1.00 7.36   ? 114 GLU A CA  1 
ATOM   908  C C   . GLU A 1 114 ? 16.900  3.287   5.039   1.00 7.02   ? 114 GLU A C   1 
ATOM   909  O O   . GLU A 1 114 ? 17.936  3.939   5.221   1.00 7.11   ? 114 GLU A O   1 
ATOM   910  C CB  . GLU A 1 114 ? 17.665  2.903   2.617   1.00 8.20   ? 114 GLU A CB  1 
ATOM   911  C CG  . GLU A 1 114 ? 17.265  2.650   1.133   1.00 11.70  ? 114 GLU A CG  1 
ATOM   912  C CD  . GLU A 1 114 ? 17.095  1.180   0.726   1.00 16.43  ? 114 GLU A CD  1 
ATOM   913  O OE1 . GLU A 1 114 ? 17.464  0.270   1.503   1.00 17.27  ? 114 GLU A OE1 1 
ATOM   914  O OE2 . GLU A 1 114 ? 16.579  0.935   -0.398  1.00 18.17  ? 114 GLU A OE2 1 
ATOM   915  N N   . GLY A 1 115 ? 16.003  3.070   5.999   1.00 6.19   ? 115 GLY A N   1 
ATOM   916  C CA  . GLY A 1 115 ? 16.228  3.491   7.383   1.00 6.14   ? 115 GLY A CA  1 
ATOM   917  C C   . GLY A 1 115 ? 15.568  2.530   8.357   1.00 6.17   ? 115 GLY A C   1 
ATOM   918  O O   . GLY A 1 115 ? 14.867  1.600   7.941   1.00 5.41   ? 115 GLY A O   1 
ATOM   919  N N   . LYS A 1 116 ? 15.801  2.755   9.648   1.00 6.39   ? 116 LYS A N   1 
ATOM   920  C CA  . LYS A 1 116 ? 15.196  1.935   10.705  1.00 7.20   ? 116 LYS A CA  1 
ATOM   921  C C   . LYS A 1 116 ? 14.375  2.823   11.630  1.00 7.26   ? 116 LYS A C   1 
ATOM   922  O O   . LYS A 1 116 ? 14.928  3.549   12.454  1.00 7.32   ? 116 LYS A O   1 
ATOM   923  C CB  . LYS A 1 116 ? 16.277  1.182   11.486  1.00 7.72   ? 116 LYS A CB  1 
ATOM   924  C CG  . LYS A 1 116 ? 16.980  0.104   10.663  1.00 10.21  ? 116 LYS A CG  1 
ATOM   925  C CD  . LYS A 1 116 ? 18.201  -0.454  11.368  1.00 14.74  ? 116 LYS A CD  1 
ATOM   926  C CE  . LYS A 1 116 ? 17.835  -1.454  12.449  1.00 17.83  ? 116 LYS A CE  1 
ATOM   927  N NZ  . LYS A 1 116 ? 19.052  -2.135  12.996  1.00 21.85  ? 116 LYS A NZ  1 
ATOM   928  N N   . PHE A 1 117 ? 13.055  2.759   11.488  1.00 6.74   ? 117 PHE A N   1 
ATOM   929  C CA  . PHE A 1 117 ? 12.148  3.618   12.241  1.00 7.63   ? 117 PHE A CA  1 
ATOM   930  C C   . PHE A 1 117 ? 11.484  2.841   13.372  1.00 8.12   ? 117 PHE A C   1 
ATOM   931  O O   . PHE A 1 117 ? 11.400  1.616   13.313  1.00 8.63   ? 117 PHE A O   1 
ATOM   932  C CB  . PHE A 1 117 ? 11.069  4.186   11.294  1.00 7.23   ? 117 PHE A CB  1 
ATOM   933  C CG  . PHE A 1 117 ? 11.603  5.174   10.282  1.00 7.29   ? 117 PHE A CG  1 
ATOM   934  C CD1 . PHE A 1 117 ? 11.393  6.544   10.449  1.00 7.47   ? 117 PHE A CD1 1 
ATOM   935  C CD2 . PHE A 1 117 ? 12.322  4.739   9.167   1.00 7.79   ? 117 PHE A CD2 1 
ATOM   936  C CE1 . PHE A 1 117 ? 11.885  7.462   9.515   1.00 6.92   ? 117 PHE A CE1 1 
ATOM   937  C CE2 . PHE A 1 117 ? 12.823  5.654   8.234   1.00 6.47   ? 117 PHE A CE2 1 
ATOM   938  C CZ  . PHE A 1 117 ? 12.608  7.014   8.413   1.00 6.97   ? 117 PHE A CZ  1 
ATOM   939  N N   . ARG A 1 118 ? 11.014  3.544   14.400  1.00 8.53   ? 118 ARG A N   1 
ATOM   940  C CA  . ARG A 1 118 ? 10.138  2.912   15.393  1.00 9.22   ? 118 ARG A CA  1 
ATOM   941  C C   . ARG A 1 118 ? 8.776   2.666   14.755  1.00 8.08   ? 118 ARG A C   1 
ATOM   942  O O   . ARG A 1 118 ? 8.200   3.576   14.162  1.00 8.00   ? 118 ARG A O   1 
ATOM   943  C CB  . ARG A 1 118 ? 9.970   3.797   16.628  1.00 9.36   ? 118 ARG A CB  1 
ATOM   944  C CG  . ARG A 1 118 ? 8.950   3.242   17.632  1.00 11.34  ? 118 ARG A CG  1 
ATOM   945  C CD  . ARG A 1 118 ? 8.971   3.986   18.956  1.00 12.12  ? 118 ARG A CD  1 
ATOM   946  N NE  . ARG A 1 118 ? 10.296  3.938   19.568  1.00 18.76  ? 118 ARG A NE  1 
ATOM   947  C CZ  . ARG A 1 118 ? 11.093  4.994   19.718  1.00 21.04  ? 118 ARG A CZ  1 
ATOM   948  N NH1 . ARG A 1 118 ? 10.701  6.201   19.320  1.00 22.72  ? 118 ARG A NH1 1 
ATOM   949  N NH2 . ARG A 1 118 ? 12.284  4.841   20.274  1.00 21.97  ? 118 ARG A NH2 1 
ATOM   950  N N   . GLY A 1 119 ? 8.276   1.440   14.874  1.00 7.58   ? 119 GLY A N   1 
ATOM   951  C CA  . GLY A 1 119 ? 6.991   1.084   14.291  1.00 7.13   ? 119 GLY A CA  1 
ATOM   952  C C   . GLY A 1 119 ? 6.121   0.202   15.160  1.00 6.97   ? 119 GLY A C   1 
ATOM   953  O O   . GLY A 1 119 ? 6.606   -0.436  16.106  1.00 7.20   ? 119 GLY A O   1 
ATOM   954  N N   . ASP A 1 120 ? 4.832   0.164   14.832  1.00 6.15   ? 120 ASP A N   1 
ATOM   955  C CA  . ASP A 1 120 ? 3.895   -0.746  15.482  1.00 6.28   ? 120 ASP A CA  1 
ATOM   956  C C   . ASP A 1 120 ? 3.076   -1.550  14.468  1.00 6.04   ? 120 ASP A C   1 
ATOM   957  O O   . ASP A 1 120 ? 2.213   -2.352  14.844  1.00 6.26   ? 120 ASP A O   1 
ATOM   958  C CB  . ASP A 1 120 ? 3.000   0.002   16.489  1.00 6.53   ? 120 ASP A CB  1 
ATOM   959  C CG  . ASP A 1 120 ? 2.177   1.117   15.852  1.00 7.21   ? 120 ASP A CG  1 
ATOM   960  O OD1 . ASP A 1 120 ? 1.774   2.029   16.611  1.00 9.39   ? 120 ASP A OD1 1 
ATOM   961  O OD2 . ASP A 1 120 ? 1.933   1.097   14.623  1.00 7.30   ? 120 ASP A OD2 1 
ATOM   962  N N   . THR A 1 121 ? 3.387   -1.347  13.185  1.00 5.33   ? 121 THR A N   1 
ATOM   963  C CA  . THR A 1 121 ? 2.663   -1.965  12.079  1.00 5.21   ? 121 THR A CA  1 
ATOM   964  C C   . THR A 1 121 ? 3.685   -2.397  11.032  1.00 4.31   ? 121 THR A C   1 
ATOM   965  O O   . THR A 1 121 ? 4.558   -1.606  10.671  1.00 3.76   ? 121 THR A O   1 
ATOM   966  C CB  . THR A 1 121 ? 1.699   -0.953  11.457  1.00 5.12   ? 121 THR A CB  1 
ATOM   967  O OG1 . THR A 1 121 ? 0.975   -0.285  12.499  1.00 8.32   ? 121 THR A OG1 1 
ATOM   968  C CG2 . THR A 1 121 ? 0.720   -1.638  10.529  1.00 6.57   ? 121 THR A CG2 1 
ATOM   969  N N   . PHE A 1 122 ? 3.561   -3.636  10.548  1.00 4.39   ? 122 PHE A N   1 
ATOM   970  C CA  . PHE A 1 122 ? 4.608   -4.266  9.730   1.00 4.59   ? 122 PHE A CA  1 
ATOM   971  C C   . PHE A 1 122 ? 4.076   -4.919  8.463   1.00 4.91   ? 122 PHE A C   1 
ATOM   972  O O   . PHE A 1 122 ? 2.991   -5.503  8.462   1.00 5.09   ? 122 PHE A O   1 
ATOM   973  C CB  . PHE A 1 122 ? 5.357   -5.336  10.544  1.00 4.78   ? 122 PHE A CB  1 
ATOM   974  C CG  . PHE A 1 122 ? 6.311   -4.777  11.544  1.00 4.59   ? 122 PHE A CG  1 
ATOM   975  C CD1 . PHE A 1 122 ? 7.679   -4.727  11.260  1.00 5.07   ? 122 PHE A CD1 1 
ATOM   976  C CD2 . PHE A 1 122 ? 5.858   -4.289  12.778  1.00 5.84   ? 122 PHE A CD2 1 
ATOM   977  C CE1 . PHE A 1 122 ? 8.581   -4.210  12.173  1.00 4.78   ? 122 PHE A CE1 1 
ATOM   978  C CE2 . PHE A 1 122 ? 6.763   -3.758  13.693  1.00 5.61   ? 122 PHE A CE2 1 
ATOM   979  C CZ  . PHE A 1 122 ? 8.117   -3.716  13.391  1.00 5.59   ? 122 PHE A CZ  1 
ATOM   980  N N   . PHE A 1 123 ? 4.864   -4.832  7.391   1.00 5.25   ? 123 PHE A N   1 
ATOM   981  C CA  . PHE A 1 123 ? 4.599   -5.605  6.173   1.00 5.19   ? 123 PHE A CA  1 
ATOM   982  C C   . PHE A 1 123 ? 5.069   -7.036  6.439   1.00 5.83   ? 123 PHE A C   1 
ATOM   983  O O   . PHE A 1 123 ? 6.065   -7.228  7.132   1.00 5.64   ? 123 PHE A O   1 
ATOM   984  C CB  . PHE A 1 123 ? 5.362   -4.992  4.981   1.00 5.19   ? 123 PHE A CB  1 
ATOM   985  C CG  . PHE A 1 123 ? 4.927   -5.523  3.641   1.00 4.71   ? 123 PHE A CG  1 
ATOM   986  C CD1 . PHE A 1 123 ? 3.686   -5.167  3.108   1.00 5.92   ? 123 PHE A CD1 1 
ATOM   987  C CD2 . PHE A 1 123 ? 5.748   -6.377  2.915   1.00 6.66   ? 123 PHE A CD2 1 
ATOM   988  C CE1 . PHE A 1 123 ? 3.264   -5.664  1.866   1.00 5.73   ? 123 PHE A CE1 1 
ATOM   989  C CE2 . PHE A 1 123 ? 5.344   -6.879  1.673   1.00 7.41   ? 123 PHE A CE2 1 
ATOM   990  C CZ  . PHE A 1 123 ? 4.090   -6.528  1.153   1.00 4.74   ? 123 PHE A CZ  1 
ATOM   991  N N   . PRO A 1 124 ? 4.335   -8.050  5.933   1.00 6.58   ? 124 PRO A N   1 
ATOM   992  C CA  . PRO A 1 124 ? 4.786   -9.430  6.190   1.00 7.10   ? 124 PRO A CA  1 
ATOM   993  C C   . PRO A 1 124 ? 6.140   -9.772  5.560   1.00 7.42   ? 124 PRO A C   1 
ATOM   994  O O   . PRO A 1 124 ? 6.479   -9.213  4.521   1.00 7.13   ? 124 PRO A O   1 
ATOM   995  C CB  . PRO A 1 124 ? 3.684   -10.305 5.579   1.00 7.59   ? 124 PRO A CB  1 
ATOM   996  C CG  . PRO A 1 124 ? 2.796   -9.404  4.797   1.00 6.92   ? 124 PRO A CG  1 
ATOM   997  C CD  . PRO A 1 124 ? 3.077   -7.988  5.160   1.00 6.67   ? 124 PRO A CD  1 
ATOM   998  N N   . PRO A 1 125 ? 6.903   -10.695 6.186   1.00 8.67   ? 125 PRO A N   1 
ATOM   999  C CA  . PRO A 1 125 ? 8.146   -11.186 5.580   1.00 9.17   ? 125 PRO A CA  1 
ATOM   1000 C C   . PRO A 1 125 ? 7.901   -11.785 4.200   1.00 9.74   ? 125 PRO A C   1 
ATOM   1001 O O   . PRO A 1 125 ? 6.854   -12.387 3.960   1.00 9.63   ? 125 PRO A O   1 
ATOM   1002 C CB  . PRO A 1 125 ? 8.602   -12.288 6.540   1.00 9.44   ? 125 PRO A CB  1 
ATOM   1003 C CG  . PRO A 1 125 ? 7.978   -11.937 7.855   1.00 9.69   ? 125 PRO A CG  1 
ATOM   1004 C CD  . PRO A 1 125 ? 6.646   -11.326 7.498   1.00 8.69   ? 125 PRO A CD  1 
ATOM   1005 N N   . TYR A 1 126 ? 8.870   -11.602 3.309   1.00 10.62  ? 126 TYR A N   1 
ATOM   1006 C CA  . TYR A 1 126 ? 8.831   -12.185 1.972   1.00 11.68  ? 126 TYR A CA  1 
ATOM   1007 C C   . TYR A 1 126 ? 10.265  -12.463 1.513   1.00 13.15  ? 126 TYR A C   1 
ATOM   1008 O O   . TYR A 1 126 ? 11.210  -11.880 2.043   1.00 13.17  ? 126 TYR A O   1 
ATOM   1009 C CB  . TYR A 1 126 ? 8.071   -11.266 0.996   1.00 10.84  ? 126 TYR A CB  1 
ATOM   1010 C CG  . TYR A 1 126 ? 8.666   -9.882  0.807   1.00 10.06  ? 126 TYR A CG  1 
ATOM   1011 C CD1 . TYR A 1 126 ? 9.529   -9.617  -0.258  1.00 9.54   ? 126 TYR A CD1 1 
ATOM   1012 C CD2 . TYR A 1 126 ? 8.355   -8.832  1.679   1.00 8.34   ? 126 TYR A CD2 1 
ATOM   1013 C CE1 . TYR A 1 126 ? 10.082  -8.356  -0.441  1.00 8.42   ? 126 TYR A CE1 1 
ATOM   1014 C CE2 . TYR A 1 126 ? 8.907   -7.562  1.504   1.00 8.10   ? 126 TYR A CE2 1 
ATOM   1015 C CZ  . TYR A 1 126 ? 9.768   -7.331  0.440   1.00 8.72   ? 126 TYR A CZ  1 
ATOM   1016 O OH  . TYR A 1 126 ? 10.321  -6.080  0.243   1.00 8.73   ? 126 TYR A OH  1 
ATOM   1017 N N   . THR A 1 127 ? 10.419  -13.369 0.553   1.00 15.26  ? 127 THR A N   1 
ATOM   1018 C CA  . THR A 1 127 ? 11.747  -13.740 0.054   1.00 17.60  ? 127 THR A CA  1 
ATOM   1019 C C   . THR A 1 127 ? 11.863  -13.461 -1.436  1.00 18.47  ? 127 THR A C   1 
ATOM   1020 O O   . THR A 1 127 ? 10.933  -13.738 -2.195  1.00 18.66  ? 127 THR A O   1 
ATOM   1021 C CB  . THR A 1 127 ? 12.069  -15.237 0.305   1.00 17.79  ? 127 THR A CB  1 
ATOM   1022 O OG1 . THR A 1 127 ? 11.033  -16.057 -0.254  1.00 19.86  ? 127 THR A OG1 1 
ATOM   1023 C CG2 . THR A 1 127 ? 12.197  -15.526 1.798   1.00 19.03  ? 127 THR A CG2 1 
ATOM   1024 N N   . PHE A 1 128 ? 13.008  -12.925 -1.854  1.00 20.07  ? 128 PHE A N   1 
ATOM   1025 C CA  . PHE A 1 128 ? 13.276  -12.702 -3.278  1.00 21.29  ? 128 PHE A CA  1 
ATOM   1026 C C   . PHE A 1 128 ? 13.353  -14.004 -4.084  1.00 22.21  ? 128 PHE A C   1 
ATOM   1027 O O   . PHE A 1 128 ? 13.417  -13.978 -5.320  1.00 22.93  ? 128 PHE A O   1 
ATOM   1028 C CB  . PHE A 1 128 ? 14.516  -11.826 -3.477  1.00 21.61  ? 128 PHE A CB  1 
ATOM   1029 C CG  . PHE A 1 128 ? 14.271  -10.367 -3.187  1.00 21.90  ? 128 PHE A CG  1 
ATOM   1030 C CD1 . PHE A 1 128 ? 13.611  -9.564  -4.112  1.00 22.44  ? 128 PHE A CD1 1 
ATOM   1031 C CD2 . PHE A 1 128 ? 14.680  -9.802  -1.984  1.00 22.43  ? 128 PHE A CD2 1 
ATOM   1032 C CE1 . PHE A 1 128 ? 13.368  -8.216  -3.848  1.00 22.75  ? 128 PHE A CE1 1 
ATOM   1033 C CE2 . PHE A 1 128 ? 14.441  -8.453  -1.707  1.00 23.05  ? 128 PHE A CE2 1 
ATOM   1034 C CZ  . PHE A 1 128 ? 13.785  -7.661  -2.642  1.00 23.01  ? 128 PHE A CZ  1 
ATOM   1035 N N   . GLU A 1 129 ? 13.331  -15.133 -3.378  1.00 22.79  ? 129 GLU A N   1 
ATOM   1036 C CA  . GLU A 1 129 ? 13.232  -16.459 -3.988  1.00 23.53  ? 129 GLU A CA  1 
ATOM   1037 C C   . GLU A 1 129 ? 11.899  -16.630 -4.725  1.00 22.79  ? 129 GLU A C   1 
ATOM   1038 O O   . GLU A 1 129 ? 11.808  -17.400 -5.687  1.00 23.13  ? 129 GLU A O   1 
ATOM   1039 C CB  . GLU A 1 129 ? 13.375  -17.545 -2.909  1.00 23.67  ? 129 GLU A CB  1 
ATOM   1040 C CG  . GLU A 1 129 ? 13.270  -18.992 -3.420  1.00 25.16  ? 129 GLU A CG  1 
ATOM   1041 C CD  . GLU A 1 129 ? 13.138  -20.028 -2.304  1.00 25.27  ? 129 GLU A CD  1 
ATOM   1042 O OE1 . GLU A 1 129 ? 12.747  -21.177 -2.609  1.00 28.30  ? 129 GLU A OE1 1 
ATOM   1043 O OE2 . GLU A 1 129 ? 13.417  -19.706 -1.127  1.00 28.44  ? 129 GLU A OE2 1 
ATOM   1044 N N   . ASP A 1 130 ? 10.875  -15.909 -4.269  1.00 21.71  ? 130 ASP A N   1 
ATOM   1045 C CA  . ASP A 1 130 ? 9.527   -16.022 -4.819  1.00 20.81  ? 130 ASP A CA  1 
ATOM   1046 C C   . ASP A 1 130 ? 9.168   -14.862 -5.758  1.00 19.89  ? 130 ASP A C   1 
ATOM   1047 O O   . ASP A 1 130 ? 8.127   -14.897 -6.419  1.00 19.74  ? 130 ASP A O   1 
ATOM   1048 C CB  . ASP A 1 130 ? 8.493   -16.085 -3.683  1.00 21.12  ? 130 ASP A CB  1 
ATOM   1049 C CG  . ASP A 1 130 ? 8.629   -17.331 -2.812  1.00 22.41  ? 130 ASP A CG  1 
ATOM   1050 O OD1 . ASP A 1 130 ? 8.193   -17.276 -1.638  1.00 21.75  ? 130 ASP A OD1 1 
ATOM   1051 O OD2 . ASP A 1 130 ? 9.152   -18.365 -3.294  1.00 24.14  ? 130 ASP A OD2 1 
ATOM   1052 N N   . TRP A 1 131 ? 10.022  -13.837 -5.801  1.00 18.63  ? 131 TRP A N   1 
ATOM   1053 C CA  . TRP A 1 131 ? 9.709   -12.585 -6.500  1.00 17.35  ? 131 TRP A CA  1 
ATOM   1054 C C   . TRP A 1 131 ? 10.833  -12.132 -7.427  1.00 17.02  ? 131 TRP A C   1 
ATOM   1055 O O   . TRP A 1 131 ? 11.969  -11.950 -6.991  1.00 17.43  ? 131 TRP A O   1 
ATOM   1056 C CB  . TRP A 1 131 ? 9.381   -11.473 -5.487  1.00 16.60  ? 131 TRP A CB  1 
ATOM   1057 C CG  . TRP A 1 131 ? 8.203   -11.792 -4.608  1.00 15.59  ? 131 TRP A CG  1 
ATOM   1058 C CD1 . TRP A 1 131 ? 8.234   -12.390 -3.378  1.00 14.69  ? 131 TRP A CD1 1 
ATOM   1059 C CD2 . TRP A 1 131 ? 6.820   -11.546 -4.899  1.00 14.64  ? 131 TRP A CD2 1 
ATOM   1060 N NE1 . TRP A 1 131 ? 6.956   -12.533 -2.888  1.00 14.85  ? 131 TRP A NE1 1 
ATOM   1061 C CE2 . TRP A 1 131 ? 6.070   -12.025 -3.802  1.00 14.16  ? 131 TRP A CE2 1 
ATOM   1062 C CE3 . TRP A 1 131 ? 6.141   -10.973 -5.984  1.00 14.42  ? 131 TRP A CE3 1 
ATOM   1063 C CZ2 . TRP A 1 131 ? 4.675   -11.944 -3.755  1.00 15.57  ? 131 TRP A CZ2 1 
ATOM   1064 C CZ3 . TRP A 1 131 ? 4.754   -10.895 -5.939  1.00 14.45  ? 131 TRP A CZ3 1 
ATOM   1065 C CH2 . TRP A 1 131 ? 4.037   -11.377 -4.830  1.00 15.13  ? 131 TRP A CH2 1 
ATOM   1066 N N   . GLU A 1 132 ? 10.501  -11.949 -8.705  1.00 16.18  ? 132 GLU A N   1 
ATOM   1067 C CA  . GLU A 1 132 ? 11.433  -11.420 -9.703  1.00 16.05  ? 132 GLU A CA  1 
ATOM   1068 C C   . GLU A 1 132 ? 11.439  -9.894  -9.646  1.00 14.42  ? 132 GLU A C   1 
ATOM   1069 O O   . GLU A 1 132 ? 10.387  -9.279  -9.501  1.00 14.14  ? 132 GLU A O   1 
ATOM   1070 C CB  . GLU A 1 132 ? 11.031  -11.900 -11.109 1.00 16.18  ? 132 GLU A CB  1 
ATOM   1071 C CG  . GLU A 1 132 ? 11.857  -11.292 -12.250 1.00 18.07  ? 132 GLU A CG  1 
ATOM   1072 C CD  . GLU A 1 132 ? 11.723  -12.031 -13.580 1.00 18.30  ? 132 GLU A CD  1 
ATOM   1073 O OE1 . GLU A 1 132 ? 12.634  -11.870 -14.418 1.00 22.55  ? 132 GLU A OE1 1 
ATOM   1074 O OE2 . GLU A 1 132 ? 10.722  -12.753 -13.801 1.00 22.68  ? 132 GLU A OE2 1 
ATOM   1075 N N   . VAL A 1 133 ? 12.623  -9.288  -9.758  1.00 13.04  ? 133 VAL A N   1 
ATOM   1076 C CA  . VAL A 1 133 ? 12.737  -7.828  -9.773  1.00 11.73  ? 133 VAL A CA  1 
ATOM   1077 C C   . VAL A 1 133 ? 12.513  -7.294  -11.196 1.00 10.88  ? 133 VAL A C   1 
ATOM   1078 O O   . VAL A 1 133 ? 13.432  -7.300  -12.027 1.00 10.41  ? 133 VAL A O   1 
ATOM   1079 C CB  . VAL A 1 133 ? 14.107  -7.341  -9.210  1.00 11.88  ? 133 VAL A CB  1 
ATOM   1080 C CG1 . VAL A 1 133 ? 14.217  -5.811  -9.266  1.00 11.65  ? 133 VAL A CG1 1 
ATOM   1081 C CG2 . VAL A 1 133 ? 14.317  -7.849  -7.765  1.00 12.10  ? 133 VAL A CG2 1 
ATOM   1082 N N   . ALA A 1 134 ? 11.293  -6.830  -11.471 1.00 9.30   ? 134 ALA A N   1 
ATOM   1083 C CA  . ALA A 1 134 ? 10.969  -6.270  -12.782 1.00 9.03   ? 134 ALA A CA  1 
ATOM   1084 C C   . ALA A 1 134 ? 11.698  -4.944  -13.013 1.00 8.85   ? 134 ALA A C   1 
ATOM   1085 O O   . ALA A 1 134 ? 12.152  -4.651  -14.128 1.00 9.21   ? 134 ALA A O   1 
ATOM   1086 C CB  . ALA A 1 134 ? 9.452   -6.095  -12.936 1.00 9.01   ? 134 ALA A CB  1 
ATOM   1087 N N   . SER A 1 135 ? 11.811  -4.153  -11.945 1.00 8.10   ? 135 SER A N   1 
ATOM   1088 C CA  . SER A 1 135 ? 12.524  -2.873  -11.974 1.00 8.18   ? 135 SER A CA  1 
ATOM   1089 C C   . SER A 1 135 ? 12.901  -2.460  -10.563 1.00 8.10   ? 135 SER A C   1 
ATOM   1090 O O   . SER A 1 135 ? 12.230  -2.823  -9.594  1.00 7.61   ? 135 SER A O   1 
ATOM   1091 C CB  . SER A 1 135 ? 11.680  -1.775  -12.627 1.00 8.23   ? 135 SER A CB  1 
ATOM   1092 O OG  . SER A 1 135 ? 10.444  -1.599  -11.965 1.00 8.71   ? 135 SER A OG  1 
ATOM   1093 N N   . SER A 1 136 ? 13.993  -1.711  -10.464 1.00 8.51   ? 136 SER A N   1 
ATOM   1094 C CA  . SER A 1 136 ? 14.466  -1.168  -9.203  1.00 8.94   ? 136 SER A CA  1 
ATOM   1095 C C   . SER A 1 136 ? 15.045  0.198   -9.526  1.00 9.43   ? 136 SER A C   1 
ATOM   1096 O O   . SER A 1 136 ? 16.007  0.298   -10.291 1.00 9.62   ? 136 SER A O   1 
ATOM   1097 C CB  . SER A 1 136 ? 15.522  -2.091  -8.592  1.00 8.74   ? 136 SER A CB  1 
ATOM   1098 O OG  . SER A 1 136 ? 16.084  -1.535  -7.417  1.00 9.21   ? 136 SER A OG  1 
ATOM   1099 N N   . VAL A 1 137 ? 14.432  1.243   -8.973  1.00 9.97   ? 137 VAL A N   1 
ATOM   1100 C CA  . VAL A 1 137 ? 14.806  2.630   -9.269  1.00 10.92  ? 137 VAL A CA  1 
ATOM   1101 C C   . VAL A 1 137 ? 15.030  3.406   -7.980  1.00 11.51  ? 137 VAL A C   1 
ATOM   1102 O O   . VAL A 1 137 ? 14.124  3.516   -7.149  1.00 11.83  ? 137 VAL A O   1 
ATOM   1103 C CB  . VAL A 1 137 ? 13.724  3.359   -10.108 1.00 10.95  ? 137 VAL A CB  1 
ATOM   1104 C CG1 . VAL A 1 137 ? 14.131  4.804   -10.391 1.00 11.48  ? 137 VAL A CG1 1 
ATOM   1105 C CG2 . VAL A 1 137 ? 13.453  2.617   -11.427 1.00 10.83  ? 137 VAL A CG2 1 
ATOM   1106 N N   . GLU A 1 138 ? 16.238  3.936   -7.822  1.00 12.65  ? 138 GLU A N   1 
ATOM   1107 C CA  . GLU A 1 138 ? 16.559  4.795   -6.682  1.00 13.73  ? 138 GLU A CA  1 
ATOM   1108 C C   . GLU A 1 138 ? 15.829  6.132   -6.730  1.00 14.13  ? 138 GLU A C   1 
ATOM   1109 O O   . GLU A 1 138 ? 15.803  6.803   -7.766  1.00 13.95  ? 138 GLU A O   1 
ATOM   1110 C CB  . GLU A 1 138 ? 18.048  5.081   -6.645  1.00 14.32  ? 138 GLU A CB  1 
ATOM   1111 C CG  . GLU A 1 138 ? 18.923  3.938   -6.248  1.00 16.35  ? 138 GLU A CG  1 
ATOM   1112 C CD  . GLU A 1 138 ? 20.347  4.409   -6.068  1.00 20.58  ? 138 GLU A CD  1 
ATOM   1113 O OE1 . GLU A 1 138 ? 21.280  3.619   -6.319  1.00 22.61  ? 138 GLU A OE1 1 
ATOM   1114 O OE2 . GLU A 1 138 ? 20.530  5.592   -5.697  1.00 23.42  ? 138 GLU A OE2 1 
ATOM   1115 N N   . GLY A 1 139 ? 15.252  6.528   -5.601  1.00 14.47  ? 139 GLY A N   1 
ATOM   1116 C CA  . GLY A 1 139 ? 14.619  7.834   -5.495  1.00 15.33  ? 139 GLY A CA  1 
ATOM   1117 C C   . GLY A 1 139 ? 15.678  8.906   -5.338  1.00 16.44  ? 139 GLY A C   1 
ATOM   1118 O O   . GLY A 1 139 ? 16.785  8.632   -4.873  1.00 15.40  ? 139 GLY A O   1 
ATOM   1119 N N   . LYS A 1 140 ? 15.340  10.130  -5.729  1.00 17.82  ? 140 LYS A N   1 
ATOM   1120 C CA  . LYS A 1 140 ? 16.271  11.247  -5.612  1.00 19.89  ? 140 LYS A CA  1 
ATOM   1121 C C   . LYS A 1 140 ? 16.266  11.850  -4.214  1.00 20.72  ? 140 LYS A C   1 
ATOM   1122 O O   . LYS A 1 140 ? 15.205  12.174  -3.671  1.00 20.89  ? 140 LYS A O   1 
ATOM   1123 C CB  . LYS A 1 140 ? 15.953  12.317  -6.658  1.00 20.32  ? 140 LYS A CB  1 
ATOM   1124 C CG  . LYS A 1 140 ? 16.471  11.998  -8.055  1.00 22.30  ? 140 LYS A CG  1 
ATOM   1125 C CD  . LYS A 1 140 ? 17.743  12.787  -8.408  1.00 24.46  ? 140 LYS A CD  1 
ATOM   1126 C CE  . LYS A 1 140 ? 18.998  12.226  -7.736  1.00 25.88  ? 140 LYS A CE  1 
ATOM   1127 N NZ  . LYS A 1 140 ? 19.119  10.743  -7.872  1.00 27.73  ? 140 LYS A NZ  1 
ATOM   1128 N N   . LEU A 1 141 ? 17.454  11.968  -3.621  1.00 22.22  ? 141 LEU A N   1 
ATOM   1129 C CA  . LEU A 1 141 ? 17.619  12.707  -2.371  1.00 23.53  ? 141 LEU A CA  1 
ATOM   1130 C C   . LEU A 1 141 ? 17.550  14.191  -2.708  1.00 24.61  ? 141 LEU A C   1 
ATOM   1131 O O   . LEU A 1 141 ? 18.041  14.621  -3.757  1.00 24.92  ? 141 LEU A O   1 
ATOM   1132 C CB  . LEU A 1 141 ? 18.930  12.352  -1.663  1.00 23.69  ? 141 LEU A CB  1 
ATOM   1133 C CG  . LEU A 1 141 ? 19.006  11.122  -0.751  1.00 23.62  ? 141 LEU A CG  1 
ATOM   1134 C CD1 . LEU A 1 141 ? 20.411  11.000  -0.161  1.00 23.92  ? 141 LEU A CD1 1 
ATOM   1135 C CD2 . LEU A 1 141 ? 17.992  11.179  0.371   1.00 24.13  ? 141 LEU A CD2 1 
ATOM   1136 N N   . ASP A 1 142 ? 16.953  14.967  -1.808  1.00 25.72  ? 142 ASP A N   1 
ATOM   1137 C CA  . ASP A 1 142 ? 16.286  16.206  -2.198  1.00 26.62  ? 142 ASP A CA  1 
ATOM   1138 C C   . ASP A 1 142 ? 16.388  17.277  -1.120  1.00 27.06  ? 142 ASP A C   1 
ATOM   1139 O O   . ASP A 1 142 ? 17.035  17.068  -0.098  1.00 27.36  ? 142 ASP A O   1 
ATOM   1140 C CB  . ASP A 1 142 ? 14.810  15.862  -2.400  1.00 26.90  ? 142 ASP A CB  1 
ATOM   1141 C CG  . ASP A 1 142 ? 14.142  16.724  -3.414  1.00 27.35  ? 142 ASP A CG  1 
ATOM   1142 O OD1 . ASP A 1 142 ? 14.517  16.651  -4.600  1.00 29.80  ? 142 ASP A OD1 1 
ATOM   1143 O OD2 . ASP A 1 142 ? 13.213  17.453  -3.027  1.00 29.72  ? 142 ASP A OD2 1 
ATOM   1144 N N   . GLU A 1 143 ? 15.752  18.427  -1.343  1.00 27.62  ? 143 GLU A N   1 
ATOM   1145 C CA  . GLU A 1 143 ? 15.494  19.355  -0.246  1.00 27.85  ? 143 GLU A CA  1 
ATOM   1146 C C   . GLU A 1 143 ? 14.365  18.767  0.604   1.00 27.39  ? 143 GLU A C   1 
ATOM   1147 O O   . GLU A 1 143 ? 14.434  18.751  1.837   1.00 27.56  ? 143 GLU A O   1 
ATOM   1148 C CB  . GLU A 1 143 ? 15.104  20.760  -0.746  1.00 28.35  ? 143 GLU A CB  1 
ATOM   1149 C CG  . GLU A 1 143 ? 15.345  21.042  -2.232  1.00 30.12  ? 143 GLU A CG  1 
ATOM   1150 C CD  . GLU A 1 143 ? 14.060  21.068  -3.052  1.00 31.65  ? 143 GLU A CD  1 
ATOM   1151 O OE1 . GLU A 1 143 ? 13.120  20.312  -2.729  1.00 32.99  ? 143 GLU A OE1 1 
ATOM   1152 O OE2 . GLU A 1 143 ? 13.990  21.845  -4.030  1.00 32.53  ? 143 GLU A OE2 1 
ATOM   1153 N N   . LYS A 1 144 ? 13.343  18.248  -0.075  1.00 26.85  ? 144 LYS A N   1 
ATOM   1154 C CA  . LYS A 1 144 ? 12.119  17.772  0.578   1.00 25.82  ? 144 LYS A CA  1 
ATOM   1155 C C   . LYS A 1 144 ? 12.070  16.254  0.820   1.00 24.73  ? 144 LYS A C   1 
ATOM   1156 O O   . LYS A 1 144 ? 11.153  15.765  1.476   1.00 24.52  ? 144 LYS A O   1 
ATOM   1157 C CB  . LYS A 1 144 ? 10.893  18.223  -0.227  1.00 26.28  ? 144 LYS A CB  1 
ATOM   1158 C CG  . LYS A 1 144 ? 10.814  19.733  -0.484  1.00 27.18  ? 144 LYS A CG  1 
ATOM   1159 C CD  . LYS A 1 144 ? 10.527  20.524  0.791   1.00 29.40  ? 144 LYS A CD  1 
ATOM   1160 C CE  . LYS A 1 144 ? 10.704  22.025  0.577   1.00 30.12  ? 144 LYS A CE  1 
ATOM   1161 N NZ  . LYS A 1 144 ? 9.830   22.545  -0.509  1.00 30.81  ? 144 LYS A NZ  1 
ATOM   1162 N N   . ASN A 1 145 ? 13.056  15.524  0.295   1.00 23.40  ? 145 ASN A N   1 
ATOM   1163 C CA  . ASN A 1 145 ? 13.118  14.057  0.408   1.00 22.09  ? 145 ASN A CA  1 
ATOM   1164 C C   . ASN A 1 145 ? 14.476  13.599  0.907   1.00 21.32  ? 145 ASN A C   1 
ATOM   1165 O O   . ASN A 1 145 ? 15.412  13.449  0.121   1.00 21.78  ? 145 ASN A O   1 
ATOM   1166 C CB  . ASN A 1 145 ? 12.843  13.400  -0.944  1.00 21.88  ? 145 ASN A CB  1 
ATOM   1167 C CG  . ASN A 1 145 ? 11.492  13.768  -1.505  1.00 21.07  ? 145 ASN A CG  1 
ATOM   1168 O OD1 . ASN A 1 145 ? 10.535  13.021  -1.360  1.00 19.03  ? 145 ASN A OD1 1 
ATOM   1169 N ND2 . ASN A 1 145 ? 11.410  14.924  -2.146  1.00 20.30  ? 145 ASN A ND2 1 
ATOM   1170 N N   . THR A 1 146 ? 14.571  13.355  2.208   1.00 20.17  ? 146 THR A N   1 
ATOM   1171 C CA  . THR A 1 146 ? 15.866  13.309  2.891   1.00 18.98  ? 146 THR A CA  1 
ATOM   1172 C C   . THR A 1 146 ? 16.270  11.902  3.350   1.00 17.68  ? 146 THR A C   1 
ATOM   1173 O O   . THR A 1 146 ? 17.316  11.714  3.984   1.00 17.37  ? 146 THR A O   1 
ATOM   1174 C CB  . THR A 1 146 ? 15.896  14.331  4.076   1.00 19.25  ? 146 THR A CB  1 
ATOM   1175 O OG1 . THR A 1 146 ? 14.814  14.063  4.963   1.00 20.05  ? 146 THR A OG1 1 
ATOM   1176 C CG2 . THR A 1 146 ? 15.741  15.762  3.578   1.00 20.30  ? 146 THR A CG2 1 
ATOM   1177 N N   . ILE A 1 147 ? 15.448  10.912  2.993   1.00 15.85  ? 147 ILE A N   1 
ATOM   1178 C CA  . ILE A 1 147 ? 15.683  9.516   3.347   1.00 14.23  ? 147 ILE A CA  1 
ATOM   1179 C C   . ILE A 1 147 ? 15.939  8.721   2.059   1.00 11.77  ? 147 ILE A C   1 
ATOM   1180 O O   . ILE A 1 147 ? 15.162  8.841   1.121   1.00 11.17  ? 147 ILE A O   1 
ATOM   1181 C CB  . ILE A 1 147 ? 14.427  8.907   4.025   1.00 14.77  ? 147 ILE A CB  1 
ATOM   1182 C CG1 . ILE A 1 147 ? 13.715  9.952   4.899   1.00 16.81  ? 147 ILE A CG1 1 
ATOM   1183 C CG2 . ILE A 1 147 ? 14.810  7.661   4.811   1.00 15.27  ? 147 ILE A CG2 1 
ATOM   1184 C CD1 . ILE A 1 147 ? 12.196  9.855   4.879   1.00 18.79  ? 147 ILE A CD1 1 
ATOM   1185 N N   . PRO A 1 148 ? 17.016  7.907   2.010   1.00 10.34  ? 148 PRO A N   1 
ATOM   1186 C CA  . PRO A 1 148 ? 17.210  7.127   0.788   1.00 9.04   ? 148 PRO A CA  1 
ATOM   1187 C C   . PRO A 1 148 ? 16.075  6.124   0.627   1.00 8.21   ? 148 PRO A C   1 
ATOM   1188 O O   . PRO A 1 148 ? 15.591  5.575   1.619   1.00 7.31   ? 148 PRO A O   1 
ATOM   1189 C CB  . PRO A 1 148 ? 18.533  6.398   1.029   1.00 9.34   ? 148 PRO A CB  1 
ATOM   1190 C CG  . PRO A 1 148 ? 19.167  7.110   2.184   1.00 10.29  ? 148 PRO A CG  1 
ATOM   1191 C CD  . PRO A 1 148 ? 18.059  7.618   3.009   1.00 10.26  ? 148 PRO A CD  1 
ATOM   1192 N N   . HIS A 1 149 ? 15.646  5.917   -0.615  1.00 7.26   ? 149 HIS A N   1 
ATOM   1193 C CA  . HIS A 1 149 ? 14.489  5.076   -0.897  1.00 6.93   ? 149 HIS A CA  1 
ATOM   1194 C C   . HIS A 1 149 ? 14.590  4.520   -2.304  1.00 7.22   ? 149 HIS A C   1 
ATOM   1195 O O   . HIS A 1 149 ? 15.177  5.155   -3.175  1.00 6.58   ? 149 HIS A O   1 
ATOM   1196 C CB  . HIS A 1 149 ? 13.184  5.863   -0.714  1.00 7.06   ? 149 HIS A CB  1 
ATOM   1197 C CG  . HIS A 1 149 ? 13.107  7.131   -1.513  1.00 7.88   ? 149 HIS A CG  1 
ATOM   1198 N ND1 . HIS A 1 149 ? 13.800  8.274   -1.173  1.00 8.88   ? 149 HIS A ND1 1 
ATOM   1199 C CD2 . HIS A 1 149 ? 12.388  7.442   -2.618  1.00 8.95   ? 149 HIS A CD2 1 
ATOM   1200 C CE1 . HIS A 1 149 ? 13.528  9.227   -2.046  1.00 9.54   ? 149 HIS A CE1 1 
ATOM   1201 N NE2 . HIS A 1 149 ? 12.667  8.752   -2.928  1.00 9.70   ? 149 HIS A NE2 1 
ATOM   1202 N N   . THR A 1 150 ? 14.014  3.337   -2.507  1.00 6.97   ? 150 THR A N   1 
ATOM   1203 C CA  . THR A 1 150 ? 14.100  2.626   -3.778  1.00 7.39   ? 150 THR A CA  1 
ATOM   1204 C C   . THR A 1 150 ? 12.713  2.124   -4.150  1.00 7.08   ? 150 THR A C   1 
ATOM   1205 O O   . THR A 1 150 ? 12.020  1.533   -3.319  1.00 7.34   ? 150 THR A O   1 
ATOM   1206 C CB  . THR A 1 150 ? 15.073  1.431   -3.675  1.00 7.79   ? 150 THR A CB  1 
ATOM   1207 O OG1 . THR A 1 150 ? 16.333  1.879   -3.160  1.00 9.92   ? 150 THR A OG1 1 
ATOM   1208 C CG2 . THR A 1 150 ? 15.290  0.764   -5.035  1.00 7.34   ? 150 THR A CG2 1 
ATOM   1209 N N   . PHE A 1 151 ? 12.313  2.370   -5.395  1.00 6.52   ? 151 PHE A N   1 
ATOM   1210 C CA  . PHE A 1 151 ? 11.051  1.852   -5.921  1.00 6.65   ? 151 PHE A CA  1 
ATOM   1211 C C   . PHE A 1 151 ? 11.283  0.506   -6.595  1.00 7.03   ? 151 PHE A C   1 
ATOM   1212 O O   . PHE A 1 151 ? 11.994  0.420   -7.600  1.00 7.02   ? 151 PHE A O   1 
ATOM   1213 C CB  . PHE A 1 151 ? 10.429  2.860   -6.904  1.00 6.95   ? 151 PHE A CB  1 
ATOM   1214 C CG  . PHE A 1 151 ? 10.221  4.222   -6.316  1.00 6.83   ? 151 PHE A CG  1 
ATOM   1215 C CD1 . PHE A 1 151 ? 9.203   4.449   -5.390  1.00 6.12   ? 151 PHE A CD1 1 
ATOM   1216 C CD2 . PHE A 1 151 ? 11.037  5.285   -6.685  1.00 6.72   ? 151 PHE A CD2 1 
ATOM   1217 C CE1 . PHE A 1 151 ? 8.998   5.705   -4.843  1.00 7.45   ? 151 PHE A CE1 1 
ATOM   1218 C CE2 . PHE A 1 151 ? 10.846  6.554   -6.133  1.00 7.35   ? 151 PHE A CE2 1 
ATOM   1219 C CZ  . PHE A 1 151 ? 9.821   6.766   -5.220  1.00 8.08   ? 151 PHE A CZ  1 
ATOM   1220 N N   . LEU A 1 152 ? 10.698  -0.544  -6.020  1.00 6.72   ? 152 LEU A N   1 
ATOM   1221 C CA  . LEU A 1 152 ? 10.782  -1.895  -6.580  1.00 7.70   ? 152 LEU A CA  1 
ATOM   1222 C C   . LEU A 1 152 ? 9.447   -2.291  -7.181  1.00 7.92   ? 152 LEU A C   1 
ATOM   1223 O O   . LEU A 1 152 ? 8.400   -2.020  -6.607  1.00 7.95   ? 152 LEU A O   1 
ATOM   1224 C CB  . LEU A 1 152 ? 11.131  -2.926  -5.502  1.00 8.05   ? 152 LEU A CB  1 
ATOM   1225 C CG  . LEU A 1 152 ? 12.398  -2.783  -4.660  1.00 9.36   ? 152 LEU A CG  1 
ATOM   1226 C CD1 . LEU A 1 152 ? 12.467  -3.915  -3.641  1.00 9.45   ? 152 LEU A CD1 1 
ATOM   1227 C CD2 . LEU A 1 152 ? 13.643  -2.773  -5.531  1.00 10.92  ? 152 LEU A CD2 1 
ATOM   1228 N N   . HIS A 1 153 ? 9.498   -2.936  -8.340  1.00 7.93   ? 153 HIS A N   1 
ATOM   1229 C CA  . HIS A 1 153 ? 8.345   -3.637  -8.877  1.00 8.36   ? 153 HIS A CA  1 
ATOM   1230 C C   . HIS A 1 153 ? 8.734   -5.106  -8.928  1.00 8.48   ? 153 HIS A C   1 
ATOM   1231 O O   . HIS A 1 153 ? 9.644   -5.493  -9.664  1.00 8.23   ? 153 HIS A O   1 
ATOM   1232 C CB  . HIS A 1 153 ? 7.956   -3.090  -10.254 1.00 8.33   ? 153 HIS A CB  1 
ATOM   1233 C CG  . HIS A 1 153 ? 6.770   -3.770  -10.867 1.00 10.02  ? 153 HIS A CG  1 
ATOM   1234 N ND1 . HIS A 1 153 ? 6.607   -3.891  -12.230 1.00 10.41  ? 153 HIS A ND1 1 
ATOM   1235 C CD2 . HIS A 1 153 ? 5.694   -4.370  -10.303 1.00 9.28   ? 153 HIS A CD2 1 
ATOM   1236 C CE1 . HIS A 1 153 ? 5.482   -4.538  -12.481 1.00 11.11  ? 153 HIS A CE1 1 
ATOM   1237 N NE2 . HIS A 1 153 ? 4.907   -4.838  -11.329 1.00 10.73  ? 153 HIS A NE2 1 
ATOM   1238 N N   . LEU A 1 154 ? 8.060   -5.900  -8.098  1.00 8.49   ? 154 LEU A N   1 
ATOM   1239 C CA  . LEU A 1 154 ? 8.312   -7.328  -7.943  1.00 9.18   ? 154 LEU A CA  1 
ATOM   1240 C C   . LEU A 1 154 ? 7.174   -8.120  -8.568  1.00 9.73   ? 154 LEU A C   1 
ATOM   1241 O O   . LEU A 1 154 ? 6.008   -7.795  -8.351  1.00 8.52   ? 154 LEU A O   1 
ATOM   1242 C CB  . LEU A 1 154 ? 8.391   -7.671  -6.450  1.00 9.13   ? 154 LEU A CB  1 
ATOM   1243 C CG  . LEU A 1 154 ? 9.749   -7.676  -5.729  1.00 11.09  ? 154 LEU A CG  1 
ATOM   1244 C CD1 . LEU A 1 154 ? 10.818  -6.768  -6.334  1.00 10.70  ? 154 LEU A CD1 1 
ATOM   1245 C CD2 . LEU A 1 154 ? 9.584   -7.395  -4.246  1.00 10.01  ? 154 LEU A CD2 1 
ATOM   1246 N N   . ILE A 1 155 ? 7.510   -9.146  -9.350  1.00 10.43  ? 155 ILE A N   1 
ATOM   1247 C CA  . ILE A 1 155 ? 6.494   -10.006 -9.966  1.00 11.52  ? 155 ILE A CA  1 
ATOM   1248 C C   . ILE A 1 155 ? 6.654   -11.433 -9.447  1.00 12.70  ? 155 ILE A C   1 
ATOM   1249 O O   . ILE A 1 155 ? 7.771   -11.950 -9.346  1.00 12.50  ? 155 ILE A O   1 
ATOM   1250 C CB  . ILE A 1 155 ? 6.518   -9.965  -11.532 1.00 11.34  ? 155 ILE A CB  1 
ATOM   1251 C CG1 . ILE A 1 155 ? 6.354   -8.527  -12.045 1.00 11.00  ? 155 ILE A CG1 1 
ATOM   1252 C CG2 . ILE A 1 155 ? 5.395   -10.838 -12.105 1.00 12.01  ? 155 ILE A CG2 1 
ATOM   1253 C CD1 . ILE A 1 155 ? 6.435   -8.377  -13.576 1.00 11.81  ? 155 ILE A CD1 1 
ATOM   1254 N N   . ARG A 1 156 ? 5.530   -12.054 -9.094  1.00 14.20  ? 156 ARG A N   1 
ATOM   1255 C CA  . ARG A 1 156 ? 5.534   -13.417 -8.585  1.00 16.09  ? 156 ARG A CA  1 
ATOM   1256 C C   . ARG A 1 156 ? 6.144   -14.367 -9.621  1.00 17.06  ? 156 ARG A C   1 
ATOM   1257 O O   . ARG A 1 156 ? 5.692   -14.407 -10.764 1.00 17.64  ? 156 ARG A O   1 
ATOM   1258 C CB  . ARG A 1 156 ? 4.109   -13.847 -8.224  1.00 15.76  ? 156 ARG A CB  1 
ATOM   1259 C CG  . ARG A 1 156 ? 4.043   -15.158 -7.470  1.00 16.94  ? 156 ARG A CG  1 
ATOM   1260 C CD  . ARG A 1 156 ? 2.614   -15.570 -7.143  1.00 16.45  ? 156 ARG A CD  1 
ATOM   1261 N NE  . ARG A 1 156 ? 1.922   -14.574 -6.327  1.00 16.48  ? 156 ARG A NE  1 
ATOM   1262 C CZ  . ARG A 1 156 ? 2.103   -14.406 -5.020  1.00 16.84  ? 156 ARG A CZ  1 
ATOM   1263 N NH1 . ARG A 1 156 ? 2.965   -15.167 -4.343  1.00 17.06  ? 156 ARG A NH1 1 
ATOM   1264 N NH2 . ARG A 1 156 ? 1.417   -13.469 -4.384  1.00 16.46  ? 156 ARG A NH2 1 
ATOM   1265 N N   . LYS A 1 157 ? 7.186   -15.093 -9.220  1.00 18.24  ? 157 LYS A N   1 
ATOM   1266 C CA  . LYS A 1 157 ? 7.847   -16.067 -10.096 1.00 19.61  ? 157 LYS A CA  1 
ATOM   1267 C C   . LYS A 1 157 ? 6.922   -17.228 -10.459 1.00 20.27  ? 157 LYS A C   1 
ATOM   1268 O O   . LYS A 1 157 ? 6.896   -17.678 -11.614 1.00 20.89  ? 157 LYS A O   1 
ATOM   1269 C CB  . LYS A 1 157 ? 9.127   -16.604 -9.449  1.00 19.77  ? 157 LYS A CB  1 
ATOM   1270 C CG  . LYS A 1 157 ? 10.287  -15.628 -9.430  1.00 20.03  ? 157 LYS A CG  1 
ATOM   1271 C CD  . LYS A 1 157 ? 11.551  -16.294 -8.925  1.00 21.36  ? 157 LYS A CD  1 
ATOM   1272 C CE  . LYS A 1 157 ? 12.716  -15.321 -8.906  1.00 21.83  ? 157 LYS A CE  1 
ATOM   1273 N NZ  . LYS A 1 157 ? 13.872  -15.870 -8.135  1.00 22.76  ? 157 LYS A NZ  1 
ATOM   1274 O OXT . LYS A 1 157 ? 6.179   -17.739 -9.615  1.00 20.85  ? 157 LYS A OXT 1 
HETATM 1275 C C1P . 55V B 2 .   ? -1.323  8.394   7.948   1.00 12.68  ? 219 55V A C1P 1 
HETATM 1276 O O1O . 55V B 2 .   ? -1.222  9.268   6.804   1.00 12.88  ? 219 55V A O1O 1 
HETATM 1277 C C1N . 55V B 2 .   ? -1.287  8.667   5.559   1.00 12.22  ? 219 55V A C1N 1 
HETATM 1278 C C1M . 55V B 2 .   ? -1.438  7.284   5.402   1.00 10.76  ? 219 55V A C1M 1 
HETATM 1279 C C1Q . 55V B 2 .   ? -1.192  9.474   4.415   1.00 11.87  ? 219 55V A C1Q 1 
HETATM 1280 O O1V . 55V B 2 .   ? -1.041  10.832  4.533   1.00 13.42  ? 219 55V A O1V 1 
HETATM 1281 C C1W . 55V B 2 .   ? -2.351  11.445  4.641   1.00 14.72  ? 219 55V A C1W 1 
HETATM 1282 C C1R . 55V B 2 .   ? -1.249  8.923   3.137   1.00 11.90  ? 219 55V A C1R 1 
HETATM 1283 O O1T . 55V B 2 .   ? -1.143  9.763   2.058   1.00 11.27  ? 219 55V A O1T 1 
HETATM 1284 C C1U . 55V B 2 .   ? -1.435  9.172   0.776   1.00 10.55  ? 219 55V A C1U 1 
HETATM 1285 C C1S . 55V B 2 .   ? -1.397  7.546   2.992   1.00 10.70  ? 219 55V A C1S 1 
HETATM 1286 C C1L . 55V B 2 .   ? -1.495  6.721   4.118   1.00 10.76  ? 219 55V A C1L 1 
HETATM 1287 C C1J . 55V B 2 .   ? -1.667  5.213   3.918   1.00 9.40   ? 219 55V A C1J 1 
HETATM 1288 C C1K . 55V B 2 .   ? -1.410  4.458   5.217   1.00 9.15   ? 219 55V A C1K 1 
HETATM 1289 C C1X . 55V B 2 .   ? -3.104  4.942   3.469   1.00 8.80   ? 219 55V A C1X 1 
HETATM 1290 C C1I . 55V B 2 .   ? -0.679  4.769   2.917   1.00 8.89   ? 219 55V A C1I 1 
HETATM 1291 C C1H . 55V B 2 .   ? 0.172   4.449   2.089   1.00 9.00   ? 219 55V A C1H 1 
HETATM 1292 C C5  . 55V B 2 .   ? 1.206   4.152   1.130   1.00 7.84   ? 219 55V A C5  1 
HETATM 1293 C C4  . 55V B 2 .   ? 2.229   5.073   0.899   1.00 8.74   ? 219 55V A C4  1 
HETATM 1294 C C1Y . 55V B 2 .   ? 2.263   6.407   1.644   1.00 8.39   ? 219 55V A C1Y 1 
HETATM 1295 N N3  . 55V B 2 .   ? 3.203   4.795   0.012   1.00 8.06   ? 219 55V A N3  1 
HETATM 1296 C C2  . 55V B 2 .   ? 3.193   3.632   -0.667  1.00 8.80   ? 219 55V A C2  1 
HETATM 1297 N N1Z . 55V B 2 .   ? 4.156   3.386   -1.554  1.00 7.65   ? 219 55V A N1Z 1 
HETATM 1298 N N1  . 55V B 2 .   ? 2.210   2.730   -0.468  1.00 7.76   ? 219 55V A N1  1 
HETATM 1299 C C6  . 55V B 2 .   ? 1.217   2.957   0.415   1.00 8.56   ? 219 55V A C6  1 
HETATM 1300 N N1G . 55V B 2 .   ? 0.267   2.045   0.612   1.00 7.71   ? 219 55V A N1G 1 
HETATM 1301 P PA  . NDP C 3 .   ? -5.966  -2.450  8.553   1.00 9.17   ? 207 NDP A PA  1 
HETATM 1302 O O1A . NDP C 3 .   ? -5.519  -3.684  7.868   1.00 9.52   ? 207 NDP A O1A 1 
HETATM 1303 O O2A . NDP C 3 .   ? -5.948  -1.258  7.681   1.00 9.81   ? 207 NDP A O2A 1 
HETATM 1304 O O5B . NDP C 3 .   ? -7.450  -2.616  9.157   1.00 10.06  ? 207 NDP A O5B 1 
HETATM 1305 C C5B . NDP C 3 .   ? -7.901  -3.798  9.786   1.00 9.96   ? 207 NDP A C5B 1 
HETATM 1306 C C4B . NDP C 3 .   ? -9.409  -3.779  9.715   1.00 10.55  ? 207 NDP A C4B 1 
HETATM 1307 O O4B . NDP C 3 .   ? -9.844  -4.065  8.392   1.00 10.99  ? 207 NDP A O4B 1 
HETATM 1308 C C3B . NDP C 3 .   ? -10.082 -4.807  10.605  1.00 11.12  ? 207 NDP A C3B 1 
HETATM 1309 O O3B . NDP C 3 .   ? -10.146 -4.410  11.968  1.00 11.24  ? 207 NDP A O3B 1 
HETATM 1310 C C2B . NDP C 3 .   ? -11.404 -4.909  9.875   1.00 11.44  ? 207 NDP A C2B 1 
HETATM 1311 O O2B . NDP C 3 .   ? -12.183 -3.759  10.081  1.00 10.75  ? 207 NDP A O2B 1 
HETATM 1312 C C1B . NDP C 3 .   ? -11.002 -4.866  8.416   1.00 12.16  ? 207 NDP A C1B 1 
HETATM 1313 N N9A . NDP C 3 .   ? -10.736 -6.201  7.853   1.00 12.84  ? 207 NDP A N9A 1 
HETATM 1314 C C8A . NDP C 3 .   ? -9.520  -6.790  7.590   1.00 12.78  ? 207 NDP A C8A 1 
HETATM 1315 N N7A . NDP C 3 .   ? -9.751  -8.019  7.063   1.00 13.43  ? 207 NDP A N7A 1 
HETATM 1316 C C5A . NDP C 3 .   ? -11.091 -8.214  6.978   1.00 13.13  ? 207 NDP A C5A 1 
HETATM 1317 C C6A . NDP C 3 .   ? -11.886 -9.265  6.520   1.00 13.42  ? 207 NDP A C6A 1 
HETATM 1318 N N6A . NDP C 3 .   ? -11.345 -10.377 6.040   1.00 13.63  ? 207 NDP A N6A 1 
HETATM 1319 N N1A . NDP C 3 .   ? -13.266 -9.154  6.568   1.00 13.32  ? 207 NDP A N1A 1 
HETATM 1320 C C2A . NDP C 3 .   ? -13.856 -8.008  7.058   1.00 13.63  ? 207 NDP A C2A 1 
HETATM 1321 N N3A . NDP C 3 .   ? -13.073 -6.968  7.511   1.00 13.45  ? 207 NDP A N3A 1 
HETATM 1322 C C4A . NDP C 3 .   ? -11.714 -7.072  7.469   1.00 13.26  ? 207 NDP A C4A 1 
HETATM 1323 O O3  . NDP C 3 .   ? -5.053  -2.149  9.825   1.00 9.60   ? 207 NDP A O3  1 
HETATM 1324 P PN  . NDP C 3 .   ? -4.266  -3.144  10.787  1.00 11.65  ? 207 NDP A PN  1 
HETATM 1325 O O1N . NDP C 3 .   ? -5.237  -4.120  11.347  1.00 11.05  ? 207 NDP A O1N 1 
HETATM 1326 O O2N . NDP C 3 .   ? -3.066  -3.624  10.077  1.00 11.31  ? 207 NDP A O2N 1 
HETATM 1327 O O5D . NDP C 3 .   ? -3.904  -2.175  12.010  1.00 10.87  ? 207 NDP A O5D 1 
HETATM 1328 C C5D . NDP C 3 .   ? -2.608  -1.737  12.297  1.00 12.54  ? 207 NDP A C5D 1 
HETATM 1329 C C4D . NDP C 3 .   ? -2.457  -0.331  11.761  1.00 13.04  ? 207 NDP A C4D 1 
HETATM 1330 O O4D . NDP C 3 .   ? -2.698  -0.259  10.363  1.00 12.70  ? 207 NDP A O4D 1 
HETATM 1331 C C3D . NDP C 3 .   ? -3.428  0.662   12.420  1.00 13.98  ? 207 NDP A C3D 1 
HETATM 1332 O O3D . NDP C 3 .   ? -2.893  1.211   13.607  1.00 12.64  ? 207 NDP A O3D 1 
HETATM 1333 C C2D . NDP C 3 .   ? -3.668  1.702   11.345  1.00 15.52  ? 207 NDP A C2D 1 
HETATM 1334 O O2D . NDP C 3 .   ? -3.127  2.953   11.674  1.00 19.00  ? 207 NDP A O2D 1 
HETATM 1335 C C1D . NDP C 3 .   ? -2.838  1.107   10.269  1.00 15.32  ? 207 NDP A C1D 1 
HETATM 1336 N N1N . NDP C 3 .   ? -1.891  1.890   9.534   1.00 14.91  ? 207 NDP A N1N 1 
HETATM 1337 C C2N . NDP C 3 .   ? -1.566  1.547   8.267   1.00 13.64  ? 207 NDP A C2N 1 
HETATM 1338 C C3N . NDP C 3 .   ? -0.601  2.302   7.640   1.00 12.38  ? 207 NDP A C3N 1 
HETATM 1339 C C7N . NDP C 3 .   ? -0.020  1.755   6.388   1.00 10.54  ? 207 NDP A C7N 1 
HETATM 1340 O O7N . NDP C 3 .   ? -0.784  0.831   5.655   1.00 12.16  ? 207 NDP A O7N 1 
HETATM 1341 N N7N . NDP C 3 .   ? 1.184   2.152   6.020   1.00 10.38  ? 207 NDP A N7N 1 
HETATM 1342 C C4N . NDP C 3 .   ? 0.023   3.368   8.278   1.00 13.66  ? 207 NDP A C4N 1 
HETATM 1343 C C5N . NDP C 3 .   ? -0.320  3.676   9.575   1.00 15.11  ? 207 NDP A C5N 1 
HETATM 1344 C C6N . NDP C 3 .   ? -1.257  2.897   10.219  1.00 15.38  ? 207 NDP A C6N 1 
HETATM 1345 P P2B . NDP C 3 .   ? -13.355 -3.722  11.186  1.00 11.71  ? 207 NDP A P2B 1 
HETATM 1346 O O1X . NDP C 3 .   ? -12.697 -3.880  12.537  1.00 9.78   ? 207 NDP A O1X 1 
HETATM 1347 O O2X . NDP C 3 .   ? -14.025 -2.381  11.079  1.00 9.89   ? 207 NDP A O2X 1 
HETATM 1348 O O3X . NDP C 3 .   ? -14.303 -4.857  10.897  1.00 11.01  ? 207 NDP A O3X 1 
HETATM 1349 O O   . HOH D 4 .   ? 5.542   1.681   -3.764  1.00 7.43   ? 158 HOH A O   1 
HETATM 1350 O O   . HOH D 4 .   ? -16.781 4.924   -6.445  1.00 32.88  ? 159 HOH A O   1 
HETATM 1351 O O   . HOH D 4 .   ? 13.867  8.419   -9.040  1.00 32.10  ? 160 HOH A O   1 
HETATM 1352 O O   . HOH D 4 .   ? 2.697   1.900   2.952   1.00 8.24   ? 161 HOH A O   1 
HETATM 1353 O O   . HOH D 4 .   ? -17.488 -12.036 5.528   1.00 30.30  ? 162 HOH A O   1 
HETATM 1354 O O   . HOH D 4 .   ? 3.056   -8.622  8.824   1.00 9.35   ? 163 HOH A O   1 
HETATM 1355 O O   . HOH D 4 .   ? -2.575  17.553  -10.057 1.00 43.70  ? 164 HOH A O   1 
HETATM 1356 O O   . HOH D 4 .   ? 17.485  7.293   -2.547  1.00 9.94   ? 165 HOH A O   1 
HETATM 1357 O O   . HOH D 4 .   ? -7.073  -9.464  10.191  1.00 150.32 ? 166 HOH A O   1 
HETATM 1358 O O   . HOH D 4 .   ? -11.276 13.608  0.010   1.00 34.60  ? 167 HOH A O   1 
HETATM 1359 O O   . HOH D 4 .   ? 14.580  -12.205 -7.130  1.00 28.84  ? 168 HOH A O   1 
HETATM 1360 O O   . HOH D 4 .   ? -11.892 9.588   -5.191  1.00 36.95  ? 169 HOH A O   1 
HETATM 1361 O O   . HOH D 4 .   ? -3.992  11.767  8.063   1.00 32.01  ? 170 HOH A O   1 
HETATM 1362 O O   . HOH D 4 .   ? 11.267  -2.253  13.844  1.00 10.51  ? 171 HOH A O   1 
HETATM 1363 O O   . HOH D 4 .   ? -2.248  10.151  -4.311  1.00 17.35  ? 172 HOH A O   1 
HETATM 1364 O O   . HOH D 4 .   ? 15.943  -6.198  -12.397 1.00 9.52   ? 173 HOH A O   1 
HETATM 1365 O O   . HOH D 4 .   ? -6.615  7.177   13.063  1.00 33.94  ? 174 HOH A O   1 
HETATM 1366 O O   . HOH D 4 .   ? 4.398   6.008   22.013  1.00 36.88  ? 175 HOH A O   1 
HETATM 1367 O O   . HOH D 4 .   ? 7.316   0.690   -6.559  1.00 11.51  ? 176 HOH A O   1 
HETATM 1368 O O   . HOH D 4 .   ? -14.217 13.782  0.250   1.00 40.07  ? 177 HOH A O   1 
HETATM 1369 O O   . HOH D 4 .   ? 0.489   0.584   3.519   1.00 18.76  ? 178 HOH A O   1 
HETATM 1370 O O   . HOH D 4 .   ? 5.651   10.069  3.718   1.00 15.28  ? 179 HOH A O   1 
HETATM 1371 O O   . HOH D 4 .   ? 7.886   0.649   -9.296  1.00 15.11  ? 180 HOH A O   1 
HETATM 1372 O O   . HOH D 4 .   ? -8.185  13.244  -0.118  1.00 35.10  ? 181 HOH A O   1 
HETATM 1373 O O   . HOH D 4 .   ? 12.662  -9.061  2.165   1.00 41.24  ? 182 HOH A O   1 
HETATM 1374 O O   . HOH D 4 .   ? -3.469  9.566   10.983  1.00 17.10  ? 183 HOH A O   1 
HETATM 1375 O O   . HOH D 4 .   ? -13.872 7.991   -6.388  1.00 36.75  ? 184 HOH A O   1 
HETATM 1376 O O   . HOH D 4 .   ? 20.618  0.384   -2.147  1.00 41.77  ? 185 HOH A O   1 
HETATM 1377 O O   . HOH D 4 .   ? -8.234  -14.133 5.083   1.00 43.72  ? 186 HOH A O   1 
HETATM 1378 O O   . HOH D 4 .   ? -12.771 9.598   -7.908  1.00 36.40  ? 187 HOH A O   1 
HETATM 1379 O O   . HOH D 4 .   ? 5.836   15.209  4.348   1.00 49.08  ? 188 HOH A O   1 
HETATM 1380 O O   . HOH D 4 .   ? 5.729   7.406   2.261   1.00 12.79  ? 189 HOH A O   1 
HETATM 1381 O O   . HOH D 4 .   ? -14.728 6.121   -8.105  1.00 33.01  ? 190 HOH A O   1 
HETATM 1382 O O   . HOH D 4 .   ? -19.508 -10.964 4.076   1.00 31.03  ? 191 HOH A O   1 
HETATM 1383 O O   . HOH D 4 .   ? 15.478  15.413  -7.480  1.00 37.02  ? 192 HOH A O   1 
HETATM 1384 O O   . HOH D 4 .   ? -2.445  -7.394  12.698  1.00 36.10  ? 193 HOH A O   1 
HETATM 1385 O O   . HOH D 4 .   ? -13.095 9.785   -10.499 0.50 22.35  ? 194 HOH A O   1 
HETATM 1386 O O   . HOH D 4 .   ? -1.705  -14.266 2.058   1.00 16.15  ? 195 HOH A O   1 
HETATM 1387 O O   . HOH D 4 .   ? -5.092  13.559  -0.564  1.00 38.31  ? 196 HOH A O   1 
HETATM 1388 O O   . HOH D 4 .   ? -13.035 -12.272 4.475   1.00 17.45  ? 197 HOH A O   1 
HETATM 1389 O O   . HOH D 4 .   ? 0.957   -3.998  -12.327 1.00 15.12  ? 198 HOH A O   1 
HETATM 1390 O O   . HOH D 4 .   ? 11.836  -5.033  13.830  1.00 9.00   ? 199 HOH A O   1 
HETATM 1391 O O   . HOH D 4 .   ? -7.311  -9.077  -12.677 1.00 43.17  ? 200 HOH A O   1 
HETATM 1392 O O   . HOH D 4 .   ? -20.923 2.996   -2.334  1.00 32.26  ? 201 HOH A O   1 
HETATM 1393 O O   . HOH D 4 .   ? 11.270  -10.253 4.550   1.00 20.46  ? 202 HOH A O   1 
HETATM 1394 O O   . HOH D 4 .   ? -5.221  12.886  5.569   1.00 43.84  ? 203 HOH A O   1 
HETATM 1395 O O   . HOH D 4 .   ? 4.857   -9.535  10.428  1.00 14.33  ? 204 HOH A O   1 
HETATM 1396 O O   . HOH D 4 .   ? -10.390 -0.150  16.489  1.00 19.46  ? 205 HOH A O   1 
HETATM 1397 O O   . HOH D 4 .   ? -9.729  -0.297  -10.996 1.00 18.34  ? 206 HOH A O   1 
HETATM 1398 O O   . HOH D 4 .   ? 9.668   -1.190  15.797  1.00 13.00  ? 208 HOH A O   1 
HETATM 1399 O O   . HOH D 4 .   ? 17.774  -2.388  1.106   1.00 34.99  ? 209 HOH A O   1 
HETATM 1400 O O   . HOH D 4 .   ? -5.002  12.137  2.955   1.00 40.42  ? 210 HOH A O   1 
HETATM 1401 O O   . HOH D 4 .   ? 8.353   -2.380  -13.885 1.00 15.40  ? 211 HOH A O   1 
HETATM 1402 O O   . HOH D 4 .   ? -15.580 11.644  2.466   1.00 26.29  ? 212 HOH A O   1 
HETATM 1403 O O   . HOH D 4 .   ? 2.952   -17.770 -10.766 1.00 51.05  ? 213 HOH A O   1 
HETATM 1404 O O   . HOH D 4 .   ? 7.048   -20.294 -11.492 1.00 46.51  ? 214 HOH A O   1 
HETATM 1405 O O   . HOH D 4 .   ? -11.860 11.831  -11.316 1.00 46.89  ? 215 HOH A O   1 
HETATM 1406 O O   . HOH D 4 .   ? -9.089  3.759   13.780  1.00 39.51  ? 216 HOH A O   1 
HETATM 1407 O O   . HOH D 4 .   ? -1.859  11.097  -11.542 1.00 35.27  ? 217 HOH A O   1 
HETATM 1408 O O   . HOH D 4 .   ? 2.518   -4.956  14.467  1.00 16.40  ? 218 HOH A O   1 
HETATM 1409 O O   . HOH D 4 .   ? 0.461   12.222  -11.216 1.00 39.00  ? 220 HOH A O   1 
HETATM 1410 O O   . HOH D 4 .   ? 18.319  3.923   -9.912  1.00 17.45  ? 221 HOH A O   1 
HETATM 1411 O O   . HOH D 4 .   ? 5.521   -17.595 -1.138  1.00 39.44  ? 222 HOH A O   1 
HETATM 1412 O O   . HOH D 4 .   ? -22.685 -2.134  3.738   1.00 37.71  ? 223 HOH A O   1 
HETATM 1413 O O   . HOH D 4 .   ? -0.250  2.506   13.661  1.00 15.82  ? 224 HOH A O   1 
HETATM 1414 O O   . HOH D 4 .   ? 17.388  6.825   -9.982  1.00 12.26  ? 225 HOH A O   1 
HETATM 1415 O O   . HOH D 4 .   ? -8.249  0.188   -13.713 1.00 19.92  ? 226 HOH A O   1 
HETATM 1416 O O   . HOH D 4 .   ? 3.990   2.824   4.995   1.00 11.64  ? 227 HOH A O   1 
HETATM 1417 O O   . HOH D 4 .   ? 15.760  -3.987  12.504  1.00 24.46  ? 228 HOH A O   1 
HETATM 1418 O O   . HOH D 4 .   ? 19.746  7.924   -8.625  1.00 22.20  ? 229 HOH A O   1 
HETATM 1419 O O   . HOH D 4 .   ? 18.310  4.327   -2.809  1.00 16.28  ? 230 HOH A O   1 
HETATM 1420 O O   . HOH D 4 .   ? 10.560  0.342   -10.061 1.00 9.27   ? 231 HOH A O   1 
HETATM 1421 O O   . HOH D 4 .   ? 10.675  11.226  8.043   1.00 22.81  ? 232 HOH A O   1 
HETATM 1422 O O   . HOH D 4 .   ? 7.910   -14.720 -0.231  1.00 19.69  ? 233 HOH A O   1 
HETATM 1423 O O   . HOH D 4 .   ? 9.608   16.790  -2.977  1.00 23.09  ? 234 HOH A O   1 
HETATM 1424 O O   . HOH D 4 .   ? -4.910  12.290  -8.808  1.00 15.83  ? 235 HOH A O   1 
HETATM 1425 O O   . HOH D 4 .   ? 11.517  6.271   14.377  1.00 15.50  ? 236 HOH A O   1 
HETATM 1426 O O   . HOH D 4 .   ? -11.226 3.362   12.711  1.00 42.42  ? 237 HOH A O   1 
HETATM 1427 O O   . HOH D 4 .   ? -6.050  -4.655  13.730  1.00 19.70  ? 238 HOH A O   1 
HETATM 1428 O O   . HOH D 4 .   ? -5.606  2.305   14.114  1.00 22.30  ? 239 HOH A O   1 
HETATM 1429 O O   . HOH D 4 .   ? -4.389  -10.868 8.702   1.00 26.04  ? 240 HOH A O   1 
HETATM 1430 O O   . HOH D 4 .   ? 18.306  -0.199  -7.196  1.00 19.71  ? 241 HOH A O   1 
HETATM 1431 O O   . HOH D 4 .   ? -11.254 4.031   -10.932 1.00 22.36  ? 242 HOH A O   1 
HETATM 1432 O O   . HOH D 4 .   ? -0.792  2.364   -12.878 1.00 17.83  ? 243 HOH A O   1 
HETATM 1433 O O   . HOH D 4 .   ? -0.204  10.068  -2.584  1.00 19.07  ? 244 HOH A O   1 
HETATM 1434 O O   . HOH D 4 .   ? -20.634 0.757   -0.756  1.00 21.79  ? 245 HOH A O   1 
HETATM 1435 O O   . HOH D 4 .   ? -17.323 -3.751  -8.289  1.00 27.03  ? 246 HOH A O   1 
HETATM 1436 O O   . HOH D 4 .   ? 11.965  13.925  3.642   1.00 21.78  ? 247 HOH A O   1 
HETATM 1437 O O   . HOH D 4 .   ? 20.182  7.725   -2.108  1.00 19.12  ? 248 HOH A O   1 
HETATM 1438 O O   . HOH D 4 .   ? 8.163   9.958   -7.474  1.00 21.07  ? 249 HOH A O   1 
HETATM 1439 O O   . HOH D 4 .   ? -20.110 -7.792  7.644   1.00 27.32  ? 250 HOH A O   1 
HETATM 1440 O O   . HOH D 4 .   ? -9.144  2.098   15.863  1.00 22.65  ? 251 HOH A O   1 
HETATM 1441 O O   . HOH D 4 .   ? 1.530   10.390  8.442   1.00 22.61  ? 252 HOH A O   1 
HETATM 1442 O O   . HOH D 4 .   ? -2.503  0.341   -14.316 1.00 20.79  ? 253 HOH A O   1 
HETATM 1443 O O   . HOH D 4 .   ? 17.124  -3.406  -5.826  1.00 25.49  ? 254 HOH A O   1 
HETATM 1444 O O   . HOH D 4 .   ? -9.163  -2.526  17.021  1.00 24.04  ? 255 HOH A O   1 
HETATM 1445 O O   . HOH D 4 .   ? -21.647 -3.870  12.436  1.00 29.48  ? 256 HOH A O   1 
HETATM 1446 O O   . HOH D 4 .   ? -12.442 12.132  -6.989  1.00 22.01  ? 257 HOH A O   1 
HETATM 1447 O O   . HOH D 4 .   ? 13.172  -5.764  0.448   1.00 22.68  ? 258 HOH A O   1 
HETATM 1448 O O   . HOH D 4 .   ? 15.182  -10.833 -9.737  1.00 23.62  ? 259 HOH A O   1 
HETATM 1449 O O   . HOH D 4 .   ? 5.304   -13.999 5.803   1.00 28.97  ? 260 HOH A O   1 
HETATM 1450 O O   . HOH D 4 .   ? -4.184  -13.844 7.666   1.00 40.04  ? 261 HOH A O   1 
HETATM 1451 O O   . HOH D 4 .   ? 8.352   6.234   14.659  1.00 17.92  ? 262 HOH A O   1 
HETATM 1452 O O   . HOH D 4 .   ? -6.942  4.018   12.352  1.00 14.69  ? 263 HOH A O   1 
HETATM 1453 O O   . HOH D 4 .   ? 8.670   7.254   17.140  1.00 24.90  ? 264 HOH A O   1 
HETATM 1454 O O   . HOH D 4 .   ? -21.099 -0.802  5.769   1.00 24.00  ? 265 HOH A O   1 
HETATM 1455 O O   . HOH D 4 .   ? -4.139  -0.880  15.700  1.00 18.83  ? 266 HOH A O   1 
HETATM 1456 O O   . HOH D 4 .   ? -9.183  -7.794  -8.540  1.00 36.16  ? 267 HOH A O   1 
HETATM 1457 O O   . HOH D 4 .   ? -26.509 -1.806  9.856   1.00 24.73  ? 268 HOH A O   1 
HETATM 1458 O O   . HOH D 4 .   ? -0.069  -4.419  -14.787 1.00 26.65  ? 269 HOH A O   1 
HETATM 1459 O O   . HOH D 4 .   ? 5.158   -13.594 2.097   1.00 26.71  ? 270 HOH A O   1 
HETATM 1460 O O   . HOH D 4 .   ? 3.940   14.765  -2.768  1.00 34.16  ? 271 HOH A O   1 
HETATM 1461 O O   . HOH D 4 .   ? 12.578  -8.013  4.642   1.00 35.29  ? 272 HOH A O   1 
HETATM 1462 O O   . HOH D 4 .   ? -12.718 -1.377  -9.307  1.00 20.20  ? 273 HOH A O   1 
HETATM 1463 O O   . HOH D 4 .   ? 0.345   -14.119 5.246   1.00 26.58  ? 274 HOH A O   1 
HETATM 1464 O O   . HOH D 4 .   ? 3.800   -15.358 -1.390  1.00 18.67  ? 275 HOH A O   1 
HETATM 1465 O O   . HOH D 4 .   ? -14.279 6.016   -4.525  1.00 21.78  ? 276 HOH A O   1 
HETATM 1466 O O   . HOH D 4 .   ? 4.421   -1.142  -13.988 1.00 24.02  ? 277 HOH A O   1 
HETATM 1467 O O   . HOH D 4 .   ? 19.625  0.007   2.298   1.00 34.54  ? 278 HOH A O   1 
HETATM 1468 O O   . HOH D 4 .   ? 19.970  1.094   -8.892  1.00 26.68  ? 279 HOH A O   1 
HETATM 1469 O O   . HOH D 4 .   ? 5.690   -13.645 -0.424  1.00 25.51  ? 280 HOH A O   1 
HETATM 1470 O O   . HOH D 4 .   ? 4.401   11.585  7.698   1.00 33.02  ? 281 HOH A O   1 
HETATM 1471 O O   . HOH D 4 .   ? -8.222  4.570   -15.827 1.00 20.49  ? 282 HOH A O   1 
HETATM 1472 O O   . HOH D 4 .   ? -19.336 10.754  4.576   1.00 31.52  ? 283 HOH A O   1 
HETATM 1473 O O   . HOH D 4 .   ? -2.563  6.323   -13.122 1.00 28.19  ? 284 HOH A O   1 
HETATM 1474 O O   . HOH D 4 .   ? 15.053  -12.420 0.434   1.00 33.66  ? 285 HOH A O   1 
HETATM 1475 O O   . HOH D 4 .   ? 19.859  11.324  -4.855  1.00 27.41  ? 286 HOH A O   1 
HETATM 1476 O O   . HOH D 4 .   ? 0.405   -2.918  17.119  1.00 25.01  ? 287 HOH A O   1 
HETATM 1477 O O   . HOH D 4 .   ? 0.750   -0.301  -13.175 1.00 26.24  ? 288 HOH A O   1 
HETATM 1478 O O   . HOH D 4 .   ? -7.335  -1.477  -15.985 1.00 36.75  ? 289 HOH A O   1 
HETATM 1479 O O   . HOH D 4 .   ? -7.453  11.779  2.058   1.00 32.64  ? 290 HOH A O   1 
HETATM 1480 O O   . HOH D 4 .   ? -19.551 4.261   2.026   1.00 23.66  ? 291 HOH A O   1 
HETATM 1481 O O   . HOH D 4 .   ? -3.664  12.647  -4.798  1.00 30.29  ? 292 HOH A O   1 
HETATM 1482 O O   . HOH D 4 .   ? 19.450  8.611   -5.874  1.00 20.78  ? 293 HOH A O   1 
HETATM 1483 O O   . HOH D 4 .   ? 5.281   14.012  2.245   1.00 25.69  ? 294 HOH A O   1 
HETATM 1484 O O   . HOH D 4 .   ? 15.971  -4.068  2.212   1.00 28.73  ? 295 HOH A O   1 
HETATM 1485 O O   . HOH D 4 .   ? -1.919  -9.673  12.282  1.00 27.15  ? 296 HOH A O   1 
HETATM 1486 O O   . HOH D 4 .   ? -25.119 0.919   13.923  1.00 32.99  ? 297 HOH A O   1 
HETATM 1487 O O   . HOH D 4 .   ? 7.234   6.655   -9.320  1.00 33.18  ? 298 HOH A O   1 
HETATM 1488 O O   . HOH D 4 .   ? 2.407   12.153  -9.581  1.00 28.57  ? 299 HOH A O   1 
HETATM 1489 O O   . HOH D 4 .   ? 6.999   8.162   13.481  1.00 24.21  ? 300 HOH A O   1 
HETATM 1490 O O   . HOH D 4 .   ? 14.292  -5.930  14.979  1.00 30.80  ? 301 HOH A O   1 
HETATM 1491 O O   . HOH D 4 .   ? -16.839 -6.656  -5.232  1.00 24.24  ? 302 HOH A O   1 
HETATM 1492 O O   . HOH D 4 .   ? 8.686   15.164  -4.556  1.00 29.11  ? 303 HOH A O   1 
HETATM 1493 O O   . HOH D 4 .   ? 6.859   -17.707 -6.558  1.00 28.62  ? 304 HOH A O   1 
HETATM 1494 O O   . HOH D 4 .   ? -11.342 -6.408  -14.820 1.00 32.79  ? 305 HOH A O   1 
HETATM 1495 O O   . HOH D 4 .   ? 3.536   8.596   14.718  1.00 23.81  ? 306 HOH A O   1 
HETATM 1496 O O   . HOH D 4 .   ? 7.553   18.570  -1.553  1.00 42.72  ? 307 HOH A O   1 
HETATM 1497 O O   . HOH D 4 .   ? -10.963 15.543  -8.382  1.00 31.97  ? 308 HOH A O   1 
HETATM 1498 O O   . HOH D 4 .   ? 12.878  10.747  -7.548  1.00 28.72  ? 309 HOH A O   1 
HETATM 1499 O O   . HOH D 4 .   ? 7.735   -16.083 2.636   1.00 27.77  ? 310 HOH A O   1 
HETATM 1500 O O   . HOH D 4 .   ? -6.346  -14.703 3.203   1.00 35.63  ? 311 HOH A O   1 
HETATM 1501 O O   . HOH D 4 .   ? -19.793 7.384   -2.031  1.00 49.09  ? 312 HOH A O   1 
HETATM 1502 O O   . HOH D 4 .   ? 10.191  1.935   -12.166 1.00 28.45  ? 313 HOH A O   1 
HETATM 1503 O O   . HOH D 4 .   ? -18.531 -8.653  -4.621  1.00 31.03  ? 314 HOH A O   1 
HETATM 1504 O O   . HOH D 4 .   ? -13.513 -7.840  11.473  1.00 30.06  ? 315 HOH A O   1 
HETATM 1505 O O   . HOH D 4 .   ? 1.995   -13.284 7.258   1.00 34.61  ? 316 HOH A O   1 
HETATM 1506 O O   . HOH D 4 .   ? -10.312 1.713   -13.328 1.00 31.05  ? 317 HOH A O   1 
HETATM 1507 O O   . HOH D 4 .   ? 1.760   13.911  -4.907  1.00 26.19  ? 318 HOH A O   1 
HETATM 1508 O O   . HOH D 4 .   ? 3.671   11.887  3.924   1.00 28.93  ? 319 HOH A O   1 
HETATM 1509 O O   . HOH D 4 .   ? -0.228  -14.740 -8.571  1.00 30.92  ? 320 HOH A O   1 
HETATM 1510 O O   . HOH D 4 .   ? -8.375  -5.953  13.694  1.00 23.40  ? 321 HOH A O   1 
HETATM 1511 O O   . HOH D 4 .   ? -23.735 7.890   5.542   1.00 42.18  ? 322 HOH A O   1 
HETATM 1512 O O   . HOH D 4 .   ? 4.067   15.800  0.086   1.00 36.28  ? 323 HOH A O   1 
HETATM 1513 O O   . HOH D 4 .   ? -27.476 0.529   8.540   1.00 15.10  ? 324 HOH A O   1 
HETATM 1514 O O   . HOH D 4 .   ? -10.576 -8.457  10.863  1.00 25.88  ? 325 HOH A O   1 
HETATM 1515 O O   . HOH D 4 .   ? 6.023   16.397  -4.478  1.00 50.54  ? 326 HOH A O   1 
HETATM 1516 O O   . HOH D 4 .   ? 8.025   16.559  3.782   1.00 37.28  ? 327 HOH A O   1 
HETATM 1517 O O   . HOH D 4 .   ? -2.539  4.775   -15.347 1.00 29.83  ? 328 HOH A O   1 
HETATM 1518 O O   . HOH D 4 .   ? 9.626   -15.036 4.152   1.00 33.30  ? 329 HOH A O   1 
HETATM 1519 O O   . HOH D 4 .   ? 15.234  3.424   15.116  1.00 24.12  ? 330 HOH A O   1 
HETATM 1520 O O   . HOH D 4 .   ? -15.021 -11.228 6.406   1.00 21.41  ? 331 HOH A O   1 
HETATM 1521 O O   . HOH D 4 .   ? -17.739 -8.831  7.167   1.00 28.09  ? 332 HOH A O   1 
HETATM 1522 O O   . HOH D 4 .   ? -20.458 5.948   0.152   1.00 40.01  ? 333 HOH A O   1 
HETATM 1523 O O   . HOH D 4 .   ? 13.127  1.160   16.081  1.00 27.79  ? 334 HOH A O   1 
HETATM 1524 O O   . HOH D 4 .   ? 13.411  -8.954  7.944   1.00 31.22  ? 335 HOH A O   1 
HETATM 1525 O O   . HOH D 4 .   ? 1.780   3.836   20.988  1.00 30.95  ? 336 HOH A O   1 
HETATM 1526 O O   . HOH D 4 .   ? -19.627 -6.904  0.679   1.00 33.33  ? 337 HOH A O   1 
HETATM 1527 O O   . HOH D 4 .   ? -1.570  -5.055  12.670  1.00 31.98  ? 338 HOH A O   1 
HETATM 1528 O O   . HOH D 4 .   ? 3.059   -7.694  -13.305 1.00 40.49  ? 339 HOH A O   1 
HETATM 1529 O O   . HOH D 4 .   ? 4.503   -17.653 -5.200  1.00 26.25  ? 340 HOH A O   1 
HETATM 1530 O O   . HOH D 4 .   ? -21.496 2.440   1.812   1.00 35.26  ? 341 HOH A O   1 
HETATM 1531 O O   . HOH D 4 .   ? 18.629  0.690   -4.240  1.00 27.79  ? 342 HOH A O   1 
HETATM 1532 O O   . HOH D 4 .   ? -13.974 9.156   -3.876  1.00 33.67  ? 343 HOH A O   1 
# 
